data_1M1O
#
_entry.id   1M1O
#
_cell.length_a   84.219
_cell.length_b   79.219
_cell.length_c   148.288
_cell.angle_alpha   90.00
_cell.angle_beta   92.48
_cell.angle_gamma   90.00
#
_symmetry.space_group_name_H-M   'P 1 21 1'
#
loop_
_entity.id
_entity.type
_entity.pdbx_description
1 polymer 'Acetyl-CoA acetyltransferase'
2 non-polymer 'SULFATE ION'
3 non-polymer 'ACETOACETYL-COENZYME A'
4 water water
#
_entity_poly.entity_id   1
_entity_poly.type   'polypeptide(L)'
_entity_poly.pdbx_seq_one_letter_code
;STPSIVIASAARTAVGSFNGAFANTPAHELGATVISAVLERAGVAAGEVNEVILGQVLPAGEGQNPARQAAMKAGVPQEA
TAWGMNQLAGSGLRAVALGMQQIATGDASIIVAGGMESMSMAPHCAHLRGGVKMGDFKMIDTMIKDGLTDAFYGYHMGTT
AENVAKQWQLSRDEQDAFAVASQNKAEAAQKDGRFKDEIVPFIVKGRKGDITVDADEYIRHGATLDSMAKLRPAFDKEGT
VTAGNASGLNDGAAAALLMSEAEASRRGIQPLGRIVSWATVGVDPKVMGTGPIPASRKALERAGWKIGDLDLVEANEAFA
AQACAVNKDLGWDPSIVNVNGGAIAIGHPIGASGARILNTLLFEMKRRGARKGLATLCIGGGMGVAMCIESL
;
_entity_poly.pdbx_strand_id   A,B,C,D
#
loop_
_chem_comp.id
_chem_comp.type
_chem_comp.name
_chem_comp.formula
CAA non-polymer 'ACETOACETYL-COENZYME A' 'C25 H40 N7 O18 P3 S'
SO4 non-polymer 'SULFATE ION' 'O4 S -2'
#
# COMPACT_ATOMS: atom_id res chain seq x y z
N PRO A 3 -45.82 23.54 8.28
CA PRO A 3 -44.54 23.69 9.05
C PRO A 3 -43.66 24.86 8.57
N SER A 4 -43.10 25.58 9.53
CA SER A 4 -42.17 26.69 9.25
C SER A 4 -40.89 26.40 10.05
N ILE A 5 -39.81 26.07 9.32
CA ILE A 5 -38.52 25.73 9.93
C ILE A 5 -37.50 26.88 9.78
N VAL A 6 -36.84 27.20 10.89
CA VAL A 6 -35.81 28.26 10.91
C VAL A 6 -34.41 27.66 11.17
N ILE A 7 -33.41 28.41 10.69
CA ILE A 7 -32.04 28.25 11.04
C ILE A 7 -31.74 29.16 12.18
N ALA A 8 -31.72 28.59 13.38
CA ALA A 8 -31.46 29.40 14.57
C ALA A 8 -30.02 29.93 14.65
N SER A 9 -29.07 29.20 14.13
CA SER A 9 -27.66 29.53 14.29
C SER A 9 -26.90 28.74 13.26
N ALA A 10 -25.70 29.22 12.96
CA ALA A 10 -24.86 28.53 11.97
C ALA A 10 -23.41 28.79 12.29
N ALA A 11 -22.54 27.96 11.73
CA ALA A 11 -21.10 28.12 11.89
C ALA A 11 -20.30 27.30 10.88
N ARG A 12 -19.10 27.78 10.61
CA ARG A 12 -18.13 27.01 9.89
C ARG A 12 -16.71 27.10 10.37
N THR A 13 -15.93 26.06 10.15
CA THR A 13 -14.49 26.25 10.24
C THR A 13 -14.06 27.13 9.05
N ALA A 14 -12.94 27.83 9.22
CA ALA A 14 -12.10 28.22 8.07
C ALA A 14 -11.90 27.04 7.12
N VAL A 15 -11.75 27.32 5.85
CA VAL A 15 -11.55 26.30 4.88
C VAL A 15 -10.04 26.18 4.73
N GLY A 16 -9.55 24.98 4.94
CA GLY A 16 -8.12 24.69 4.85
C GLY A 16 -7.68 24.37 3.44
N SER A 17 -6.44 24.73 3.13
CA SER A 17 -5.77 24.34 1.89
C SER A 17 -5.46 22.84 1.86
N PHE A 18 -5.42 22.27 0.68
CA PHE A 18 -5.06 20.85 0.49
C PHE A 18 -3.71 20.55 1.17
N ASN A 19 -3.69 19.53 2.02
CA ASN A 19 -2.58 19.23 2.87
C ASN A 19 -2.00 20.49 3.59
N GLY A 20 -2.87 21.40 4.03
CA GLY A 20 -2.46 22.62 4.72
C GLY A 20 -2.77 22.49 6.20
N ALA A 21 -3.42 23.50 6.75
CA ALA A 21 -3.70 23.63 8.18
C ALA A 21 -4.36 22.42 8.85
N PHE A 22 -5.26 21.77 8.13
CA PHE A 22 -5.93 20.56 8.56
C PHE A 22 -5.44 19.30 7.87
N ALA A 23 -4.20 19.29 7.36
CA ALA A 23 -3.72 18.12 6.58
C ALA A 23 -3.93 16.77 7.29
N ASN A 24 -3.89 16.78 8.61
CA ASN A 24 -4.01 15.53 9.37
C ASN A 24 -5.16 15.58 10.37
N THR A 25 -6.15 16.43 10.10
CA THR A 25 -7.34 16.51 10.93
C THR A 25 -8.53 15.76 10.31
N PRO A 26 -8.95 14.67 10.96
CA PRO A 26 -10.11 13.92 10.51
C PRO A 26 -11.31 14.83 10.36
N ALA A 27 -12.17 14.56 9.38
CA ALA A 27 -13.32 15.43 9.12
C ALA A 27 -14.25 15.59 10.36
N HIS A 28 -14.48 14.50 11.10
CA HIS A 28 -15.36 14.58 12.26
C HIS A 28 -14.90 15.49 13.40
N GLU A 29 -13.61 15.81 13.48
CA GLU A 29 -13.04 16.71 14.45
C GLU A 29 -13.43 18.16 14.11
N LEU A 30 -13.39 18.47 12.81
CA LEU A 30 -13.92 19.72 12.27
C LEU A 30 -15.40 19.80 12.49
N GLY A 31 -16.10 18.68 12.26
CA GLY A 31 -17.54 18.66 12.44
C GLY A 31 -17.94 18.86 13.88
N ALA A 32 -17.23 18.22 14.78
CA ALA A 32 -17.45 18.38 16.20
C ALA A 32 -17.35 19.87 16.65
N THR A 33 -16.41 20.63 16.14
CA THR A 33 -16.29 22.08 16.49
C THR A 33 -17.46 22.91 15.95
N VAL A 34 -17.96 22.63 14.73
CA VAL A 34 -19.10 23.37 14.21
C VAL A 34 -20.35 22.97 14.99
N ILE A 35 -20.52 21.68 15.32
CA ILE A 35 -21.70 21.30 16.12
C ILE A 35 -21.69 22.10 17.44
N SER A 36 -20.56 22.07 18.14
CA SER A 36 -20.47 22.84 19.39
C SER A 36 -20.75 24.32 19.21
N ALA A 37 -20.32 24.87 18.08
CA ALA A 37 -20.49 26.28 17.82
C ALA A 37 -21.94 26.65 17.56
N VAL A 38 -22.71 25.83 16.80
CA VAL A 38 -24.11 26.21 16.49
C VAL A 38 -24.93 26.11 17.77
N LEU A 39 -24.56 25.16 18.60
CA LEU A 39 -25.19 25.04 19.93
C LEU A 39 -24.94 26.33 20.79
N GLU A 40 -23.69 26.74 20.84
CA GLU A 40 -23.27 27.89 21.67
C GLU A 40 -23.96 29.15 21.10
N ARG A 41 -24.00 29.27 19.80
CA ARG A 41 -24.51 30.48 19.18
C ARG A 41 -26.02 30.63 19.40
N ALA A 42 -26.74 29.52 19.45
CA ALA A 42 -28.19 29.53 19.63
C ALA A 42 -28.60 29.61 21.10
N GLY A 43 -27.66 29.30 22.00
CA GLY A 43 -27.99 29.08 23.41
C GLY A 43 -28.72 27.74 23.59
N VAL A 44 -28.46 26.77 22.72
CA VAL A 44 -29.04 25.44 22.90
C VAL A 44 -28.00 24.46 23.47
N ALA A 45 -28.37 23.65 24.47
CA ALA A 45 -27.54 22.56 24.99
C ALA A 45 -27.46 21.34 24.08
N ALA A 46 -26.29 20.72 24.06
CA ALA A 46 -26.12 19.46 23.37
C ALA A 46 -27.15 18.43 23.77
N GLY A 47 -27.59 18.39 25.04
CA GLY A 47 -28.63 17.40 25.46
C GLY A 47 -29.95 17.44 24.67
N GLU A 48 -30.24 18.62 24.08
CA GLU A 48 -31.51 18.90 23.42
C GLU A 48 -31.50 18.50 21.96
N VAL A 49 -30.36 18.09 21.44
CA VAL A 49 -30.27 17.71 20.04
C VAL A 49 -30.87 16.30 19.79
N ASN A 50 -31.61 16.16 18.70
CA ASN A 50 -32.27 14.91 18.38
C ASN A 50 -31.45 14.11 17.40
N GLU A 51 -30.94 14.80 16.41
CA GLU A 51 -30.18 14.18 15.33
C GLU A 51 -29.18 15.13 14.69
N VAL A 52 -28.03 14.57 14.30
CA VAL A 52 -27.03 15.31 13.56
C VAL A 52 -26.99 14.67 12.14
N ILE A 53 -27.03 15.46 11.08
CA ILE A 53 -26.96 14.93 9.68
C ILE A 53 -25.84 15.63 8.98
N LEU A 54 -24.81 14.90 8.59
CA LEU A 54 -23.63 15.52 7.99
C LEU A 54 -23.31 14.94 6.65
N GLY A 55 -23.33 15.76 5.61
CA GLY A 55 -23.00 15.29 4.33
C GLY A 55 -21.48 15.12 4.33
N GLN A 56 -21.04 14.10 3.62
CA GLN A 56 -19.62 13.74 3.55
C GLN A 56 -19.40 12.81 2.40
N VAL A 57 -18.51 13.20 1.45
CA VAL A 57 -18.20 12.40 0.26
C VAL A 57 -17.06 11.39 0.45
N LEU A 58 -16.09 11.68 1.29
CA LEU A 58 -14.90 10.84 1.37
C LEU A 58 -14.64 10.34 2.78
N PRO A 59 -15.48 9.46 3.32
CA PRO A 59 -15.24 9.01 4.69
C PRO A 59 -14.30 7.82 4.79
N ALA A 60 -13.77 7.31 3.66
CA ALA A 60 -12.95 6.08 3.71
C ALA A 60 -11.87 6.19 4.76
N GLY A 61 -11.86 5.18 5.61
CA GLY A 61 -10.82 5.02 6.58
C GLY A 61 -11.09 5.79 7.85
N GLU A 62 -12.13 6.62 7.93
CA GLU A 62 -12.38 7.38 9.18
C GLU A 62 -13.05 6.55 10.29
N GLY A 63 -13.57 5.38 9.98
CA GLY A 63 -14.25 4.69 11.02
C GLY A 63 -15.73 4.79 10.81
N GLN A 64 -16.45 3.97 11.57
CA GLN A 64 -17.90 3.85 11.46
C GLN A 64 -18.53 5.24 11.60
N ASN A 65 -19.41 5.60 10.63
CA ASN A 65 -20.34 6.72 10.71
C ASN A 65 -19.71 8.01 11.37
N PRO A 66 -18.81 8.65 10.65
CA PRO A 66 -18.18 9.87 11.13
C PRO A 66 -19.14 10.93 11.68
N ALA A 67 -20.36 11.03 11.16
CA ALA A 67 -21.35 11.95 11.76
C ALA A 67 -21.61 11.64 13.22
N ARG A 68 -21.68 10.36 13.58
CA ARG A 68 -21.89 9.99 15.00
C ARG A 68 -20.65 10.28 15.81
N GLN A 69 -19.47 10.13 15.21
CA GLN A 69 -18.24 10.50 15.87
C GLN A 69 -18.21 11.97 16.20
N ALA A 70 -18.66 12.78 15.28
CA ALA A 70 -18.62 14.19 15.45
C ALA A 70 -19.61 14.66 16.56
N ALA A 71 -20.77 14.05 16.58
CA ALA A 71 -21.81 14.39 17.50
C ALA A 71 -21.37 13.97 18.89
N MET A 72 -20.89 12.76 19.00
CA MET A 72 -20.45 12.25 20.29
C MET A 72 -19.32 13.11 20.86
N LYS A 73 -18.41 13.57 20.00
CA LYS A 73 -17.29 14.35 20.38
C LYS A 73 -17.81 15.68 20.87
N ALA A 74 -18.80 16.23 20.20
CA ALA A 74 -19.36 17.49 20.63
C ALA A 74 -20.23 17.35 21.90
N GLY A 75 -20.39 16.14 22.42
CA GLY A 75 -21.18 15.94 23.64
C GLY A 75 -22.68 15.76 23.43
N VAL A 76 -23.13 15.65 22.17
CA VAL A 76 -24.49 15.26 21.88
C VAL A 76 -24.69 13.89 22.53
N PRO A 77 -25.76 13.72 23.31
CA PRO A 77 -25.99 12.48 24.08
C PRO A 77 -26.16 11.23 23.24
N GLN A 78 -25.84 10.10 23.85
CA GLN A 78 -25.88 8.82 23.14
C GLN A 78 -27.30 8.50 22.69
N GLU A 79 -28.30 9.15 23.30
CA GLU A 79 -29.68 8.87 22.97
C GLU A 79 -30.18 9.54 21.68
N ALA A 80 -29.45 10.54 21.21
CA ALA A 80 -29.66 11.10 19.84
C ALA A 80 -29.14 10.17 18.77
N THR A 81 -29.27 10.54 17.49
CA THR A 81 -28.78 9.71 16.41
C THR A 81 -28.02 10.58 15.41
N ALA A 82 -27.42 9.95 14.43
CA ALA A 82 -26.54 10.69 13.50
C ALA A 82 -26.33 9.82 12.35
N TRP A 83 -26.32 10.43 11.18
CA TRP A 83 -26.02 9.77 9.96
C TRP A 83 -25.37 10.69 8.97
N GLY A 84 -24.82 10.07 7.93
CA GLY A 84 -24.11 10.81 6.90
C GLY A 84 -24.79 10.56 5.59
N MET A 85 -24.55 11.42 4.62
CA MET A 85 -25.20 11.23 3.32
C MET A 85 -24.36 11.87 2.33
N ASN A 86 -24.60 11.52 1.07
CA ASN A 86 -23.70 11.87 0.01
C ASN A 86 -24.47 12.19 -1.28
N GLN A 87 -24.63 13.48 -1.57
CA GLN A 87 -25.07 13.93 -2.89
C GLN A 87 -23.95 14.87 -3.43
N LEU A 88 -22.70 14.39 -3.35
CA LEU A 88 -21.48 15.12 -3.72
C LEU A 88 -21.47 16.56 -3.21
N ALA A 89 -21.31 17.57 -4.08
CA ALA A 89 -21.15 18.92 -3.63
C ALA A 89 -22.52 19.43 -3.19
N GLY A 90 -23.60 18.71 -3.52
CA GLY A 90 -24.89 19.06 -2.94
C GLY A 90 -25.00 18.78 -1.46
N SER A 91 -24.13 17.90 -0.96
CA SER A 91 -24.40 17.25 0.34
C SER A 91 -24.72 18.17 1.48
N GLY A 92 -23.85 19.15 1.70
CA GLY A 92 -23.88 19.97 2.87
C GLY A 92 -25.14 20.81 2.82
N LEU A 93 -25.62 21.21 1.62
CA LEU A 93 -26.92 21.88 1.51
C LEU A 93 -28.09 20.93 1.62
N ARG A 94 -27.99 19.79 0.94
CA ARG A 94 -29.04 18.81 0.96
C ARG A 94 -29.33 18.32 2.37
N ALA A 95 -28.28 18.17 3.17
CA ALA A 95 -28.44 17.74 4.60
C ALA A 95 -29.30 18.68 5.41
N VAL A 96 -29.14 19.97 5.13
CA VAL A 96 -30.01 20.97 5.76
C VAL A 96 -31.48 20.84 5.41
N ALA A 97 -31.76 20.62 4.12
CA ALA A 97 -33.11 20.34 3.68
C ALA A 97 -33.64 19.05 4.32
N LEU A 98 -32.81 18.06 4.44
CA LEU A 98 -33.18 16.80 5.10
C LEU A 98 -33.49 16.96 6.54
N GLY A 99 -32.71 17.82 7.19
CA GLY A 99 -32.96 18.21 8.57
C GLY A 99 -34.27 18.94 8.76
N MET A 100 -34.51 19.96 7.93
CA MET A 100 -35.83 20.61 7.83
C MET A 100 -37.00 19.60 7.78
N GLN A 101 -36.85 18.58 6.95
CA GLN A 101 -37.89 17.60 6.78
C GLN A 101 -38.11 16.72 8.02
N GLN A 102 -37.10 16.49 8.87
CA GLN A 102 -37.37 15.78 10.16
C GLN A 102 -38.36 16.55 11.03
N ILE A 103 -38.17 17.87 11.09
CA ILE A 103 -38.98 18.72 11.92
C ILE A 103 -40.36 18.89 11.25
N ALA A 104 -40.35 19.11 9.93
CA ALA A 104 -41.63 19.31 9.22
C ALA A 104 -42.56 18.04 9.32
N THR A 105 -41.99 16.86 9.40
CA THR A 105 -42.81 15.62 9.51
C THR A 105 -43.07 15.21 10.95
N GLY A 106 -42.61 16.06 11.88
CA GLY A 106 -42.87 15.87 13.31
C GLY A 106 -42.01 14.80 13.97
N ASP A 107 -40.97 14.32 13.28
CA ASP A 107 -40.05 13.27 13.77
C ASP A 107 -38.87 13.70 14.66
N ALA A 108 -38.55 14.98 14.59
CA ALA A 108 -37.57 15.62 15.43
C ALA A 108 -37.96 17.08 15.77
N SER A 109 -37.37 17.59 16.84
CA SER A 109 -37.53 19.01 17.20
C SER A 109 -36.30 19.81 16.86
N ILE A 110 -35.13 19.16 16.97
CA ILE A 110 -33.87 19.93 16.96
C ILE A 110 -32.88 19.18 16.22
N ILE A 111 -32.47 19.76 15.10
CA ILE A 111 -31.54 19.11 14.19
C ILE A 111 -30.30 19.91 13.94
N VAL A 112 -29.12 19.29 13.94
CA VAL A 112 -27.92 20.00 13.49
C VAL A 112 -27.60 19.34 12.15
N ALA A 113 -27.43 20.13 11.10
CA ALA A 113 -27.23 19.64 9.76
C ALA A 113 -26.18 20.43 9.05
N GLY A 114 -25.43 19.74 8.20
CA GLY A 114 -24.47 20.44 7.35
C GLY A 114 -23.60 19.47 6.69
N GLY A 115 -22.33 19.81 6.53
CA GLY A 115 -21.41 18.85 6.04
C GLY A 115 -20.01 19.00 6.53
N MET A 116 -19.21 17.98 6.20
CA MET A 116 -17.81 18.00 6.62
C MET A 116 -16.98 17.18 5.64
N GLU A 117 -15.75 17.63 5.44
CA GLU A 117 -14.91 16.98 4.46
C GLU A 117 -13.42 17.22 4.72
N SER A 118 -12.69 16.12 4.65
CA SER A 118 -11.21 16.15 4.63
C SER A 118 -10.74 15.42 3.40
N MET A 119 -10.48 16.22 2.39
CA MET A 119 -9.93 15.75 1.19
C MET A 119 -8.48 15.41 1.42
N SER A 120 -7.78 16.10 2.32
CA SER A 120 -6.37 15.79 2.63
C SER A 120 -6.21 14.32 3.17
N MET A 121 -7.08 13.97 4.11
CA MET A 121 -7.09 12.66 4.78
C MET A 121 -7.70 11.55 3.95
N ALA A 122 -8.20 11.85 2.75
CA ALA A 122 -8.72 10.78 1.91
C ALA A 122 -7.61 9.83 1.43
N PRO A 123 -7.80 8.53 1.66
CA PRO A 123 -6.79 7.53 1.42
C PRO A 123 -6.68 7.06 -0.01
N HIS A 124 -5.59 6.35 -0.29
CA HIS A 124 -5.50 5.59 -1.53
C HIS A 124 -6.02 4.19 -1.22
N CYS A 125 -6.60 3.51 -2.18
CA CYS A 125 -7.18 2.19 -1.93
C CYS A 125 -7.00 1.24 -3.12
N ALA A 126 -7.15 -0.04 -2.83
CA ALA A 126 -7.32 -1.06 -3.86
C ALA A 126 -8.08 -2.29 -3.31
N HIS A 127 -8.97 -2.83 -4.16
CA HIS A 127 -9.64 -4.11 -3.89
C HIS A 127 -8.59 -5.27 -3.95
N LEU A 128 -8.29 -5.90 -2.82
CA LEU A 128 -7.17 -6.88 -2.70
C LEU A 128 -7.57 -8.27 -2.19
N ARG A 129 -8.86 -8.51 -1.99
CA ARG A 129 -9.34 -9.81 -1.48
C ARG A 129 -9.07 -11.01 -2.38
N GLY A 130 -9.29 -10.84 -3.69
CA GLY A 130 -9.02 -11.91 -4.63
C GLY A 130 -7.60 -12.43 -4.49
N GLY A 131 -6.66 -11.51 -4.30
CA GLY A 131 -5.26 -11.85 -4.37
C GLY A 131 -4.76 -11.64 -5.79
N VAL A 132 -3.74 -10.80 -5.91
CA VAL A 132 -3.16 -10.45 -7.20
C VAL A 132 -2.02 -11.42 -7.49
N LYS A 133 -2.21 -12.25 -8.49
CA LYS A 133 -1.25 -13.34 -8.78
C LYS A 133 0.15 -12.84 -9.15
N MET A 134 0.21 -11.75 -9.91
CA MET A 134 1.45 -11.35 -10.58
C MET A 134 1.38 -9.98 -11.25
N GLY A 135 2.48 -9.23 -11.17
CA GLY A 135 2.61 -7.93 -11.80
C GLY A 135 1.99 -6.83 -10.96
N ASP A 136 1.88 -5.66 -11.58
CA ASP A 136 1.58 -4.42 -10.89
C ASP A 136 0.09 -4.13 -10.85
N PHE A 137 -0.37 -3.43 -9.81
CA PHE A 137 -1.80 -3.04 -9.69
C PHE A 137 -1.93 -1.57 -9.22
N LYS A 138 -3.14 -1.03 -9.25
CA LYS A 138 -3.32 0.41 -8.99
C LYS A 138 -3.82 0.65 -7.59
N MET A 139 -3.08 1.46 -6.85
CA MET A 139 -3.60 2.13 -5.71
C MET A 139 -4.34 3.38 -6.20
N ILE A 140 -5.65 3.42 -5.92
CA ILE A 140 -6.56 4.48 -6.37
C ILE A 140 -6.69 5.60 -5.33
N ASP A 141 -6.46 6.83 -5.77
CA ASP A 141 -6.82 8.01 -5.01
C ASP A 141 -8.33 8.14 -4.89
N THR A 142 -8.88 7.85 -3.70
CA THR A 142 -10.30 7.91 -3.47
C THR A 142 -10.89 9.33 -3.62
N MET A 143 -10.14 10.38 -3.30
CA MET A 143 -10.57 11.72 -3.61
C MET A 143 -10.87 11.90 -5.08
N ILE A 144 -9.96 11.51 -5.94
CA ILE A 144 -10.19 11.63 -7.37
C ILE A 144 -11.33 10.70 -7.82
N LYS A 145 -11.23 9.42 -7.47
CA LYS A 145 -12.17 8.40 -7.95
C LYS A 145 -13.59 8.61 -7.46
N ASP A 146 -13.73 8.84 -6.16
CA ASP A 146 -15.05 8.89 -5.55
C ASP A 146 -15.56 10.33 -5.43
N GLY A 147 -14.66 11.28 -5.56
CA GLY A 147 -14.96 12.69 -5.45
C GLY A 147 -15.07 13.49 -6.75
N LEU A 148 -14.15 13.28 -7.69
CA LEU A 148 -13.87 14.22 -8.77
C LEU A 148 -13.91 13.63 -10.19
N THR A 149 -14.18 12.34 -10.29
CA THR A 149 -14.27 11.70 -11.57
C THR A 149 -15.71 11.32 -11.91
N ASP A 150 -16.12 11.58 -13.16
CA ASP A 150 -17.49 11.25 -13.51
C ASP A 150 -17.56 9.76 -13.67
N ALA A 151 -18.60 9.16 -13.07
CA ALA A 151 -18.71 7.68 -13.16
C ALA A 151 -19.09 7.15 -14.55
N PHE A 152 -19.70 7.98 -15.39
CA PHE A 152 -20.27 7.47 -16.67
C PHE A 152 -19.35 7.69 -17.84
N TYR A 153 -18.49 8.69 -17.77
CA TYR A 153 -17.62 9.08 -18.86
C TYR A 153 -16.12 8.94 -18.56
N GLY A 154 -15.78 8.64 -17.31
CA GLY A 154 -14.39 8.43 -16.94
C GLY A 154 -13.48 9.65 -16.75
N TYR A 155 -14.00 10.85 -16.94
CA TYR A 155 -13.20 12.08 -16.84
C TYR A 155 -13.44 12.93 -15.66
N HIS A 156 -12.43 13.73 -15.35
CA HIS A 156 -12.53 14.67 -14.24
C HIS A 156 -13.70 15.68 -14.40
N MET A 157 -14.11 16.26 -13.28
CA MET A 157 -15.15 17.29 -13.25
C MET A 157 -14.73 18.48 -14.10
N GLY A 158 -13.44 18.78 -14.12
CA GLY A 158 -12.90 19.84 -14.97
C GLY A 158 -13.19 19.63 -16.46
N THR A 159 -13.34 18.40 -16.89
CA THR A 159 -13.72 18.13 -18.28
C THR A 159 -15.20 18.53 -18.52
N THR A 160 -16.07 18.34 -17.55
CA THR A 160 -17.45 18.87 -17.64
C THR A 160 -17.48 20.40 -17.64
N ALA A 161 -16.48 21.00 -17.00
CA ALA A 161 -16.34 22.44 -17.06
C ALA A 161 -15.96 22.88 -18.47
N GLU A 162 -15.10 22.11 -19.17
CA GLU A 162 -14.82 22.41 -20.60
C GLU A 162 -16.03 22.22 -21.49
N ASN A 163 -16.89 21.27 -21.12
CA ASN A 163 -18.06 21.00 -21.96
C ASN A 163 -18.96 22.21 -21.87
N VAL A 164 -19.03 22.80 -20.69
CA VAL A 164 -19.84 23.99 -20.44
C VAL A 164 -19.20 25.23 -21.07
N ALA A 165 -17.86 25.34 -21.01
CA ALA A 165 -17.11 26.45 -21.62
C ALA A 165 -17.37 26.45 -23.14
N LYS A 166 -17.36 25.26 -23.74
CA LYS A 166 -17.67 25.10 -25.16
C LYS A 166 -19.15 25.39 -25.53
N GLN A 167 -20.10 24.86 -24.79
CA GLN A 167 -21.52 25.13 -25.06
C GLN A 167 -21.96 26.57 -24.83
N TRP A 168 -21.46 27.22 -23.77
CA TRP A 168 -21.84 28.63 -23.48
C TRP A 168 -20.87 29.65 -24.09
N GLN A 169 -19.86 29.18 -24.80
CA GLN A 169 -18.91 30.01 -25.56
C GLN A 169 -18.13 30.93 -24.65
N LEU A 170 -17.60 30.35 -23.57
CA LEU A 170 -16.99 31.14 -22.48
C LEU A 170 -15.49 31.20 -22.70
N SER A 171 -14.99 32.37 -23.04
CA SER A 171 -13.58 32.52 -23.30
C SER A 171 -12.70 32.23 -22.06
N ARG A 172 -11.45 31.87 -22.31
CA ARG A 172 -10.42 31.80 -21.27
C ARG A 172 -10.34 33.14 -20.50
N ASP A 173 -10.31 34.27 -21.21
CA ASP A 173 -10.22 35.59 -20.56
C ASP A 173 -11.47 35.91 -19.76
N GLU A 174 -12.62 35.37 -20.18
CA GLU A 174 -13.81 35.59 -19.31
C GLU A 174 -13.72 34.82 -17.99
N GLN A 175 -13.40 33.52 -18.09
CA GLN A 175 -13.15 32.68 -16.90
C GLN A 175 -12.04 33.26 -15.97
N ASP A 176 -10.95 33.80 -16.56
CA ASP A 176 -9.88 34.42 -15.75
C ASP A 176 -10.33 35.65 -14.98
N ALA A 177 -11.10 36.52 -15.62
CA ALA A 177 -11.59 37.77 -14.99
C ALA A 177 -12.51 37.41 -13.83
N PHE A 178 -13.38 36.42 -14.04
CA PHE A 178 -14.21 35.88 -12.96
C PHE A 178 -13.36 35.34 -11.80
N ALA A 179 -12.34 34.52 -12.12
CA ALA A 179 -11.48 33.96 -11.11
C ALA A 179 -10.79 35.02 -10.31
N VAL A 180 -10.20 35.98 -11.00
CA VAL A 180 -9.58 37.10 -10.30
C VAL A 180 -10.54 37.85 -9.44
N ALA A 181 -11.74 38.11 -9.95
CA ALA A 181 -12.72 38.87 -9.14
C ALA A 181 -13.14 38.10 -7.89
N SER A 182 -13.27 36.78 -8.01
CA SER A 182 -13.50 35.95 -6.84
C SER A 182 -12.40 36.08 -5.79
N GLN A 183 -11.12 36.00 -6.18
CA GLN A 183 -10.04 36.19 -5.24
C GLN A 183 -10.09 37.56 -4.58
N ASN A 184 -10.41 38.60 -5.35
CA ASN A 184 -10.25 39.99 -4.88
C ASN A 184 -11.40 40.38 -3.95
N LYS A 185 -12.58 39.85 -4.21
CA LYS A 185 -13.70 40.06 -3.35
C LYS A 185 -13.55 39.24 -2.05
N ALA A 186 -13.05 38.00 -2.15
CA ALA A 186 -12.72 37.18 -0.94
C ALA A 186 -11.69 37.89 -0.08
N GLU A 187 -10.59 38.40 -0.68
CA GLU A 187 -9.56 39.09 0.08
C GLU A 187 -10.04 40.32 0.85
N ALA A 188 -10.81 41.15 0.16
CA ALA A 188 -11.51 42.34 0.71
C ALA A 188 -12.46 41.98 1.86
N ALA A 189 -13.28 40.93 1.65
CA ALA A 189 -14.14 40.45 2.74
C ALA A 189 -13.33 39.95 3.93
N GLN A 190 -12.27 39.21 3.66
CA GLN A 190 -11.47 38.61 4.73
C GLN A 190 -10.80 39.72 5.53
N LYS A 191 -10.26 40.71 4.80
CA LYS A 191 -9.58 41.86 5.39
C LYS A 191 -10.50 42.71 6.19
N ASP A 192 -11.72 42.89 5.71
CA ASP A 192 -12.73 43.70 6.40
C ASP A 192 -13.43 43.03 7.55
N GLY A 193 -13.21 41.75 7.76
CA GLY A 193 -13.72 41.06 8.93
C GLY A 193 -15.07 40.38 8.67
N ARG A 194 -15.40 40.20 7.39
CA ARG A 194 -16.74 39.74 7.03
C ARG A 194 -16.90 38.24 7.20
N PHE A 195 -15.80 37.48 7.27
CA PHE A 195 -15.83 36.05 7.57
C PHE A 195 -15.73 35.72 9.05
N LYS A 196 -15.58 36.75 9.90
CA LYS A 196 -15.43 36.51 11.31
C LYS A 196 -16.68 35.93 11.97
N ASP A 197 -17.85 36.41 11.58
CA ASP A 197 -19.08 36.05 12.33
C ASP A 197 -19.36 34.57 12.04
N GLU A 198 -19.13 34.15 10.81
CA GLU A 198 -19.46 32.80 10.41
C GLU A 198 -18.46 31.76 10.86
N ILE A 199 -17.16 32.11 10.88
CA ILE A 199 -16.08 31.22 11.31
C ILE A 199 -16.01 31.04 12.84
N VAL A 200 -15.95 29.77 13.23
CA VAL A 200 -15.58 29.41 14.59
C VAL A 200 -14.11 28.93 14.42
N PRO A 201 -13.22 29.39 15.30
CA PRO A 201 -11.82 28.94 15.18
C PRO A 201 -11.69 27.48 15.49
N PHE A 202 -10.66 26.84 14.93
CA PHE A 202 -10.45 25.42 15.15
C PHE A 202 -9.07 25.26 15.71
N ILE A 203 -8.96 24.56 16.83
CA ILE A 203 -7.67 24.34 17.44
C ILE A 203 -7.06 23.04 16.88
N VAL A 204 -5.97 23.14 16.16
CA VAL A 204 -5.23 21.99 15.70
C VAL A 204 -4.25 21.56 16.80
N LYS A 205 -4.56 20.43 17.45
CA LYS A 205 -3.80 19.98 18.62
C LYS A 205 -2.51 19.33 18.13
N GLY A 206 -1.39 19.84 18.62
CA GLY A 206 -0.09 19.37 18.18
C GLY A 206 0.90 19.16 19.30
N ARG A 207 1.48 17.96 19.32
CA ARG A 207 2.62 17.64 20.18
C ARG A 207 3.37 18.89 20.66
N LYS A 208 4.01 19.56 19.71
CA LYS A 208 4.87 20.70 20.00
C LYS A 208 4.13 22.03 19.87
N GLY A 209 2.94 22.13 20.47
CA GLY A 209 2.12 23.33 20.39
C GLY A 209 0.82 23.20 19.57
N ASP A 210 -0.22 23.88 20.07
CA ASP A 210 -1.54 23.90 19.46
C ASP A 210 -1.60 25.14 18.57
N ILE A 211 -2.25 25.01 17.41
CA ILE A 211 -2.40 26.11 16.47
C ILE A 211 -3.91 26.37 16.31
N THR A 212 -4.32 27.60 16.55
CA THR A 212 -5.67 28.12 16.27
C THR A 212 -5.81 28.62 14.82
N VAL A 213 -6.68 27.95 14.07
CA VAL A 213 -6.96 28.32 12.68
C VAL A 213 -8.34 29.02 12.59
N ASP A 214 -8.32 30.30 12.24
CA ASP A 214 -9.55 31.10 12.12
C ASP A 214 -9.61 31.93 10.87
N ALA A 215 -8.69 31.67 9.95
CA ALA A 215 -8.72 32.31 8.65
C ALA A 215 -8.68 31.29 7.48
N ASP A 216 -9.47 31.62 6.49
CA ASP A 216 -9.56 30.84 5.27
C ASP A 216 -8.22 30.92 4.56
N GLU A 217 -7.43 29.88 4.57
CA GLU A 217 -6.03 30.07 4.11
C GLU A 217 -5.84 29.92 2.59
N TYR A 218 -6.86 29.53 1.83
CA TYR A 218 -6.68 29.26 0.39
C TYR A 218 -6.74 30.57 -0.41
N ILE A 219 -7.39 31.60 0.14
CA ILE A 219 -7.59 32.88 -0.55
C ILE A 219 -6.22 33.49 -0.87
N ARG A 220 -5.91 33.72 -2.13
CA ARG A 220 -4.62 34.35 -2.45
C ARG A 220 -4.79 35.84 -2.41
N HIS A 221 -3.89 36.46 -1.68
CA HIS A 221 -3.82 37.91 -1.58
C HIS A 221 -3.10 38.48 -2.82
N GLY A 222 -3.62 39.57 -3.37
CA GLY A 222 -2.99 40.23 -4.48
C GLY A 222 -2.94 39.40 -5.75
N ALA A 223 -3.97 38.63 -5.99
CA ALA A 223 -4.12 37.82 -7.20
C ALA A 223 -4.20 38.73 -8.40
N THR A 224 -3.39 38.44 -9.41
CA THR A 224 -3.28 39.28 -10.60
C THR A 224 -3.86 38.54 -11.78
N LEU A 225 -4.32 39.31 -12.74
CA LEU A 225 -4.84 38.74 -13.95
C LEU A 225 -3.74 37.97 -14.70
N ASP A 226 -2.51 38.50 -14.69
CA ASP A 226 -1.34 37.83 -15.28
C ASP A 226 -1.05 36.45 -14.65
N SER A 227 -1.33 36.33 -13.35
CA SER A 227 -1.23 35.07 -12.58
C SER A 227 -2.07 33.97 -13.24
N MET A 228 -3.34 34.31 -13.50
CA MET A 228 -4.32 33.44 -14.13
C MET A 228 -3.97 33.20 -15.60
N ALA A 229 -3.72 34.27 -16.34
CA ALA A 229 -3.49 34.19 -17.74
C ALA A 229 -2.30 33.28 -18.13
N LYS A 230 -1.31 33.14 -17.25
CA LYS A 230 -0.08 32.39 -17.59
C LYS A 230 -0.24 30.87 -17.43
N LEU A 231 -1.31 30.44 -16.77
CA LEU A 231 -1.45 29.01 -16.40
C LEU A 231 -1.79 28.19 -17.62
N ARG A 232 -1.37 26.92 -17.59
CA ARG A 232 -1.71 25.94 -18.63
C ARG A 232 -3.05 25.35 -18.31
N PRO A 233 -3.86 25.10 -19.34
CA PRO A 233 -5.07 24.31 -19.17
C PRO A 233 -4.79 22.99 -18.42
N ALA A 234 -5.59 22.71 -17.40
CA ALA A 234 -5.37 21.58 -16.50
C ALA A 234 -5.98 20.26 -16.97
N PHE A 235 -6.97 20.34 -17.87
CA PHE A 235 -7.74 19.15 -18.25
C PHE A 235 -7.77 18.82 -19.73
N ASP A 236 -7.67 19.84 -20.57
CA ASP A 236 -7.63 19.70 -22.03
C ASP A 236 -6.52 20.58 -22.57
N LYS A 237 -5.73 20.05 -23.50
CA LYS A 237 -4.49 20.72 -23.86
C LYS A 237 -4.74 21.97 -24.70
N GLU A 238 -5.87 22.01 -25.41
CA GLU A 238 -6.34 23.24 -26.04
C GLU A 238 -7.60 23.78 -25.35
N GLY A 239 -7.65 23.53 -24.06
CA GLY A 239 -8.77 23.92 -23.22
C GLY A 239 -8.52 25.26 -22.59
N THR A 240 -9.36 25.55 -21.64
CA THR A 240 -9.52 26.89 -21.18
C THR A 240 -9.55 26.88 -19.64
N VAL A 241 -9.96 25.77 -19.05
CA VAL A 241 -10.07 25.62 -17.63
C VAL A 241 -8.66 25.31 -17.08
N THR A 242 -8.26 26.00 -15.99
CA THR A 242 -6.91 25.86 -15.38
C THR A 242 -7.03 25.68 -13.86
N ALA A 243 -5.90 25.49 -13.18
CA ALA A 243 -5.89 25.38 -11.72
C ALA A 243 -6.35 26.68 -11.10
N GLY A 244 -6.04 27.78 -11.77
CA GLY A 244 -6.43 29.09 -11.33
C GLY A 244 -7.91 29.41 -11.46
N ASN A 245 -8.61 28.94 -12.50
CA ASN A 245 -10.02 29.36 -12.68
C ASN A 245 -11.00 28.25 -12.25
N ALA A 246 -10.43 27.23 -11.61
CA ALA A 246 -11.18 26.18 -10.97
C ALA A 246 -11.02 26.35 -9.50
N SER A 247 -11.97 25.81 -8.73
CA SER A 247 -11.80 25.70 -7.26
C SER A 247 -10.72 24.67 -6.89
N GLY A 248 -10.42 24.61 -5.60
CA GLY A 248 -9.34 23.78 -5.16
C GLY A 248 -9.82 22.48 -4.52
N LEU A 249 -8.86 21.83 -3.88
CA LEU A 249 -9.07 20.63 -3.09
C LEU A 249 -8.85 21.14 -1.68
N ASN A 250 -9.87 21.00 -0.82
CA ASN A 250 -9.89 21.69 0.48
C ASN A 250 -10.56 20.93 1.62
N ASP A 251 -10.37 21.40 2.85
CA ASP A 251 -10.91 20.80 4.09
C ASP A 251 -11.72 21.83 4.93
N GLY A 252 -12.83 21.38 5.49
CA GLY A 252 -13.61 22.21 6.39
C GLY A 252 -14.92 21.57 6.75
N ALA A 253 -15.58 22.15 7.72
CA ALA A 253 -16.95 21.80 7.97
C ALA A 253 -17.81 23.03 8.23
N ALA A 254 -19.11 22.83 8.13
CA ALA A 254 -20.06 23.90 8.29
C ALA A 254 -21.39 23.30 8.68
N ALA A 255 -22.14 24.03 9.50
CA ALA A 255 -23.44 23.53 9.90
C ALA A 255 -24.42 24.60 10.28
N ALA A 256 -25.65 24.15 10.48
CA ALA A 256 -26.81 24.95 10.87
C ALA A 256 -27.65 24.21 11.91
N LEU A 257 -28.21 24.95 12.90
CA LEU A 257 -29.06 24.36 13.93
C LEU A 257 -30.43 24.76 13.55
N LEU A 258 -31.30 23.77 13.39
CA LEU A 258 -32.68 23.99 12.99
C LEU A 258 -33.69 23.65 14.02
N MET A 259 -34.80 24.35 13.92
CA MET A 259 -35.93 24.09 14.75
C MET A 259 -37.10 24.80 14.14
N SER A 260 -38.29 24.46 14.62
CA SER A 260 -39.46 25.23 14.20
C SER A 260 -39.43 26.74 14.57
N GLU A 261 -40.16 27.56 13.80
CA GLU A 261 -40.23 28.99 14.04
C GLU A 261 -40.87 29.26 15.40
N ALA A 262 -41.93 28.54 15.75
CA ALA A 262 -42.47 28.63 17.09
C ALA A 262 -41.48 28.11 18.15
N GLU A 263 -40.69 27.09 17.86
CA GLU A 263 -39.68 26.66 18.83
C GLU A 263 -38.69 27.80 19.12
N ALA A 264 -38.27 28.54 18.09
CA ALA A 264 -37.27 29.61 18.25
C ALA A 264 -37.90 30.74 19.04
N SER A 265 -39.17 31.00 18.75
CA SER A 265 -39.92 32.00 19.45
C SER A 265 -40.00 31.71 20.97
N ARG A 266 -40.40 30.53 21.39
CA ARG A 266 -40.38 30.21 22.83
C ARG A 266 -39.03 30.37 23.46
N ARG A 267 -37.97 30.01 22.75
CA ARG A 267 -36.65 30.12 23.33
C ARG A 267 -36.09 31.56 23.25
N GLY A 268 -36.82 32.45 22.56
CA GLY A 268 -36.41 33.82 22.36
C GLY A 268 -35.16 33.94 21.47
N ILE A 269 -34.94 32.99 20.55
CA ILE A 269 -33.85 33.01 19.58
C ILE A 269 -34.27 33.91 18.38
N GLN A 270 -33.41 34.84 17.97
CA GLN A 270 -33.55 35.60 16.71
C GLN A 270 -32.88 34.82 15.61
N PRO A 271 -33.64 34.09 14.78
CA PRO A 271 -33.01 33.22 13.80
C PRO A 271 -32.36 33.94 12.63
N LEU A 272 -31.41 33.25 12.08
CA LEU A 272 -30.70 33.68 10.86
C LEU A 272 -31.62 33.66 9.62
N GLY A 273 -32.69 32.89 9.69
CA GLY A 273 -33.50 32.71 8.50
C GLY A 273 -34.58 31.67 8.64
N ARG A 274 -35.60 31.82 7.80
CA ARG A 274 -36.58 30.76 7.52
C ARG A 274 -36.29 30.07 6.17
N ILE A 275 -36.32 28.74 6.17
CA ILE A 275 -36.18 27.97 4.95
C ILE A 275 -37.54 28.11 4.31
N VAL A 276 -37.58 28.93 3.25
CA VAL A 276 -38.80 29.05 2.47
C VAL A 276 -39.03 27.92 1.50
N SER A 277 -37.97 27.32 0.90
CA SER A 277 -38.12 26.27 -0.07
C SER A 277 -36.71 25.75 -0.41
N TRP A 278 -36.69 24.63 -1.08
CA TRP A 278 -35.42 24.00 -1.61
C TRP A 278 -35.82 23.16 -2.83
N ALA A 279 -34.85 22.69 -3.67
CA ALA A 279 -35.14 21.82 -4.78
C ALA A 279 -33.84 21.15 -5.21
N THR A 280 -34.00 19.98 -5.81
CA THR A 280 -32.85 19.33 -6.44
C THR A 280 -33.34 18.80 -7.76
N VAL A 281 -32.54 19.04 -8.80
CA VAL A 281 -32.84 18.55 -10.15
C VAL A 281 -31.67 17.86 -10.78
N GLY A 282 -31.92 17.01 -11.74
CA GLY A 282 -30.83 16.45 -12.48
C GLY A 282 -30.65 17.12 -13.82
N VAL A 283 -29.47 16.93 -14.39
CA VAL A 283 -29.10 17.43 -15.73
C VAL A 283 -28.13 16.38 -16.18
N ASP A 284 -27.71 16.50 -17.42
CA ASP A 284 -26.78 15.60 -18.06
C ASP A 284 -25.41 15.63 -17.35
N PRO A 285 -24.87 14.49 -16.95
CA PRO A 285 -23.53 14.43 -16.36
C PRO A 285 -22.49 15.28 -17.09
N LYS A 286 -22.63 15.40 -18.40
CA LYS A 286 -21.57 15.99 -19.22
C LYS A 286 -21.43 17.48 -18.93
N VAL A 287 -22.54 18.10 -18.54
CA VAL A 287 -22.60 19.51 -18.23
C VAL A 287 -23.13 19.68 -16.83
N MET A 288 -22.60 18.86 -15.92
CA MET A 288 -23.05 18.90 -14.54
C MET A 288 -23.03 20.32 -13.89
N GLY A 289 -22.14 21.23 -14.30
CA GLY A 289 -22.04 22.58 -13.71
C GLY A 289 -23.32 23.42 -13.96
N THR A 290 -24.17 22.94 -14.87
CA THR A 290 -25.45 23.64 -15.15
C THR A 290 -26.54 23.29 -14.20
N GLY A 291 -26.29 22.36 -13.29
CA GLY A 291 -27.31 22.01 -12.31
C GLY A 291 -28.04 23.08 -11.54
N PRO A 292 -27.32 24.13 -11.12
CA PRO A 292 -27.95 25.23 -10.41
C PRO A 292 -29.05 25.95 -11.19
N ILE A 293 -29.04 25.92 -12.53
CA ILE A 293 -30.09 26.52 -13.33
C ILE A 293 -31.49 25.99 -13.02
N PRO A 294 -31.80 24.73 -13.40
CA PRO A 294 -33.08 24.08 -13.01
C PRO A 294 -33.42 24.05 -11.50
N ALA A 295 -32.39 23.82 -10.68
CA ALA A 295 -32.62 23.79 -9.24
C ALA A 295 -33.01 25.16 -8.65
N SER A 296 -32.36 26.23 -9.08
CA SER A 296 -32.69 27.52 -8.54
C SER A 296 -34.04 27.93 -9.04
N ARG A 297 -34.33 27.70 -10.34
CA ARG A 297 -35.66 28.02 -10.86
C ARG A 297 -36.72 27.23 -10.11
N LYS A 298 -36.48 25.96 -9.84
CA LYS A 298 -37.51 25.18 -9.16
C LYS A 298 -37.68 25.69 -7.73
N ALA A 299 -36.58 25.98 -7.06
CA ALA A 299 -36.67 26.56 -5.68
C ALA A 299 -37.48 27.83 -5.62
N LEU A 300 -37.22 28.68 -6.60
CA LEU A 300 -37.90 29.95 -6.64
C LEU A 300 -39.37 29.71 -6.94
N GLU A 301 -39.69 28.82 -7.87
CA GLU A 301 -41.09 28.54 -8.16
C GLU A 301 -41.84 28.11 -6.90
N ARG A 302 -41.21 27.21 -6.16
CA ARG A 302 -41.77 26.68 -4.90
C ARG A 302 -41.93 27.72 -3.81
N ALA A 303 -41.05 28.70 -3.81
CA ALA A 303 -41.13 29.82 -2.87
C ALA A 303 -42.19 30.87 -3.25
N GLY A 304 -42.67 30.84 -4.49
CA GLY A 304 -43.55 31.90 -5.03
C GLY A 304 -42.77 33.17 -5.36
N TRP A 305 -41.46 33.06 -5.58
CA TRP A 305 -40.58 34.18 -5.86
C TRP A 305 -40.17 34.27 -7.34
N LYS A 306 -39.93 35.50 -7.83
CA LYS A 306 -39.23 35.78 -9.10
C LYS A 306 -37.72 35.92 -8.85
N ILE A 307 -36.90 35.72 -9.87
CA ILE A 307 -35.42 35.83 -9.75
C ILE A 307 -35.04 37.22 -9.25
N GLY A 308 -35.78 38.20 -9.77
CA GLY A 308 -35.71 39.61 -9.44
C GLY A 308 -36.00 39.96 -7.99
N ASP A 309 -36.72 39.10 -7.28
CA ASP A 309 -37.01 39.28 -5.85
C ASP A 309 -35.83 39.03 -4.90
N LEU A 310 -34.79 38.29 -5.35
CA LEU A 310 -33.65 37.98 -4.52
C LEU A 310 -32.80 39.19 -4.24
N ASP A 311 -32.33 39.27 -2.99
CA ASP A 311 -31.42 40.30 -2.53
C ASP A 311 -29.96 39.86 -2.43
N LEU A 312 -29.77 38.57 -2.23
CA LEU A 312 -28.44 37.94 -2.16
C LEU A 312 -28.45 36.51 -2.62
N VAL A 313 -27.34 36.11 -3.25
CA VAL A 313 -27.18 34.82 -3.83
C VAL A 313 -25.78 34.31 -3.53
N GLU A 314 -25.72 33.08 -3.04
CA GLU A 314 -24.48 32.28 -3.13
C GLU A 314 -24.69 31.22 -4.13
N ALA A 315 -24.00 31.35 -5.26
CA ALA A 315 -23.85 30.28 -6.21
C ALA A 315 -22.41 29.74 -6.23
N ASN A 316 -22.26 28.47 -5.85
CA ASN A 316 -20.96 27.87 -5.63
C ASN A 316 -20.09 27.84 -6.88
N GLU A 317 -18.80 28.11 -6.69
CA GLU A 317 -17.91 28.34 -7.83
C GLU A 317 -17.04 27.12 -8.00
N ALA A 318 -17.63 26.03 -8.51
CA ALA A 318 -16.85 24.84 -8.80
C ALA A 318 -15.78 25.16 -9.81
N PHE A 319 -16.20 25.82 -10.88
CA PHE A 319 -15.34 26.24 -11.95
C PHE A 319 -15.87 27.60 -12.44
N ALA A 320 -14.99 28.56 -12.78
CA ALA A 320 -15.40 29.79 -13.48
C ALA A 320 -16.37 29.57 -14.65
N ALA A 321 -16.11 28.56 -15.47
CA ALA A 321 -16.89 28.23 -16.66
C ALA A 321 -18.34 28.01 -16.28
N GLN A 322 -18.56 27.13 -15.30
CA GLN A 322 -19.91 26.81 -14.92
C GLN A 322 -20.55 27.94 -14.16
N ALA A 323 -19.82 28.63 -13.26
CA ALA A 323 -20.36 29.81 -12.54
C ALA A 323 -20.85 30.88 -13.53
N CYS A 324 -20.05 31.13 -14.54
CA CYS A 324 -20.41 32.09 -15.60
C CYS A 324 -21.64 31.63 -16.38
N ALA A 325 -21.72 30.34 -16.74
CA ALA A 325 -22.89 29.83 -17.45
C ALA A 325 -24.15 30.05 -16.63
N VAL A 326 -24.08 29.71 -15.35
CA VAL A 326 -25.19 29.80 -14.44
C VAL A 326 -25.70 31.23 -14.32
N ASN A 327 -24.80 32.19 -14.14
CA ASN A 327 -25.20 33.59 -13.92
C ASN A 327 -25.80 34.11 -15.21
N LYS A 328 -25.24 33.67 -16.32
CA LYS A 328 -25.73 34.09 -17.66
C LYS A 328 -27.16 33.67 -17.92
N ASP A 329 -27.50 32.46 -17.50
CA ASP A 329 -28.82 31.87 -17.83
C ASP A 329 -29.90 32.38 -16.91
N LEU A 330 -29.59 32.45 -15.62
CA LEU A 330 -30.55 32.97 -14.64
C LEU A 330 -30.70 34.44 -14.77
N GLY A 331 -29.58 35.08 -15.07
CA GLY A 331 -29.62 36.49 -15.43
C GLY A 331 -29.78 37.36 -14.18
N TRP A 332 -29.55 36.79 -12.99
CA TRP A 332 -29.56 37.59 -11.79
C TRP A 332 -28.46 38.62 -11.81
N ASP A 333 -28.64 39.69 -11.04
CA ASP A 333 -27.67 40.77 -10.97
C ASP A 333 -26.37 40.21 -10.37
N PRO A 334 -25.29 40.17 -11.15
CA PRO A 334 -24.04 39.55 -10.68
C PRO A 334 -23.46 40.22 -9.42
N SER A 335 -23.77 41.51 -9.16
CA SER A 335 -23.34 42.28 -7.99
C SER A 335 -23.95 41.83 -6.68
N ILE A 336 -25.05 41.06 -6.71
CA ILE A 336 -25.59 40.39 -5.51
C ILE A 336 -25.17 38.97 -5.31
N VAL A 337 -24.26 38.47 -6.16
CA VAL A 337 -23.91 37.03 -6.22
C VAL A 337 -22.49 36.89 -5.72
N ASN A 338 -22.29 36.01 -4.72
CA ASN A 338 -20.95 35.74 -4.15
C ASN A 338 -20.24 37.05 -3.85
N VAL A 339 -20.99 37.91 -3.25
CA VAL A 339 -20.57 39.24 -2.82
C VAL A 339 -19.23 39.29 -2.08
N ASN A 340 -19.00 38.31 -1.22
CA ASN A 340 -17.77 38.15 -0.44
C ASN A 340 -16.73 37.16 -1.00
N GLY A 341 -16.84 36.91 -2.28
CA GLY A 341 -16.13 35.87 -3.01
C GLY A 341 -16.78 34.50 -2.99
N GLY A 342 -16.18 33.61 -3.74
CA GLY A 342 -16.68 32.23 -3.77
C GLY A 342 -15.56 31.22 -3.71
N ALA A 343 -15.91 29.97 -4.03
CA ALA A 343 -15.01 28.78 -3.92
C ALA A 343 -13.69 28.80 -4.68
N ILE A 344 -13.59 29.52 -5.79
CA ILE A 344 -12.30 29.68 -6.46
C ILE A 344 -11.21 30.22 -5.51
N ALA A 345 -11.61 31.23 -4.73
CA ALA A 345 -10.84 31.86 -3.67
C ALA A 345 -10.87 31.09 -2.32
N ILE A 346 -12.04 30.78 -1.82
CA ILE A 346 -12.16 30.18 -0.52
C ILE A 346 -11.83 28.69 -0.39
N GLY A 347 -12.07 27.96 -1.47
CA GLY A 347 -11.87 26.52 -1.50
C GLY A 347 -13.19 25.74 -1.59
N HIS A 348 -13.07 24.45 -1.92
CA HIS A 348 -14.22 23.59 -2.14
C HIS A 348 -14.10 22.22 -1.42
N PRO A 349 -14.31 22.24 -0.11
CA PRO A 349 -14.39 21.01 0.69
C PRO A 349 -15.78 20.34 0.43
N ILE A 350 -15.76 19.49 -0.57
CA ILE A 350 -16.99 18.98 -1.26
C ILE A 350 -18.27 18.80 -0.48
N GLY A 351 -18.25 17.88 0.47
CA GLY A 351 -19.42 17.56 1.24
C GLY A 351 -19.80 18.65 2.19
N ALA A 352 -18.84 19.49 2.55
CA ALA A 352 -19.10 20.66 3.37
C ALA A 352 -19.47 21.91 2.57
N SER A 353 -19.19 22.01 1.27
CA SER A 353 -19.37 23.32 0.63
C SER A 353 -20.84 23.86 0.64
N GLY A 354 -21.87 23.02 0.59
CA GLY A 354 -23.26 23.49 0.59
C GLY A 354 -23.58 24.23 1.89
N ALA A 355 -23.06 23.70 2.99
CA ALA A 355 -23.29 24.33 4.27
C ALA A 355 -22.39 25.56 4.42
N ARG A 356 -21.21 25.48 3.81
CA ARG A 356 -20.28 26.58 3.78
C ARG A 356 -20.86 27.80 3.11
N ILE A 357 -21.47 27.66 1.96
CA ILE A 357 -21.99 28.86 1.30
C ILE A 357 -23.34 29.25 1.91
N LEU A 358 -24.08 28.34 2.55
CA LEU A 358 -25.24 28.78 3.31
C LEU A 358 -24.80 29.70 4.49
N ASN A 359 -23.71 29.38 5.17
CA ASN A 359 -23.21 30.19 6.31
C ASN A 359 -22.86 31.57 5.74
N THR A 360 -22.14 31.56 4.66
CA THR A 360 -21.80 32.83 4.07
C THR A 360 -23.03 33.68 3.70
N LEU A 361 -24.03 33.08 3.04
CA LEU A 361 -25.31 33.76 2.72
C LEU A 361 -26.02 34.31 3.92
N LEU A 362 -26.31 33.44 4.91
CA LEU A 362 -26.97 33.83 6.12
C LEU A 362 -26.29 35.01 6.88
N PHE A 363 -24.97 35.05 6.96
CA PHE A 363 -24.32 36.05 7.83
C PHE A 363 -24.16 37.35 7.08
N GLU A 364 -24.01 37.32 5.78
CA GLU A 364 -24.10 38.57 4.95
C GLU A 364 -25.54 39.12 4.89
N MET A 365 -26.54 38.24 4.72
CA MET A 365 -27.98 38.66 4.85
C MET A 365 -28.26 39.46 6.12
N LYS A 366 -27.91 38.91 7.29
CA LYS A 366 -28.01 39.64 8.53
C LYS A 366 -27.24 40.95 8.52
N ARG A 367 -25.98 40.91 8.12
CA ARG A 367 -25.19 42.17 8.19
C ARG A 367 -25.72 43.27 7.24
N ARG A 368 -26.23 42.92 6.05
CA ARG A 368 -26.71 43.95 5.09
C ARG A 368 -28.23 44.19 5.20
N GLY A 369 -28.89 43.35 5.99
CA GLY A 369 -30.33 43.40 6.11
C GLY A 369 -31.09 42.87 4.90
N ALA A 370 -30.49 41.96 4.14
CA ALA A 370 -31.20 41.43 2.98
C ALA A 370 -32.30 40.46 3.46
N ARG A 371 -33.46 40.57 2.81
CA ARG A 371 -34.67 39.85 3.18
C ARG A 371 -34.79 38.50 2.47
N LYS A 372 -34.33 38.42 1.23
CA LYS A 372 -34.56 37.22 0.44
C LYS A 372 -33.27 36.71 -0.18
N GLY A 373 -32.97 35.48 0.10
CA GLY A 373 -31.72 34.82 -0.35
C GLY A 373 -31.84 33.47 -1.00
N LEU A 374 -30.77 33.07 -1.67
CA LEU A 374 -30.76 31.81 -2.37
C LEU A 374 -29.31 31.26 -2.39
N ALA A 375 -29.16 30.08 -1.86
CA ALA A 375 -27.93 29.29 -2.03
C ALA A 375 -28.13 28.18 -3.09
N THR A 376 -27.10 27.91 -3.88
CA THR A 376 -27.16 26.88 -4.88
C THR A 376 -25.76 26.38 -5.28
N LEU A 377 -25.70 25.10 -5.60
CA LEU A 377 -24.51 24.30 -6.02
C LEU A 377 -24.77 23.33 -7.17
N CYS A 378 -23.74 23.16 -8.00
CA CYS A 378 -23.73 22.09 -8.96
C CYS A 378 -23.23 20.78 -8.29
N ILE A 379 -23.52 19.67 -8.96
CA ILE A 379 -23.26 18.36 -8.40
C ILE A 379 -22.79 17.36 -9.49
N GLY A 380 -21.70 16.68 -9.19
CA GLY A 380 -21.14 15.62 -10.00
C GLY A 380 -22.15 14.55 -10.38
N GLY A 381 -21.99 14.01 -11.56
CA GLY A 381 -22.98 13.09 -12.13
C GLY A 381 -24.25 13.77 -12.62
N GLY A 382 -24.32 15.10 -12.59
CA GLY A 382 -25.44 15.82 -13.20
C GLY A 382 -26.63 16.17 -12.31
N MET A 383 -26.43 16.99 -11.29
CA MET A 383 -27.57 17.51 -10.54
C MET A 383 -27.33 18.93 -10.10
N GLY A 384 -28.39 19.55 -9.59
CA GLY A 384 -28.18 20.70 -8.76
C GLY A 384 -29.05 20.70 -7.54
N VAL A 385 -28.70 21.57 -6.60
CA VAL A 385 -29.50 21.84 -5.39
C VAL A 385 -29.61 23.33 -5.05
N ALA A 386 -30.75 23.76 -4.56
CA ALA A 386 -30.92 25.16 -4.24
C ALA A 386 -31.84 25.29 -3.02
N MET A 387 -31.64 26.34 -2.25
CA MET A 387 -32.44 26.65 -1.05
C MET A 387 -32.71 28.11 -0.98
N CYS A 388 -33.98 28.45 -0.68
CA CYS A 388 -34.39 29.77 -0.52
C CYS A 388 -34.56 30.11 0.98
N ILE A 389 -34.02 31.24 1.35
CA ILE A 389 -34.02 31.70 2.77
C ILE A 389 -34.59 33.06 2.83
N GLU A 390 -35.45 33.25 3.81
CA GLU A 390 -35.94 34.58 4.10
C GLU A 390 -35.61 34.99 5.50
N SER A 391 -35.27 36.28 5.69
CA SER A 391 -35.08 36.83 7.04
C SER A 391 -36.36 36.99 7.84
N LEU A 392 -36.30 36.75 9.16
CA LEU A 392 -37.42 37.01 10.08
C LEU A 392 -37.48 38.47 10.52
N PRO B 3 -50.75 12.87 5.59
CA PRO B 3 -50.28 12.33 4.29
C PRO B 3 -49.97 10.86 4.43
N SER B 4 -50.47 10.02 3.55
CA SER B 4 -50.28 8.56 3.71
C SER B 4 -49.38 8.07 2.60
N ILE B 5 -48.21 7.50 2.96
CA ILE B 5 -47.28 6.95 1.99
C ILE B 5 -47.36 5.41 1.95
N VAL B 6 -47.44 4.85 0.75
CA VAL B 6 -47.49 3.41 0.57
C VAL B 6 -46.18 2.92 -0.10
N ILE B 7 -45.84 1.70 0.25
CA ILE B 7 -44.88 0.91 -0.52
C ILE B 7 -45.66 0.16 -1.60
N ALA B 8 -45.54 0.62 -2.83
CA ALA B 8 -46.21 0.02 -3.94
C ALA B 8 -45.61 -1.33 -4.37
N SER B 9 -44.30 -1.44 -4.25
CA SER B 9 -43.58 -2.66 -4.69
C SER B 9 -42.19 -2.73 -4.02
N ALA B 10 -41.61 -3.92 -4.09
CA ALA B 10 -40.33 -4.19 -3.43
C ALA B 10 -39.64 -5.32 -4.04
N ALA B 11 -38.31 -5.32 -3.90
CA ALA B 11 -37.55 -6.43 -4.40
C ALA B 11 -36.12 -6.48 -3.82
N ARG B 12 -35.50 -7.63 -3.88
CA ARG B 12 -34.13 -7.74 -3.39
C ARG B 12 -33.35 -8.72 -4.23
N THR B 13 -32.05 -8.52 -4.31
CA THR B 13 -31.26 -9.62 -4.87
C THR B 13 -31.24 -10.76 -3.80
N ALA B 14 -30.99 -11.96 -4.24
CA ALA B 14 -30.37 -12.98 -3.33
C ALA B 14 -29.18 -12.38 -2.56
N VAL B 15 -28.90 -12.85 -1.35
CA VAL B 15 -27.81 -12.36 -0.56
C VAL B 15 -26.61 -13.30 -0.83
N GLY B 16 -25.53 -12.70 -1.27
CA GLY B 16 -24.35 -13.41 -1.65
C GLY B 16 -23.41 -13.68 -0.49
N SER B 17 -22.73 -14.81 -0.52
CA SER B 17 -21.66 -15.11 0.44
C SER B 17 -20.44 -14.18 0.23
N PHE B 18 -19.72 -13.87 1.30
CA PHE B 18 -18.47 -13.09 1.20
C PHE B 18 -17.50 -13.74 0.16
N ASN B 19 -16.99 -12.94 -0.77
CA ASN B 19 -16.27 -13.48 -1.93
C ASN B 19 -16.95 -14.69 -2.59
N GLY B 20 -18.28 -14.72 -2.57
CA GLY B 20 -19.05 -15.79 -3.19
C GLY B 20 -19.61 -15.32 -4.51
N ALA B 21 -20.93 -15.43 -4.69
CA ALA B 21 -21.57 -15.23 -6.02
C ALA B 21 -21.31 -13.86 -6.65
N PHE B 22 -21.31 -12.84 -5.81
CA PHE B 22 -21.19 -11.45 -6.18
C PHE B 22 -19.78 -10.86 -5.84
N ALA B 23 -18.79 -11.76 -5.70
CA ALA B 23 -17.40 -11.45 -5.34
C ALA B 23 -16.76 -10.21 -6.07
N ASN B 24 -17.15 -10.00 -7.33
CA ASN B 24 -16.59 -8.97 -8.17
C ASN B 24 -17.68 -8.13 -8.82
N THR B 25 -18.85 -8.08 -8.19
CA THR B 25 -19.96 -7.25 -8.61
C THR B 25 -20.06 -6.01 -7.75
N PRO B 26 -19.81 -4.86 -8.34
CA PRO B 26 -20.04 -3.59 -7.71
C PRO B 26 -21.49 -3.52 -7.20
N ALA B 27 -21.64 -2.96 -6.02
CA ALA B 27 -22.96 -2.77 -5.38
C ALA B 27 -24.03 -2.05 -6.23
N HIS B 28 -23.59 -1.05 -7.00
CA HIS B 28 -24.50 -0.30 -7.87
C HIS B 28 -25.14 -1.13 -8.99
N GLU B 29 -24.48 -2.21 -9.40
CA GLU B 29 -25.04 -3.16 -10.35
C GLU B 29 -26.13 -4.01 -9.72
N LEU B 30 -25.90 -4.47 -8.50
CA LEU B 30 -27.01 -5.04 -7.72
C LEU B 30 -28.15 -4.06 -7.47
N GLY B 31 -27.85 -2.80 -7.18
CA GLY B 31 -28.93 -1.87 -6.90
C GLY B 31 -29.71 -1.59 -8.20
N ALA B 32 -29.02 -1.59 -9.33
CA ALA B 32 -29.66 -1.25 -10.62
C ALA B 32 -30.70 -2.37 -10.93
N THR B 33 -30.38 -3.61 -10.57
CA THR B 33 -31.30 -4.72 -10.85
C THR B 33 -32.52 -4.60 -9.95
N VAL B 34 -32.32 -4.15 -8.69
CA VAL B 34 -33.46 -4.02 -7.83
C VAL B 34 -34.31 -2.82 -8.17
N ILE B 35 -33.71 -1.71 -8.58
CA ILE B 35 -34.50 -0.59 -9.08
C ILE B 35 -35.43 -0.97 -10.24
N SER B 36 -34.87 -1.68 -11.21
CA SER B 36 -35.60 -2.18 -12.38
C SER B 36 -36.77 -3.07 -11.96
N ALA B 37 -36.55 -3.85 -10.91
CA ALA B 37 -37.51 -4.83 -10.50
C ALA B 37 -38.64 -4.15 -9.78
N VAL B 38 -38.42 -3.12 -8.95
CA VAL B 38 -39.55 -2.47 -8.25
C VAL B 38 -40.50 -1.73 -9.17
N LEU B 39 -39.89 -1.11 -10.18
CA LEU B 39 -40.53 -0.47 -11.33
C LEU B 39 -41.41 -1.49 -12.04
N GLU B 40 -40.78 -2.55 -12.56
CA GLU B 40 -41.55 -3.59 -13.29
C GLU B 40 -42.63 -4.17 -12.41
N ARG B 41 -42.34 -4.41 -11.13
CA ARG B 41 -43.37 -4.98 -10.27
C ARG B 41 -44.55 -4.01 -9.95
N ALA B 42 -44.30 -2.73 -9.99
CA ALA B 42 -45.37 -1.75 -9.71
C ALA B 42 -46.09 -1.32 -10.99
N GLY B 43 -45.48 -1.62 -12.13
CA GLY B 43 -45.91 -1.11 -13.43
C GLY B 43 -45.69 0.39 -13.52
N VAL B 44 -44.55 0.86 -12.98
CA VAL B 44 -44.16 2.27 -13.07
C VAL B 44 -42.96 2.33 -13.98
N ALA B 45 -42.95 3.31 -14.88
CA ALA B 45 -41.81 3.51 -15.76
C ALA B 45 -40.70 4.21 -15.05
N ALA B 46 -39.48 3.84 -15.36
CA ALA B 46 -38.29 4.54 -14.96
C ALA B 46 -38.34 6.05 -15.17
N GLY B 47 -38.92 6.52 -16.28
CA GLY B 47 -39.09 7.97 -16.43
C GLY B 47 -39.90 8.72 -15.35
N GLU B 48 -40.71 8.02 -14.57
CA GLU B 48 -41.57 8.67 -13.60
C GLU B 48 -40.90 8.78 -12.24
N VAL B 49 -39.69 8.25 -12.12
CA VAL B 49 -39.04 8.24 -10.83
C VAL B 49 -38.51 9.66 -10.55
N ASN B 50 -38.76 10.20 -9.37
CA ASN B 50 -38.15 11.49 -9.07
C ASN B 50 -36.79 11.36 -8.44
N GLU B 51 -36.66 10.50 -7.45
CA GLU B 51 -35.37 10.30 -6.77
C GLU B 51 -35.08 8.89 -6.41
N VAL B 52 -33.79 8.55 -6.37
CA VAL B 52 -33.39 7.25 -5.84
C VAL B 52 -32.56 7.51 -4.52
N ILE B 53 -32.81 6.76 -3.48
CA ILE B 53 -32.10 7.00 -2.17
C ILE B 53 -31.62 5.66 -1.70
N LEU B 54 -30.30 5.41 -1.76
CA LEU B 54 -29.77 4.11 -1.37
C LEU B 54 -28.72 4.16 -0.23
N GLY B 55 -29.12 3.64 0.92
CA GLY B 55 -28.18 3.32 1.96
C GLY B 55 -26.99 2.47 1.47
N GLN B 56 -25.81 2.83 1.93
CA GLN B 56 -24.58 2.12 1.55
C GLN B 56 -23.48 2.56 2.49
N VAL B 57 -22.78 1.55 3.09
CA VAL B 57 -21.77 1.81 4.13
C VAL B 57 -20.36 1.83 3.57
N LEU B 58 -20.12 1.08 2.51
CA LEU B 58 -18.76 0.73 1.99
C LEU B 58 -18.60 1.08 0.48
N PRO B 59 -18.73 2.35 0.09
CA PRO B 59 -18.65 2.76 -1.31
C PRO B 59 -17.25 3.13 -1.80
N ALA B 60 -16.22 2.98 -0.97
CA ALA B 60 -14.87 3.38 -1.38
C ALA B 60 -14.36 2.61 -2.65
N GLY B 61 -13.78 3.39 -3.56
CA GLY B 61 -13.36 2.92 -4.86
C GLY B 61 -14.41 2.69 -5.92
N GLU B 62 -15.71 2.78 -5.62
CA GLU B 62 -16.80 2.54 -6.59
C GLU B 62 -17.14 3.76 -7.49
N GLY B 63 -16.59 4.91 -7.15
CA GLY B 63 -16.72 6.08 -7.97
C GLY B 63 -17.85 6.92 -7.45
N GLN B 64 -18.06 8.01 -8.15
CA GLN B 64 -18.92 9.13 -7.65
C GLN B 64 -20.30 8.54 -7.41
N ASN B 65 -20.91 8.83 -6.24
CA ASN B 65 -22.31 8.56 -5.87
C ASN B 65 -22.85 7.32 -6.57
N PRO B 66 -22.49 6.15 -6.05
CA PRO B 66 -23.04 4.88 -6.56
C PRO B 66 -24.57 4.80 -6.69
N ALA B 67 -25.31 5.46 -5.82
CA ALA B 67 -26.79 5.61 -6.02
C ALA B 67 -27.18 6.16 -7.43
N ARG B 68 -26.49 7.22 -7.86
CA ARG B 68 -26.70 7.78 -9.19
C ARG B 68 -26.25 6.77 -10.24
N GLN B 69 -25.14 6.09 -9.98
CA GLN B 69 -24.67 5.07 -10.83
C GLN B 69 -25.73 3.96 -10.99
N ALA B 70 -26.29 3.51 -9.89
CA ALA B 70 -27.33 2.49 -9.95
C ALA B 70 -28.56 3.03 -10.72
N ALA B 71 -29.00 4.25 -10.42
CA ALA B 71 -30.24 4.78 -11.01
C ALA B 71 -30.12 4.95 -12.52
N MET B 72 -28.99 5.45 -12.97
CA MET B 72 -28.79 5.65 -14.41
C MET B 72 -28.71 4.30 -15.15
N LYS B 73 -28.12 3.30 -14.53
CA LYS B 73 -27.96 2.01 -15.17
C LYS B 73 -29.35 1.38 -15.37
N ALA B 74 -30.29 1.81 -14.54
CA ALA B 74 -31.68 1.33 -14.55
C ALA B 74 -32.62 2.13 -15.45
N GLY B 75 -32.09 3.13 -16.15
CA GLY B 75 -32.86 3.94 -17.08
C GLY B 75 -33.61 5.05 -16.41
N VAL B 76 -33.33 5.32 -15.14
CA VAL B 76 -33.92 6.43 -14.49
C VAL B 76 -33.24 7.60 -15.20
N PRO B 77 -34.05 8.55 -15.67
CA PRO B 77 -33.57 9.65 -16.50
C PRO B 77 -32.64 10.61 -15.75
N GLN B 78 -31.72 11.21 -16.50
CA GLN B 78 -30.80 12.19 -15.91
C GLN B 78 -31.48 13.33 -15.14
N GLU B 79 -32.76 13.58 -15.40
CA GLU B 79 -33.49 14.69 -14.73
C GLU B 79 -33.92 14.41 -13.28
N ALA B 80 -33.94 13.13 -12.95
CA ALA B 80 -34.14 12.72 -11.56
C ALA B 80 -32.87 12.93 -10.75
N THR B 81 -32.90 12.60 -9.46
CA THR B 81 -31.76 12.78 -8.58
C THR B 81 -31.55 11.51 -7.77
N ALA B 82 -30.39 11.38 -7.14
CA ALA B 82 -30.05 10.18 -6.41
C ALA B 82 -28.96 10.54 -5.44
N TRP B 83 -29.02 9.93 -4.26
CA TRP B 83 -28.02 10.11 -3.24
C TRP B 83 -27.91 8.93 -2.35
N GLY B 84 -26.75 8.82 -1.69
CA GLY B 84 -26.51 7.76 -0.76
C GLY B 84 -26.52 8.25 0.62
N MET B 85 -26.75 7.31 1.53
CA MET B 85 -26.65 7.69 2.92
C MET B 85 -26.10 6.56 3.74
N ASN B 86 -25.67 6.92 4.94
CA ASN B 86 -25.05 5.98 5.83
C ASN B 86 -25.47 6.12 7.30
N GLN B 87 -26.27 5.18 7.78
CA GLN B 87 -26.59 5.05 9.20
C GLN B 87 -26.33 3.57 9.56
N LEU B 88 -25.19 3.08 9.05
CA LEU B 88 -24.74 1.71 9.14
C LEU B 88 -25.83 0.64 8.80
N ALA B 89 -26.13 -0.29 9.70
CA ALA B 89 -27.06 -1.35 9.38
C ALA B 89 -28.45 -0.72 9.37
N GLY B 90 -28.60 0.47 9.91
CA GLY B 90 -29.89 1.18 9.86
C GLY B 90 -30.21 1.63 8.41
N SER B 91 -29.21 1.56 7.55
CA SER B 91 -29.27 2.35 6.32
C SER B 91 -30.42 2.11 5.39
N GLY B 92 -30.69 0.84 5.15
CA GLY B 92 -31.44 0.43 4.02
C GLY B 92 -32.89 0.72 4.48
N LEU B 93 -33.18 0.63 5.77
CA LEU B 93 -34.51 1.03 6.30
C LEU B 93 -34.70 2.54 6.45
N ARG B 94 -33.69 3.22 6.95
CA ARG B 94 -33.84 4.67 7.19
C ARG B 94 -34.00 5.37 5.81
N ALA B 95 -33.37 4.83 4.79
CA ALA B 95 -33.55 5.38 3.43
C ALA B 95 -34.99 5.34 3.02
N VAL B 96 -35.71 4.27 3.42
CA VAL B 96 -37.16 4.16 3.20
C VAL B 96 -37.98 5.24 3.89
N ALA B 97 -37.73 5.48 5.19
CA ALA B 97 -38.32 6.57 5.90
C ALA B 97 -37.93 7.88 5.28
N LEU B 98 -36.68 8.06 4.88
CA LEU B 98 -36.30 9.33 4.24
C LEU B 98 -37.04 9.58 2.89
N GLY B 99 -37.26 8.48 2.14
CA GLY B 99 -38.06 8.44 0.90
C GLY B 99 -39.49 8.88 1.18
N MET B 100 -40.10 8.27 2.19
CA MET B 100 -41.42 8.66 2.66
C MET B 100 -41.54 10.15 2.91
N GLN B 101 -40.53 10.71 3.58
CA GLN B 101 -40.56 12.10 3.98
C GLN B 101 -40.49 13.05 2.77
N GLN B 102 -39.89 12.59 1.71
CA GLN B 102 -39.76 13.40 0.49
C GLN B 102 -41.15 13.61 -0.09
N ILE B 103 -41.96 12.52 -0.10
CA ILE B 103 -43.33 12.55 -0.56
C ILE B 103 -44.22 13.30 0.44
N ALA B 104 -44.03 13.00 1.72
CA ALA B 104 -44.86 13.59 2.78
C ALA B 104 -44.84 15.15 2.82
N THR B 105 -43.71 15.74 2.48
CA THR B 105 -43.54 17.21 2.45
C THR B 105 -43.70 17.81 1.04
N GLY B 106 -44.20 17.00 0.11
CA GLY B 106 -44.50 17.47 -1.24
C GLY B 106 -43.33 17.75 -2.16
N ASP B 107 -42.15 17.24 -1.85
CA ASP B 107 -40.97 17.38 -2.73
C ASP B 107 -40.74 16.33 -3.83
N ALA B 108 -41.39 15.17 -3.70
CA ALA B 108 -41.41 14.17 -4.73
C ALA B 108 -42.72 13.38 -4.71
N SER B 109 -42.99 12.71 -5.84
CA SER B 109 -44.14 11.84 -5.98
C SER B 109 -43.79 10.37 -5.96
N ILE B 110 -42.61 10.08 -6.46
CA ILE B 110 -42.18 8.75 -6.69
C ILE B 110 -40.70 8.58 -6.33
N ILE B 111 -40.46 7.76 -5.33
CA ILE B 111 -39.12 7.52 -4.80
C ILE B 111 -38.80 6.03 -4.86
N VAL B 112 -37.64 5.66 -5.37
CA VAL B 112 -37.12 4.36 -5.07
C VAL B 112 -36.12 4.49 -3.86
N ALA B 113 -36.25 3.63 -2.84
CA ALA B 113 -35.43 3.68 -1.64
C ALA B 113 -35.04 2.29 -1.13
N GLY B 114 -33.78 2.16 -0.71
CA GLY B 114 -33.32 0.99 0.04
C GLY B 114 -31.86 1.06 0.31
N GLY B 115 -31.18 -0.03 0.03
CA GLY B 115 -29.74 -0.07 0.15
C GLY B 115 -29.07 -1.07 -0.69
N MET B 116 -27.75 -0.90 -0.78
CA MET B 116 -26.96 -1.83 -1.53
C MET B 116 -25.59 -1.89 -0.85
N GLU B 117 -24.98 -3.05 -0.94
CA GLU B 117 -23.68 -3.25 -0.31
C GLU B 117 -22.97 -4.35 -0.94
N SER B 118 -21.70 -4.10 -1.16
CA SER B 118 -20.77 -5.17 -1.55
C SER B 118 -19.62 -5.06 -0.56
N MET B 119 -19.67 -5.93 0.45
CA MET B 119 -18.58 -6.13 1.41
C MET B 119 -17.39 -6.80 0.78
N SER B 120 -17.61 -7.69 -0.18
CA SER B 120 -16.53 -8.34 -0.96
C SER B 120 -15.67 -7.35 -1.73
N MET B 121 -16.30 -6.41 -2.43
CA MET B 121 -15.63 -5.35 -3.19
C MET B 121 -15.03 -4.21 -2.36
N ALA B 122 -15.24 -4.18 -1.05
CA ALA B 122 -14.73 -3.07 -0.23
C ALA B 122 -13.20 -3.16 -0.18
N PRO B 123 -12.52 -2.04 -0.42
CA PRO B 123 -11.07 -2.11 -0.58
C PRO B 123 -10.34 -2.02 0.73
N HIS B 124 -9.05 -2.29 0.64
CA HIS B 124 -8.13 -1.88 1.67
C HIS B 124 -7.56 -0.47 1.30
N CYS B 125 -7.08 0.26 2.31
CA CYS B 125 -6.70 1.68 2.08
C CYS B 125 -5.65 2.15 3.05
N ALA B 126 -5.12 3.36 2.79
CA ALA B 126 -4.19 4.02 3.69
C ALA B 126 -4.06 5.47 3.26
N HIS B 127 -3.93 6.37 4.22
CA HIS B 127 -3.63 7.78 3.95
C HIS B 127 -2.15 7.89 3.67
N LEU B 128 -1.78 8.27 2.45
CA LEU B 128 -0.36 8.31 2.03
C LEU B 128 0.07 9.69 1.57
N ARG B 129 -0.78 10.70 1.77
CA ARG B 129 -0.52 12.05 1.23
C ARG B 129 0.66 12.78 1.82
N GLY B 130 0.77 12.71 3.14
CA GLY B 130 1.87 13.35 3.83
C GLY B 130 3.15 12.60 3.56
N GLY B 131 3.03 11.34 3.14
CA GLY B 131 4.14 10.42 3.11
C GLY B 131 4.25 9.66 4.41
N VAL B 132 5.15 8.70 4.38
CA VAL B 132 5.44 7.80 5.48
C VAL B 132 6.96 7.85 5.57
N LYS B 133 7.47 8.66 6.51
CA LYS B 133 8.89 9.02 6.52
C LYS B 133 9.75 7.85 6.97
N MET B 134 9.18 7.00 7.82
CA MET B 134 9.89 5.89 8.40
C MET B 134 8.92 5.04 9.23
N GLY B 135 9.15 3.74 9.26
CA GLY B 135 8.36 2.82 10.06
C GLY B 135 7.16 2.21 9.38
N ASP B 136 6.72 1.07 9.88
CA ASP B 136 5.62 0.33 9.24
C ASP B 136 4.34 1.10 9.32
N PHE B 137 3.43 0.75 8.43
CA PHE B 137 2.08 1.33 8.42
C PHE B 137 1.07 0.31 7.89
N LYS B 138 -0.18 0.39 8.33
CA LYS B 138 -1.18 -0.61 7.97
C LYS B 138 -1.95 -0.23 6.69
N MET B 139 -2.15 -1.20 5.81
CA MET B 139 -3.21 -1.13 4.84
C MET B 139 -4.47 -1.61 5.55
N ILE B 140 -5.41 -0.68 5.73
CA ILE B 140 -6.62 -0.87 6.54
C ILE B 140 -7.79 -1.49 5.74
N ASP B 141 -8.37 -2.56 6.26
CA ASP B 141 -9.53 -3.17 5.64
C ASP B 141 -10.71 -2.28 5.85
N THR B 142 -11.23 -1.65 4.78
CA THR B 142 -12.31 -0.68 4.98
C THR B 142 -13.58 -1.30 5.46
N MET B 143 -13.84 -2.55 5.05
CA MET B 143 -14.97 -3.28 5.57
C MET B 143 -14.93 -3.34 7.12
N ILE B 144 -13.81 -3.71 7.66
CA ILE B 144 -13.66 -3.82 9.13
C ILE B 144 -13.63 -2.45 9.79
N LYS B 145 -12.89 -1.51 9.21
CA LYS B 145 -12.67 -0.21 9.84
C LYS B 145 -13.95 0.65 9.81
N ASP B 146 -14.55 0.73 8.65
CA ASP B 146 -15.69 1.64 8.44
C ASP B 146 -17.02 0.95 8.69
N GLY B 147 -17.04 -0.37 8.63
CA GLY B 147 -18.26 -1.12 8.79
C GLY B 147 -18.43 -1.76 10.16
N LEU B 148 -17.37 -2.33 10.70
CA LEU B 148 -17.47 -3.34 11.74
C LEU B 148 -16.76 -3.01 13.02
N THR B 149 -16.08 -1.89 13.05
CA THR B 149 -15.37 -1.53 14.25
C THR B 149 -16.03 -0.35 14.97
N ASP B 150 -16.20 -0.43 16.28
CA ASP B 150 -16.70 0.73 17.00
C ASP B 150 -15.69 1.83 17.02
N ALA B 151 -16.13 3.07 16.77
CA ALA B 151 -15.19 4.20 16.61
C ALA B 151 -14.75 4.75 17.97
N PHE B 152 -15.53 4.49 19.01
CA PHE B 152 -15.26 5.03 20.33
C PHE B 152 -14.41 4.08 21.17
N TYR B 153 -14.68 2.78 21.08
CA TYR B 153 -13.99 1.77 21.87
C TYR B 153 -12.93 1.01 21.10
N GLY B 154 -12.96 1.10 19.79
CA GLY B 154 -11.92 0.47 19.00
C GLY B 154 -12.06 -1.04 18.86
N TYR B 155 -13.18 -1.62 19.27
CA TYR B 155 -13.35 -3.05 19.12
C TYR B 155 -14.46 -3.39 18.15
N HIS B 156 -14.43 -4.62 17.66
CA HIS B 156 -15.44 -5.11 16.72
C HIS B 156 -16.87 -5.14 17.33
N MET B 157 -17.86 -5.13 16.43
CA MET B 157 -19.27 -5.25 16.78
C MET B 157 -19.56 -6.56 17.53
N GLY B 158 -18.74 -7.57 17.34
CA GLY B 158 -18.90 -8.85 18.05
C GLY B 158 -18.62 -8.70 19.54
N THR B 159 -17.77 -7.73 19.87
CA THR B 159 -17.51 -7.37 21.26
C THR B 159 -18.73 -6.66 21.92
N THR B 160 -19.45 -5.84 21.17
CA THR B 160 -20.68 -5.24 21.68
C THR B 160 -21.67 -6.33 21.93
N ALA B 161 -21.64 -7.38 21.11
CA ALA B 161 -22.50 -8.53 21.28
C ALA B 161 -22.21 -9.30 22.55
N GLU B 162 -20.94 -9.54 22.82
CA GLU B 162 -20.51 -10.12 24.10
C GLU B 162 -20.96 -9.30 25.28
N ASN B 163 -20.85 -7.97 25.16
CA ASN B 163 -21.25 -7.06 26.24
C ASN B 163 -22.74 -7.23 26.54
N VAL B 164 -23.55 -7.38 25.49
CA VAL B 164 -24.99 -7.73 25.62
C VAL B 164 -25.22 -9.14 26.20
N ALA B 165 -24.42 -10.13 25.77
CA ALA B 165 -24.53 -11.48 26.33
C ALA B 165 -24.36 -11.42 27.84
N LYS B 166 -23.42 -10.59 28.34
CA LYS B 166 -23.07 -10.61 29.77
C LYS B 166 -24.12 -9.84 30.59
N GLN B 167 -24.60 -8.75 30.03
CA GLN B 167 -25.63 -7.94 30.69
C GLN B 167 -26.98 -8.65 30.83
N TRP B 168 -27.39 -9.41 29.79
CA TRP B 168 -28.66 -10.16 29.78
C TRP B 168 -28.48 -11.60 30.19
N GLN B 169 -27.25 -11.92 30.58
CA GLN B 169 -26.87 -13.26 30.98
C GLN B 169 -27.37 -14.31 30.01
N LEU B 170 -26.98 -14.18 28.73
CA LEU B 170 -27.36 -15.12 27.65
C LEU B 170 -26.25 -16.14 27.42
N SER B 171 -26.57 -17.40 27.64
CA SER B 171 -25.55 -18.45 27.60
C SER B 171 -25.13 -18.72 26.19
N ARG B 172 -24.00 -19.39 26.02
CA ARG B 172 -23.63 -19.94 24.71
C ARG B 172 -24.70 -20.87 24.11
N ASP B 173 -25.19 -21.82 24.92
CA ASP B 173 -26.22 -22.76 24.53
C ASP B 173 -27.48 -22.09 24.01
N GLU B 174 -27.90 -21.01 24.66
CA GLU B 174 -29.06 -20.22 24.17
C GLU B 174 -28.78 -19.52 22.79
N GLN B 175 -27.70 -18.74 22.69
CA GLN B 175 -27.20 -18.27 21.38
C GLN B 175 -27.18 -19.32 20.24
N ASP B 176 -26.54 -20.48 20.50
CA ASP B 176 -26.39 -21.56 19.56
C ASP B 176 -27.72 -22.10 19.11
N ALA B 177 -28.63 -22.25 20.06
CA ALA B 177 -30.01 -22.64 19.78
C ALA B 177 -30.71 -21.66 18.82
N PHE B 178 -30.61 -20.40 19.13
CA PHE B 178 -31.23 -19.37 18.35
C PHE B 178 -30.63 -19.42 16.94
N ALA B 179 -29.30 -19.58 16.85
CA ALA B 179 -28.60 -19.65 15.56
C ALA B 179 -29.08 -20.77 14.70
N VAL B 180 -29.07 -21.96 15.26
CA VAL B 180 -29.55 -23.18 14.60
C VAL B 180 -31.02 -23.01 14.16
N ALA B 181 -31.82 -22.35 14.98
CA ALA B 181 -33.22 -22.10 14.61
C ALA B 181 -33.27 -21.17 13.40
N SER B 182 -32.38 -20.17 13.33
CA SER B 182 -32.41 -19.28 12.18
C SER B 182 -32.13 -19.99 10.89
N GLN B 183 -31.11 -20.86 10.89
CA GLN B 183 -30.75 -21.61 9.72
C GLN B 183 -31.84 -22.54 9.30
N ASN B 184 -32.41 -23.26 10.26
CA ASN B 184 -33.36 -24.29 9.96
C ASN B 184 -34.62 -23.65 9.38
N LYS B 185 -34.98 -22.48 9.89
CA LYS B 185 -36.19 -21.74 9.46
C LYS B 185 -35.98 -21.12 8.04
N ALA B 186 -34.83 -20.48 7.82
CA ALA B 186 -34.36 -20.02 6.47
C ALA B 186 -34.28 -21.13 5.41
N GLU B 187 -33.69 -22.30 5.77
CA GLU B 187 -33.71 -23.44 4.88
C GLU B 187 -35.12 -23.86 4.44
N ALA B 188 -36.01 -23.93 5.41
CA ALA B 188 -37.42 -24.34 5.18
C ALA B 188 -38.09 -23.35 4.28
N ALA B 189 -37.85 -22.09 4.57
CA ALA B 189 -38.54 -21.07 3.83
C ALA B 189 -37.98 -21.09 2.43
N GLN B 190 -36.68 -21.37 2.26
CA GLN B 190 -36.08 -21.40 0.93
C GLN B 190 -36.61 -22.57 0.08
N LYS B 191 -36.51 -23.78 0.63
CA LYS B 191 -37.03 -24.98 -0.02
C LYS B 191 -38.52 -24.83 -0.41
N ASP B 192 -39.32 -24.19 0.46
CA ASP B 192 -40.76 -24.10 0.25
C ASP B 192 -41.13 -23.01 -0.76
N GLY B 193 -40.17 -22.15 -1.10
CA GLY B 193 -40.32 -21.17 -2.17
C GLY B 193 -40.72 -19.81 -1.60
N ARG B 194 -40.56 -19.59 -0.29
CA ARG B 194 -41.04 -18.36 0.32
C ARG B 194 -40.17 -17.16 -0.03
N PHE B 195 -38.93 -17.36 -0.49
CA PHE B 195 -38.11 -16.22 -0.90
C PHE B 195 -38.26 -15.89 -2.39
N LYS B 196 -38.93 -16.74 -3.15
CA LYS B 196 -39.11 -16.50 -4.58
C LYS B 196 -39.75 -15.15 -4.92
N ASP B 197 -40.81 -14.76 -4.24
CA ASP B 197 -41.52 -13.52 -4.55
C ASP B 197 -40.58 -12.34 -4.30
N GLU B 198 -39.86 -12.32 -3.18
CA GLU B 198 -39.04 -11.18 -2.86
C GLU B 198 -37.79 -11.01 -3.71
N ILE B 199 -37.18 -12.12 -4.11
CA ILE B 199 -35.95 -12.08 -4.84
C ILE B 199 -36.17 -11.78 -6.33
N VAL B 200 -35.38 -10.84 -6.85
CA VAL B 200 -35.22 -10.72 -8.31
C VAL B 200 -33.87 -11.38 -8.66
N PRO B 201 -33.85 -12.21 -9.68
CA PRO B 201 -32.59 -12.79 -10.07
C PRO B 201 -31.62 -11.77 -10.62
N PHE B 202 -30.34 -12.05 -10.38
CA PHE B 202 -29.28 -11.18 -10.81
C PHE B 202 -28.37 -12.01 -11.69
N ILE B 203 -28.06 -11.49 -12.87
CA ILE B 203 -27.13 -12.06 -13.82
C ILE B 203 -25.72 -11.55 -13.58
N VAL B 204 -24.86 -12.42 -13.08
CA VAL B 204 -23.44 -12.15 -12.97
C VAL B 204 -22.89 -12.31 -14.40
N LYS B 205 -22.47 -11.21 -15.02
CA LYS B 205 -21.94 -11.27 -16.38
C LYS B 205 -20.53 -11.85 -16.35
N GLY B 206 -20.30 -12.85 -17.16
CA GLY B 206 -19.00 -13.47 -17.25
C GLY B 206 -18.36 -13.26 -18.60
N ARG B 207 -17.19 -13.88 -18.72
CA ARG B 207 -16.39 -13.89 -19.93
C ARG B 207 -16.61 -15.26 -20.58
N LYS B 208 -16.50 -16.33 -19.78
CA LYS B 208 -16.87 -17.69 -20.21
C LYS B 208 -18.29 -18.09 -19.76
N GLY B 209 -19.26 -17.18 -19.79
CA GLY B 209 -20.66 -17.48 -19.50
C GLY B 209 -21.28 -16.72 -18.33
N ASP B 210 -22.54 -16.31 -18.49
CA ASP B 210 -23.28 -15.62 -17.45
C ASP B 210 -23.86 -16.62 -16.45
N ILE B 211 -23.86 -16.26 -15.19
CA ILE B 211 -24.44 -17.06 -14.13
C ILE B 211 -25.64 -16.26 -13.57
N THR B 212 -26.81 -16.87 -13.55
CA THR B 212 -28.01 -16.33 -12.92
C THR B 212 -28.07 -16.74 -11.42
N VAL B 213 -28.10 -15.73 -10.54
CA VAL B 213 -28.19 -15.97 -9.08
C VAL B 213 -29.59 -15.59 -8.57
N ASP B 214 -30.37 -16.57 -8.14
CA ASP B 214 -31.69 -16.31 -7.54
C ASP B 214 -31.95 -17.04 -6.21
N ALA B 215 -30.90 -17.59 -5.61
CA ALA B 215 -31.03 -18.21 -4.31
C ALA B 215 -30.00 -17.66 -3.30
N ASP B 216 -30.45 -17.60 -2.09
CA ASP B 216 -29.62 -17.03 -1.03
C ASP B 216 -28.55 -18.01 -0.65
N GLU B 217 -27.31 -17.73 -0.97
CA GLU B 217 -26.36 -18.82 -0.88
C GLU B 217 -25.68 -19.01 0.49
N TYR B 218 -25.89 -18.09 1.41
CA TYR B 218 -25.25 -18.15 2.72
C TYR B 218 -25.94 -19.16 3.62
N ILE B 219 -27.21 -19.47 3.33
CA ILE B 219 -28.03 -20.36 4.17
C ILE B 219 -27.48 -21.79 4.14
N ARG B 220 -27.02 -22.26 5.30
CA ARG B 220 -26.49 -23.58 5.40
C ARG B 220 -27.63 -24.53 5.54
N HIS B 221 -27.49 -25.62 4.82
CA HIS B 221 -28.48 -26.64 4.76
C HIS B 221 -28.05 -27.72 5.75
N GLY B 222 -28.99 -28.11 6.59
CA GLY B 222 -28.78 -29.16 7.58
C GLY B 222 -27.88 -28.75 8.73
N ALA B 223 -28.03 -27.51 9.18
CA ALA B 223 -27.21 -26.97 10.26
C ALA B 223 -27.51 -27.75 11.54
N THR B 224 -26.45 -28.22 12.19
CA THR B 224 -26.58 -29.07 13.38
C THR B 224 -26.18 -28.23 14.59
N LEU B 225 -26.72 -28.61 15.75
CA LEU B 225 -26.37 -27.96 17.01
C LEU B 225 -24.91 -28.27 17.28
N ASP B 226 -24.51 -29.52 17.14
CA ASP B 226 -23.09 -29.88 17.29
C ASP B 226 -22.10 -28.94 16.56
N SER B 227 -22.46 -28.47 15.39
CA SER B 227 -21.54 -27.70 14.56
C SER B 227 -21.47 -26.23 15.01
N MET B 228 -22.51 -25.75 15.70
CA MET B 228 -22.49 -24.47 16.40
C MET B 228 -21.67 -24.63 17.70
N ALA B 229 -21.98 -25.66 18.46
CA ALA B 229 -21.38 -25.89 19.77
C ALA B 229 -19.88 -26.05 19.72
N LYS B 230 -19.35 -26.64 18.63
CA LYS B 230 -17.90 -26.93 18.54
C LYS B 230 -17.00 -25.71 18.15
N LEU B 231 -17.61 -24.64 17.67
CA LEU B 231 -16.91 -23.41 17.30
C LEU B 231 -16.26 -22.71 18.46
N ARG B 232 -15.20 -21.97 18.18
CA ARG B 232 -14.45 -21.24 19.20
C ARG B 232 -14.98 -19.84 19.13
N PRO B 233 -15.10 -19.19 20.28
CA PRO B 233 -15.51 -17.79 20.35
C PRO B 233 -14.65 -16.95 19.43
N ALA B 234 -15.26 -16.10 18.63
CA ALA B 234 -14.53 -15.35 17.62
C ALA B 234 -13.87 -14.04 18.10
N PHE B 235 -14.28 -13.53 19.26
CA PHE B 235 -13.98 -12.11 19.69
C PHE B 235 -13.42 -11.97 21.10
N ASP B 236 -13.63 -13.01 21.89
CA ASP B 236 -13.32 -13.02 23.30
C ASP B 236 -12.96 -14.47 23.61
N LYS B 237 -11.74 -14.75 24.03
CA LYS B 237 -11.28 -16.14 24.08
C LYS B 237 -11.98 -16.97 25.17
N GLU B 238 -12.51 -16.30 26.19
CA GLU B 238 -13.41 -16.91 27.16
C GLU B 238 -14.85 -16.45 26.88
N GLY B 239 -15.18 -16.31 25.60
CA GLY B 239 -16.44 -15.72 25.20
C GLY B 239 -17.49 -16.76 24.80
N THR B 240 -18.39 -16.31 23.96
CA THR B 240 -19.69 -16.94 23.76
C THR B 240 -20.13 -16.72 22.30
N VAL B 241 -19.69 -15.62 21.72
CA VAL B 241 -20.07 -15.22 20.39
C VAL B 241 -19.09 -15.86 19.42
N THR B 242 -19.62 -16.59 18.43
CA THR B 242 -18.83 -17.34 17.47
C THR B 242 -19.19 -16.94 16.01
N ALA B 243 -18.38 -17.40 15.05
CA ALA B 243 -18.74 -17.33 13.61
C ALA B 243 -20.15 -17.88 13.32
N GLY B 244 -20.53 -18.93 14.03
CA GLY B 244 -21.82 -19.58 13.91
C GLY B 244 -23.03 -18.85 14.51
N ASN B 245 -22.88 -18.08 15.58
CA ASN B 245 -24.06 -17.39 16.13
C ASN B 245 -24.03 -15.89 15.87
N ALA B 246 -23.13 -15.49 14.97
CA ALA B 246 -23.07 -14.15 14.41
C ALA B 246 -23.50 -14.21 12.96
N SER B 247 -23.94 -13.08 12.39
CA SER B 247 -24.23 -13.03 10.96
C SER B 247 -22.94 -13.01 10.22
N GLY B 248 -23.00 -13.00 8.89
CA GLY B 248 -21.82 -13.08 8.07
C GLY B 248 -21.49 -11.74 7.46
N LEU B 249 -20.54 -11.80 6.54
CA LEU B 249 -20.14 -10.67 5.69
C LEU B 249 -20.71 -11.04 4.35
N ASN B 250 -21.53 -10.16 3.80
CA ASN B 250 -22.41 -10.52 2.66
C ASN B 250 -22.59 -9.39 1.64
N ASP B 251 -23.07 -9.75 0.49
CA ASP B 251 -23.34 -8.76 -0.58
C ASP B 251 -24.81 -8.85 -0.99
N GLY B 252 -25.43 -7.71 -1.28
CA GLY B 252 -26.81 -7.67 -1.70
C GLY B 252 -27.44 -6.28 -1.86
N ALA B 253 -28.61 -6.23 -2.49
CA ALA B 253 -29.33 -4.97 -2.52
C ALA B 253 -30.80 -5.21 -2.33
N ALA B 254 -31.48 -4.13 -2.02
CA ALA B 254 -32.89 -4.21 -1.79
C ALA B 254 -33.48 -2.87 -1.81
N ALA B 255 -34.78 -2.83 -2.16
CA ALA B 255 -35.44 -1.58 -2.41
C ALA B 255 -36.95 -1.68 -2.36
N ALA B 256 -37.55 -0.51 -2.20
CA ALA B 256 -38.99 -0.35 -2.23
C ALA B 256 -39.34 0.86 -3.13
N LEU B 257 -40.43 0.77 -3.88
CA LEU B 257 -40.93 1.93 -4.63
C LEU B 257 -42.05 2.51 -3.80
N LEU B 258 -41.92 3.79 -3.49
CA LEU B 258 -42.90 4.58 -2.74
C LEU B 258 -43.68 5.59 -3.51
N MET B 259 -44.90 5.83 -3.07
CA MET B 259 -45.70 6.89 -3.62
C MET B 259 -46.81 7.14 -2.66
N SER B 260 -47.63 8.15 -2.90
CA SER B 260 -48.70 8.37 -1.93
C SER B 260 -49.76 7.25 -2.02
N GLU B 261 -50.61 7.10 -1.00
CA GLU B 261 -51.72 6.14 -1.13
C GLU B 261 -52.71 6.61 -2.20
N ALA B 262 -53.03 7.89 -2.23
CA ALA B 262 -53.94 8.38 -3.27
C ALA B 262 -53.35 8.11 -4.66
N GLU B 263 -52.04 8.28 -4.82
CA GLU B 263 -51.41 7.97 -6.12
C GLU B 263 -51.52 6.52 -6.56
N ALA B 264 -51.34 5.58 -5.63
CA ALA B 264 -51.33 4.15 -5.98
C ALA B 264 -52.73 3.76 -6.40
N SER B 265 -53.71 4.42 -5.81
CA SER B 265 -55.10 4.20 -6.14
C SER B 265 -55.36 4.63 -7.59
N ARG B 266 -54.94 5.82 -7.96
CA ARG B 266 -55.09 6.34 -9.31
C ARG B 266 -54.49 5.38 -10.33
N ARG B 267 -53.36 4.78 -10.00
CA ARG B 267 -52.70 3.89 -10.92
C ARG B 267 -53.31 2.48 -10.94
N GLY B 268 -54.11 2.20 -9.92
CA GLY B 268 -54.71 0.91 -9.72
C GLY B 268 -53.69 -0.09 -9.19
N ILE B 269 -52.81 0.33 -8.28
CA ILE B 269 -51.75 -0.51 -7.71
C ILE B 269 -52.31 -1.04 -6.38
N GLN B 270 -52.07 -2.31 -6.10
CA GLN B 270 -52.38 -2.87 -4.77
C GLN B 270 -51.07 -2.93 -3.99
N PRO B 271 -50.86 -1.96 -3.10
CA PRO B 271 -49.58 -1.82 -2.43
C PRO B 271 -49.35 -2.89 -1.42
N LEU B 272 -48.07 -3.12 -1.18
CA LEU B 272 -47.62 -4.11 -0.20
C LEU B 272 -47.85 -3.65 1.24
N GLY B 273 -48.13 -2.36 1.41
CA GLY B 273 -48.25 -1.83 2.74
C GLY B 273 -48.25 -0.33 2.85
N ARG B 274 -48.84 0.15 3.94
CA ARG B 274 -48.75 1.56 4.27
C ARG B 274 -47.74 1.79 5.39
N ILE B 275 -46.90 2.82 5.25
CA ILE B 275 -45.99 3.23 6.31
C ILE B 275 -46.79 4.04 7.31
N VAL B 276 -47.05 3.43 8.47
CA VAL B 276 -47.77 4.07 9.52
C VAL B 276 -46.89 4.90 10.52
N SER B 277 -45.65 4.50 10.79
CA SER B 277 -44.76 5.21 11.68
C SER B 277 -43.32 4.66 11.44
N TRP B 278 -42.33 5.40 11.89
CA TRP B 278 -40.91 4.96 11.93
C TRP B 278 -40.28 5.67 13.17
N ALA B 279 -39.12 5.19 13.65
CA ALA B 279 -38.42 5.82 14.74
C ALA B 279 -36.95 5.44 14.70
N THR B 280 -36.08 6.35 15.16
CA THR B 280 -34.65 6.00 15.35
C THR B 280 -34.28 6.61 16.69
N VAL B 281 -33.59 5.83 17.49
CA VAL B 281 -33.23 6.20 18.86
C VAL B 281 -31.78 5.73 19.09
N GLY B 282 -31.06 6.46 19.95
CA GLY B 282 -29.72 6.04 20.30
C GLY B 282 -29.66 5.31 21.63
N VAL B 283 -28.66 4.44 21.75
CA VAL B 283 -28.28 3.76 22.99
C VAL B 283 -26.74 3.91 23.18
N ASP B 284 -26.19 3.24 24.19
CA ASP B 284 -24.77 3.27 24.48
C ASP B 284 -24.12 2.42 23.41
N PRO B 285 -23.07 2.95 22.77
CA PRO B 285 -22.26 2.20 21.81
C PRO B 285 -21.87 0.80 22.25
N LYS B 286 -21.49 0.65 23.52
CA LYS B 286 -21.01 -0.64 24.07
C LYS B 286 -22.03 -1.79 23.93
N VAL B 287 -23.31 -1.44 23.96
CA VAL B 287 -24.43 -2.35 23.83
C VAL B 287 -25.36 -1.97 22.63
N MET B 288 -24.77 -1.61 21.50
CA MET B 288 -25.56 -1.16 20.33
C MET B 288 -26.66 -2.18 19.84
N GLY B 289 -26.49 -3.48 20.12
CA GLY B 289 -27.48 -4.48 19.71
C GLY B 289 -28.87 -4.28 20.30
N THR B 290 -28.94 -3.44 21.34
CA THR B 290 -30.17 -3.20 22.07
C THR B 290 -30.98 -2.06 21.48
N GLY B 291 -30.39 -1.39 20.49
CA GLY B 291 -31.01 -0.32 19.76
C GLY B 291 -32.44 -0.57 19.38
N PRO B 292 -32.74 -1.78 18.89
CA PRO B 292 -34.08 -2.07 18.45
C PRO B 292 -35.11 -1.93 19.52
N ILE B 293 -34.75 -1.99 20.81
CA ILE B 293 -35.72 -1.87 21.86
C ILE B 293 -36.44 -0.49 21.97
N PRO B 294 -35.73 0.60 22.26
CA PRO B 294 -36.37 1.93 22.29
C PRO B 294 -36.84 2.36 20.88
N ALA B 295 -36.20 1.90 19.78
CA ALA B 295 -36.70 2.27 18.44
C ALA B 295 -38.03 1.60 18.16
N SER B 296 -38.18 0.31 18.48
CA SER B 296 -39.45 -0.32 18.24
C SER B 296 -40.50 0.25 19.13
N ARG B 297 -40.18 0.43 20.42
CA ARG B 297 -41.14 1.05 21.28
C ARG B 297 -41.59 2.39 20.76
N LYS B 298 -40.63 3.21 20.35
CA LYS B 298 -40.93 4.58 19.89
C LYS B 298 -41.82 4.50 18.60
N ALA B 299 -41.53 3.54 17.72
CA ALA B 299 -42.31 3.35 16.47
C ALA B 299 -43.75 2.91 16.75
N LEU B 300 -43.91 2.07 17.74
CA LEU B 300 -45.20 1.55 18.09
C LEU B 300 -45.97 2.68 18.73
N GLU B 301 -45.34 3.50 19.56
CA GLU B 301 -46.05 4.59 20.20
C GLU B 301 -46.52 5.64 19.16
N ARG B 302 -45.65 5.90 18.20
CA ARG B 302 -46.01 6.76 17.07
C ARG B 302 -47.16 6.25 16.23
N ALA B 303 -47.27 4.92 16.13
CA ALA B 303 -48.32 4.26 15.37
C ALA B 303 -49.64 4.20 16.15
N GLY B 304 -49.52 4.21 17.48
CA GLY B 304 -50.64 4.09 18.40
C GLY B 304 -50.88 2.60 18.64
N TRP B 305 -49.88 1.76 18.46
CA TRP B 305 -50.05 0.34 18.56
C TRP B 305 -49.44 -0.16 19.87
N LYS B 306 -50.02 -1.23 20.44
CA LYS B 306 -49.35 -2.02 21.50
C LYS B 306 -48.44 -3.06 20.89
N ILE B 307 -47.49 -3.58 21.66
CA ILE B 307 -46.63 -4.65 21.15
C ILE B 307 -47.47 -5.87 20.66
N GLY B 308 -48.44 -6.30 21.46
CA GLY B 308 -49.40 -7.34 21.12
C GLY B 308 -50.31 -7.13 19.89
N ASP B 309 -50.35 -5.91 19.34
CA ASP B 309 -51.06 -5.66 18.07
C ASP B 309 -50.35 -6.20 16.86
N LEU B 310 -49.02 -6.40 16.95
CA LEU B 310 -48.26 -6.88 15.81
C LEU B 310 -48.61 -8.31 15.42
N ASP B 311 -48.73 -8.58 14.13
CA ASP B 311 -48.90 -9.94 13.61
C ASP B 311 -47.60 -10.56 13.06
N LEU B 312 -46.63 -9.70 12.74
CA LEU B 312 -45.36 -10.19 12.13
C LEU B 312 -44.27 -9.21 12.41
N VAL B 313 -43.04 -9.70 12.56
CA VAL B 313 -41.93 -8.85 12.90
C VAL B 313 -40.71 -9.39 12.24
N GLU B 314 -39.92 -8.51 11.67
CA GLU B 314 -38.53 -8.78 11.34
C GLU B 314 -37.65 -7.96 12.23
N ALA B 315 -36.91 -8.65 13.10
CA ALA B 315 -35.83 -8.05 13.87
C ALA B 315 -34.46 -8.64 13.39
N ASN B 316 -33.61 -7.78 12.83
CA ASN B 316 -32.34 -8.21 12.31
C ASN B 316 -31.47 -8.97 13.31
N GLU B 317 -30.97 -10.11 12.85
CA GLU B 317 -30.08 -10.92 13.64
C GLU B 317 -28.63 -10.59 13.33
N ALA B 318 -28.12 -9.46 13.84
CA ALA B 318 -26.71 -9.24 13.67
C ALA B 318 -25.91 -10.25 14.47
N PHE B 319 -26.37 -10.50 15.69
CA PHE B 319 -25.79 -11.46 16.62
C PHE B 319 -26.90 -12.17 17.40
N ALA B 320 -26.78 -13.49 17.52
CA ALA B 320 -27.74 -14.22 18.35
C ALA B 320 -27.92 -13.56 19.74
N ALA B 321 -26.82 -13.15 20.34
CA ALA B 321 -26.86 -12.51 21.67
C ALA B 321 -27.84 -11.35 21.67
N GLN B 322 -27.68 -10.40 20.76
CA GLN B 322 -28.53 -9.19 20.82
C GLN B 322 -29.94 -9.47 20.32
N ALA B 323 -30.09 -10.35 19.33
CA ALA B 323 -31.44 -10.72 18.87
C ALA B 323 -32.25 -11.26 20.08
N CYS B 324 -31.62 -12.14 20.83
CA CYS B 324 -32.24 -12.72 22.02
C CYS B 324 -32.59 -11.64 23.05
N ALA B 325 -31.71 -10.66 23.27
CA ALA B 325 -32.00 -9.60 24.28
C ALA B 325 -33.20 -8.75 23.87
N VAL B 326 -33.22 -8.31 22.61
CA VAL B 326 -34.36 -7.64 21.98
C VAL B 326 -35.70 -8.38 22.22
N ASN B 327 -35.75 -9.67 21.86
CA ASN B 327 -36.93 -10.50 22.02
C ASN B 327 -37.34 -10.60 23.48
N LYS B 328 -36.36 -10.75 24.37
CA LYS B 328 -36.65 -10.78 25.82
C LYS B 328 -37.30 -9.48 26.31
N ASP B 329 -36.71 -8.34 26.01
CA ASP B 329 -37.16 -7.07 26.64
C ASP B 329 -38.51 -6.61 26.09
N LEU B 330 -38.65 -6.74 24.77
CA LEU B 330 -39.90 -6.44 24.10
C LEU B 330 -40.98 -7.48 24.41
N GLY B 331 -40.64 -8.76 24.41
CA GLY B 331 -41.58 -9.79 24.87
C GLY B 331 -42.68 -10.13 23.87
N TRP B 332 -42.49 -9.75 22.61
CA TRP B 332 -43.41 -10.19 21.56
C TRP B 332 -43.20 -11.71 21.32
N ASP B 333 -44.24 -12.35 20.82
CA ASP B 333 -44.26 -13.78 20.64
C ASP B 333 -43.10 -14.07 19.70
N PRO B 334 -42.11 -14.80 20.13
CA PRO B 334 -41.03 -15.19 19.21
C PRO B 334 -41.50 -15.97 17.97
N SER B 335 -42.65 -16.64 17.99
CA SER B 335 -43.23 -17.38 16.85
C SER B 335 -43.67 -16.47 15.66
N ILE B 336 -43.87 -15.19 15.91
CA ILE B 336 -44.10 -14.23 14.82
C ILE B 336 -42.86 -13.43 14.39
N VAL B 337 -41.68 -13.75 14.92
CA VAL B 337 -40.43 -13.06 14.57
C VAL B 337 -39.50 -13.90 13.72
N ASN B 338 -39.03 -13.30 12.62
CA ASN B 338 -38.09 -13.93 11.71
C ASN B 338 -38.55 -15.34 11.36
N VAL B 339 -39.79 -15.38 10.97
CA VAL B 339 -40.58 -16.56 10.60
C VAL B 339 -39.97 -17.39 9.47
N ASN B 340 -39.30 -16.72 8.53
CA ASN B 340 -38.45 -17.34 7.49
C ASN B 340 -36.95 -17.33 7.74
N GLY B 341 -36.57 -17.30 9.00
CA GLY B 341 -35.20 -17.09 9.41
C GLY B 341 -34.77 -15.64 9.36
N GLY B 342 -33.54 -15.40 9.85
CA GLY B 342 -32.92 -14.07 9.86
C GLY B 342 -31.48 -14.11 9.33
N ALA B 343 -30.77 -13.02 9.63
CA ALA B 343 -29.47 -12.72 9.06
C ALA B 343 -28.39 -13.70 9.38
N ILE B 344 -28.49 -14.45 10.50
CA ILE B 344 -27.52 -15.45 10.82
C ILE B 344 -27.41 -16.48 9.71
N ALA B 345 -28.58 -16.85 9.20
CA ALA B 345 -28.67 -17.73 8.10
C ALA B 345 -28.60 -17.00 6.73
N ILE B 346 -29.28 -15.87 6.61
CA ILE B 346 -29.47 -15.26 5.29
C ILE B 346 -28.25 -14.41 4.86
N GLY B 347 -27.65 -13.75 5.84
CA GLY B 347 -26.49 -12.91 5.60
C GLY B 347 -26.82 -11.48 5.93
N HIS B 348 -25.78 -10.65 6.08
CA HIS B 348 -25.95 -9.28 6.57
C HIS B 348 -25.05 -8.31 5.72
N PRO B 349 -25.53 -8.01 4.51
CA PRO B 349 -24.93 -6.94 3.70
C PRO B 349 -25.35 -5.58 4.28
N ILE B 350 -24.44 -4.99 5.06
CA ILE B 350 -24.75 -3.94 6.03
C ILE B 350 -25.78 -2.91 5.58
N GLY B 351 -25.46 -2.13 4.56
CA GLY B 351 -26.28 -1.01 4.14
C GLY B 351 -27.53 -1.40 3.41
N ALA B 352 -27.56 -2.63 2.92
CA ALA B 352 -28.74 -3.24 2.31
C ALA B 352 -29.67 -4.00 3.26
N SER B 353 -29.25 -4.34 4.48
CA SER B 353 -30.02 -5.29 5.31
C SER B 353 -31.41 -4.76 5.80
N GLY B 354 -31.57 -3.48 6.07
CA GLY B 354 -32.81 -2.91 6.64
C GLY B 354 -33.93 -2.92 5.58
N ALA B 355 -33.53 -2.76 4.33
CA ALA B 355 -34.48 -2.98 3.21
C ALA B 355 -34.62 -4.49 2.87
N ARG B 356 -33.61 -5.29 3.15
CA ARG B 356 -33.67 -6.71 2.94
C ARG B 356 -34.73 -7.26 3.84
N ILE B 357 -34.71 -6.91 5.11
CA ILE B 357 -35.69 -7.46 6.02
C ILE B 357 -37.07 -6.80 5.84
N LEU B 358 -37.13 -5.53 5.43
CA LEU B 358 -38.41 -5.01 4.99
C LEU B 358 -39.04 -5.86 3.87
N ASN B 359 -38.25 -6.30 2.90
CA ASN B 359 -38.73 -7.09 1.73
C ASN B 359 -39.29 -8.41 2.26
N THR B 360 -38.60 -8.98 3.23
CA THR B 360 -39.09 -10.23 3.81
C THR B 360 -40.40 -10.09 4.65
N LEU B 361 -40.52 -9.04 5.48
CA LEU B 361 -41.78 -8.70 6.17
C LEU B 361 -42.93 -8.45 5.22
N LEU B 362 -42.73 -7.56 4.27
CA LEU B 362 -43.77 -7.28 3.32
C LEU B 362 -44.27 -8.50 2.58
N PHE B 363 -43.40 -9.39 2.09
CA PHE B 363 -43.86 -10.48 1.19
C PHE B 363 -44.48 -11.59 2.02
N GLU B 364 -44.02 -11.71 3.25
CA GLU B 364 -44.66 -12.67 4.18
C GLU B 364 -45.98 -12.11 4.71
N MET B 365 -46.01 -10.84 5.09
CA MET B 365 -47.27 -10.16 5.42
C MET B 365 -48.32 -10.44 4.30
N LYS B 366 -47.94 -10.27 3.03
CA LYS B 366 -48.83 -10.51 1.92
C LYS B 366 -49.28 -11.97 1.85
N ARG B 367 -48.33 -12.86 2.04
CA ARG B 367 -48.57 -14.30 1.91
C ARG B 367 -49.53 -14.80 2.97
N ARG B 368 -49.40 -14.31 4.20
CA ARG B 368 -50.19 -14.87 5.28
C ARG B 368 -51.38 -14.02 5.63
N GLY B 369 -51.46 -12.82 5.07
CA GLY B 369 -52.60 -11.92 5.36
C GLY B 369 -52.48 -11.16 6.68
N ALA B 370 -51.26 -10.92 7.10
CA ALA B 370 -50.93 -10.26 8.34
C ALA B 370 -51.20 -8.79 8.11
N ARG B 371 -51.94 -8.19 9.03
CA ARG B 371 -52.32 -6.78 8.88
C ARG B 371 -51.28 -5.81 9.41
N LYS B 372 -50.63 -6.17 10.51
CA LYS B 372 -49.71 -5.23 11.18
C LYS B 372 -48.29 -5.83 11.36
N GLY B 373 -47.31 -5.13 10.86
CA GLY B 373 -45.95 -5.58 10.98
C GLY B 373 -44.98 -4.53 11.47
N LEU B 374 -43.76 -4.99 11.73
CA LEU B 374 -42.70 -4.10 12.19
C LEU B 374 -41.37 -4.73 11.81
N ALA B 375 -40.51 -3.86 11.31
CA ALA B 375 -39.14 -4.19 10.92
C ALA B 375 -38.26 -3.29 11.82
N THR B 376 -37.18 -3.85 12.35
CA THR B 376 -36.24 -3.18 13.21
C THR B 376 -34.81 -3.76 13.06
N LEU B 377 -33.85 -2.87 13.16
CA LEU B 377 -32.42 -3.18 13.22
C LEU B 377 -31.64 -2.43 14.29
N CYS B 378 -30.62 -3.10 14.79
CA CYS B 378 -29.56 -2.49 15.56
C CYS B 378 -28.51 -1.84 14.65
N ILE B 379 -27.75 -0.91 15.23
CA ILE B 379 -26.84 -0.06 14.46
C ILE B 379 -25.55 0.24 15.24
N GLY B 380 -24.40 0.07 14.60
CA GLY B 380 -23.12 0.24 15.22
C GLY B 380 -23.04 1.67 15.70
N GLY B 381 -22.34 1.85 16.80
CA GLY B 381 -22.22 3.17 17.38
C GLY B 381 -23.38 3.48 18.29
N GLY B 382 -24.33 2.56 18.42
CA GLY B 382 -25.36 2.69 19.44
C GLY B 382 -26.60 3.32 18.88
N MET B 383 -27.29 2.63 17.98
CA MET B 383 -28.58 3.19 17.56
C MET B 383 -29.53 2.11 17.17
N GLY B 384 -30.80 2.49 17.05
CA GLY B 384 -31.80 1.62 16.45
C GLY B 384 -32.71 2.33 15.48
N VAL B 385 -33.24 1.57 14.50
CA VAL B 385 -34.29 2.11 13.61
C VAL B 385 -35.46 1.10 13.60
N ALA B 386 -36.72 1.59 13.61
CA ALA B 386 -37.83 0.67 13.44
C ALA B 386 -38.92 1.30 12.53
N MET B 387 -39.65 0.48 11.79
CA MET B 387 -40.75 0.93 10.92
C MET B 387 -42.03 0.09 11.09
N CYS B 388 -43.17 0.75 11.30
CA CYS B 388 -44.44 0.08 11.28
C CYS B 388 -45.14 0.06 9.89
N ILE B 389 -45.70 -1.09 9.57
CA ILE B 389 -46.30 -1.26 8.25
C ILE B 389 -47.70 -1.79 8.53
N GLU B 390 -48.68 -1.23 7.84
CA GLU B 390 -50.00 -1.85 7.83
C GLU B 390 -50.43 -2.29 6.43
N SER B 391 -51.02 -3.50 6.32
CA SER B 391 -51.57 -3.95 5.06
C SER B 391 -52.75 -3.12 4.62
N LEU B 392 -52.84 -2.92 3.32
CA LEU B 392 -54.09 -2.62 2.68
C LEU B 392 -54.49 -3.85 1.83
N PRO C 3 50.49 -11.19 -5.11
CA PRO C 3 50.05 -10.42 -6.29
C PRO C 3 50.23 -8.89 -6.16
N SER C 4 49.93 -8.31 -4.99
CA SER C 4 50.20 -6.89 -4.70
C SER C 4 49.32 -5.95 -5.52
N ILE C 5 48.08 -5.78 -5.06
CA ILE C 5 47.13 -4.88 -5.69
C ILE C 5 47.33 -3.49 -5.03
N VAL C 6 46.97 -2.44 -5.80
CA VAL C 6 47.00 -1.05 -5.31
C VAL C 6 45.65 -0.32 -5.56
N ILE C 7 45.27 0.57 -4.62
CA ILE C 7 44.15 1.47 -4.85
C ILE C 7 44.72 2.63 -5.66
N ALA C 8 44.47 2.61 -6.96
CA ALA C 8 44.94 3.67 -7.87
C ALA C 8 44.24 5.01 -7.63
N SER C 9 42.91 4.98 -7.62
CA SER C 9 42.09 6.17 -7.44
C SER C 9 40.91 5.87 -6.52
N ALA C 10 40.20 6.94 -6.10
CA ALA C 10 39.02 6.80 -5.22
C ALA C 10 38.15 8.06 -5.22
N ALA C 11 36.84 7.89 -5.05
CA ALA C 11 35.94 9.03 -4.89
C ALA C 11 34.68 8.60 -4.17
N ARG C 12 33.96 9.63 -3.67
CA ARG C 12 32.64 9.45 -3.06
C ARG C 12 31.77 10.69 -3.27
N THR C 13 30.45 10.51 -3.26
CA THR C 13 29.51 11.63 -3.12
C THR C 13 29.62 12.17 -1.71
N ALA C 14 29.16 13.40 -1.52
CA ALA C 14 28.82 13.88 -0.19
C ALA C 14 27.75 12.95 0.39
N VAL C 15 27.53 13.03 1.69
CA VAL C 15 26.49 12.23 2.33
C VAL C 15 25.28 13.12 2.52
N GLY C 16 24.13 12.59 2.09
CA GLY C 16 22.86 13.26 2.16
C GLY C 16 22.11 12.93 3.44
N SER C 17 21.37 13.92 3.94
CA SER C 17 20.47 13.77 5.08
C SER C 17 19.27 12.95 4.65
N PHE C 18 18.63 12.29 5.61
CA PHE C 18 17.42 11.51 5.32
C PHE C 18 16.35 12.43 4.73
N ASN C 19 15.84 12.04 3.55
CA ASN C 19 14.89 12.84 2.77
C ASN C 19 15.38 14.29 2.47
N GLY C 20 16.67 14.43 2.24
CA GLY C 20 17.28 15.74 2.00
C GLY C 20 17.66 15.95 0.56
N ALA C 21 18.88 16.43 0.33
CA ALA C 21 19.40 16.71 -1.01
C ALA C 21 19.13 15.58 -2.02
N PHE C 22 19.26 14.33 -1.57
CA PHE C 22 19.08 13.18 -2.45
C PHE C 22 17.83 12.36 -2.10
N ALA C 23 16.79 13.02 -1.59
CA ALA C 23 15.55 12.34 -1.22
C ALA C 23 14.90 11.54 -2.35
N ASN C 24 15.16 11.93 -3.60
CA ASN C 24 14.58 11.27 -4.77
C ASN C 24 15.63 10.70 -5.74
N THR C 25 16.90 10.72 -5.35
CA THR C 25 17.98 10.20 -6.18
C THR C 25 18.19 8.70 -6.01
N PRO C 26 17.92 7.90 -7.04
CA PRO C 26 18.24 6.46 -7.02
C PRO C 26 19.70 6.22 -6.72
N ALA C 27 20.00 5.19 -5.92
CA ALA C 27 21.39 4.81 -5.61
C ALA C 27 22.32 4.74 -6.83
N HIS C 28 21.95 4.00 -7.86
CA HIS C 28 22.84 3.73 -9.00
C HIS C 28 23.24 5.01 -9.73
N GLU C 29 22.43 6.06 -9.59
CA GLU C 29 22.77 7.39 -10.11
C GLU C 29 23.92 7.99 -9.31
N LEU C 30 23.82 7.92 -7.99
CA LEU C 30 24.94 8.28 -7.12
C LEU C 30 26.13 7.37 -7.39
N GLY C 31 25.84 6.11 -7.68
CA GLY C 31 26.87 5.16 -8.05
C GLY C 31 27.63 5.53 -9.31
N ALA C 32 26.93 5.83 -10.38
CA ALA C 32 27.56 6.14 -11.67
C ALA C 32 28.55 7.31 -11.58
N THR C 33 28.17 8.32 -10.79
CA THR C 33 28.97 9.53 -10.57
C THR C 33 30.31 9.21 -9.87
N VAL C 34 30.29 8.33 -8.88
CA VAL C 34 31.52 7.92 -8.22
C VAL C 34 32.36 7.00 -9.12
N ILE C 35 31.71 6.24 -10.01
CA ILE C 35 32.41 5.37 -10.95
C ILE C 35 33.17 6.20 -11.98
N SER C 36 32.50 7.19 -12.53
CA SER C 36 33.11 8.12 -13.50
C SER C 36 34.26 8.84 -12.84
N ALA C 37 34.06 9.18 -11.57
CA ALA C 37 35.06 9.93 -10.80
C ALA C 37 36.39 9.17 -10.74
N VAL C 38 36.39 7.91 -10.26
CA VAL C 38 37.64 7.14 -10.11
C VAL C 38 38.27 6.79 -11.45
N LEU C 39 37.47 6.71 -12.50
CA LEU C 39 37.98 6.44 -13.83
C LEU C 39 38.81 7.62 -14.28
N GLU C 40 38.25 8.82 -14.09
CA GLU C 40 38.87 10.08 -14.50
C GLU C 40 40.06 10.45 -13.60
N ARG C 41 40.03 10.01 -12.34
CA ARG C 41 41.06 10.33 -11.37
C ARG C 41 42.30 9.46 -11.57
N ALA C 42 42.12 8.26 -12.12
CA ALA C 42 43.24 7.35 -12.38
C ALA C 42 43.82 7.61 -13.76
N GLY C 43 42.99 8.09 -14.68
CA GLY C 43 43.34 8.18 -16.07
C GLY C 43 43.11 6.87 -16.82
N VAL C 44 42.17 6.06 -16.36
CA VAL C 44 41.76 4.86 -17.08
C VAL C 44 40.40 5.12 -17.69
N ALA C 45 40.22 4.70 -18.94
CA ALA C 45 38.96 4.85 -19.64
C ALA C 45 38.04 3.72 -19.22
N ALA C 46 36.77 4.06 -19.07
CA ALA C 46 35.70 3.11 -18.75
C ALA C 46 35.77 1.77 -19.53
N GLY C 47 36.22 1.85 -20.78
CA GLY C 47 36.27 0.69 -21.65
C GLY C 47 37.36 -0.33 -21.33
N GLU C 48 38.20 -0.02 -20.34
CA GLU C 48 39.23 -0.95 -19.85
C GLU C 48 38.76 -1.71 -18.58
N VAL C 49 37.66 -1.27 -17.97
CA VAL C 49 37.12 -1.90 -16.76
C VAL C 49 36.63 -3.32 -17.06
N ASN C 50 37.03 -4.31 -16.26
CA ASN C 50 36.54 -5.69 -16.43
C ASN C 50 35.28 -5.99 -15.63
N GLU C 51 35.12 -5.38 -14.45
CA GLU C 51 33.97 -5.66 -13.58
C GLU C 51 33.79 -4.60 -12.49
N VAL C 52 32.52 -4.32 -12.18
CA VAL C 52 32.11 -3.33 -11.18
C VAL C 52 31.47 -4.09 -10.02
N ILE C 53 31.96 -3.89 -8.80
CA ILE C 53 31.35 -4.51 -7.62
C ILE C 53 30.82 -3.45 -6.66
N LEU C 54 29.49 -3.34 -6.52
CA LEU C 54 28.89 -2.43 -5.53
C LEU C 54 28.12 -3.12 -4.41
N GLY C 55 28.48 -2.80 -3.19
CA GLY C 55 27.70 -3.22 -2.05
C GLY C 55 26.45 -2.38 -2.03
N GLN C 56 25.35 -2.98 -1.60
CA GLN C 56 24.09 -2.28 -1.47
C GLN C 56 23.08 -3.12 -0.69
N VAL C 57 22.46 -2.48 0.31
CA VAL C 57 21.63 -3.21 1.29
C VAL C 57 20.14 -3.14 0.97
N LEU C 58 19.72 -2.11 0.24
CA LEU C 58 18.30 -1.74 0.10
C LEU C 58 17.93 -1.42 -1.36
N PRO C 59 17.89 -2.45 -2.21
CA PRO C 59 17.78 -2.27 -3.65
C PRO C 59 16.39 -2.48 -4.20
N ALA C 60 15.39 -2.57 -3.32
CA ALA C 60 14.05 -2.97 -3.72
C ALA C 60 13.33 -1.83 -4.45
N GLY C 61 12.88 -2.11 -5.68
CA GLY C 61 12.18 -1.14 -6.51
C GLY C 61 13.08 -0.47 -7.53
N GLU C 62 14.39 -0.49 -7.30
CA GLU C 62 15.35 0.16 -8.20
C GLU C 62 15.48 -0.54 -9.55
N GLY C 63 15.21 -1.84 -9.58
CA GLY C 63 15.20 -2.60 -10.80
C GLY C 63 16.34 -3.56 -10.84
N GLN C 64 16.58 -4.13 -12.02
CA GLN C 64 17.58 -5.19 -12.18
C GLN C 64 18.99 -4.78 -11.80
N ASN C 65 19.59 -5.49 -10.85
CA ASN C 65 21.02 -5.35 -10.58
C ASN C 65 21.46 -3.89 -10.78
N PRO C 66 21.22 -3.04 -9.78
CA PRO C 66 21.72 -1.66 -9.81
C PRO C 66 23.27 -1.49 -9.95
N ALA C 67 24.05 -2.55 -9.74
CA ALA C 67 25.49 -2.48 -10.03
C ALA C 67 25.71 -2.26 -11.52
N ARG C 68 24.99 -3.03 -12.32
CA ARG C 68 25.03 -2.89 -13.77
C ARG C 68 24.46 -1.53 -14.21
N GLN C 69 23.34 -1.10 -13.62
CA GLN C 69 22.75 0.23 -13.92
C GLN C 69 23.70 1.42 -13.67
N ALA C 70 24.55 1.34 -12.64
CA ALA C 70 25.47 2.42 -12.29
C ALA C 70 26.66 2.40 -13.23
N ALA C 71 27.07 1.19 -13.60
CA ALA C 71 28.18 0.96 -14.51
C ALA C 71 27.81 1.43 -15.92
N MET C 72 26.59 1.14 -16.35
CA MET C 72 26.22 1.35 -17.74
C MET C 72 25.99 2.83 -17.94
N LYS C 73 25.35 3.44 -16.95
CA LYS C 73 25.19 4.90 -16.90
C LYS C 73 26.56 5.58 -16.93
N ALA C 74 27.50 5.12 -16.10
CA ALA C 74 28.85 5.73 -16.01
C ALA C 74 29.71 5.60 -17.26
N GLY C 75 29.25 4.81 -18.24
CA GLY C 75 29.93 4.70 -19.52
C GLY C 75 30.87 3.51 -19.59
N VAL C 76 30.79 2.61 -18.60
CA VAL C 76 31.42 1.30 -18.72
C VAL C 76 30.71 0.53 -19.86
N PRO C 77 31.47 -0.12 -20.76
CA PRO C 77 30.88 -0.79 -21.93
C PRO C 77 30.22 -2.12 -21.60
N GLN C 78 29.30 -2.56 -22.45
CA GLN C 78 28.49 -3.76 -22.16
C GLN C 78 29.28 -5.05 -21.96
N GLU C 79 30.53 -5.09 -22.43
CA GLU C 79 31.36 -6.31 -22.40
C GLU C 79 31.98 -6.63 -21.04
N ALA C 80 31.92 -5.67 -20.13
CA ALA C 80 32.31 -5.84 -18.74
C ALA C 80 31.13 -6.38 -17.94
N THR C 81 31.39 -6.75 -16.70
CA THR C 81 30.37 -7.35 -15.85
C THR C 81 30.13 -6.52 -14.60
N ALA C 82 29.08 -6.84 -13.87
CA ALA C 82 28.67 -6.04 -12.71
C ALA C 82 27.71 -6.79 -11.76
N TRP C 83 28.04 -6.76 -10.48
CA TRP C 83 27.18 -7.33 -9.47
C TRP C 83 27.26 -6.52 -8.19
N GLY C 84 26.35 -6.78 -7.27
CA GLY C 84 26.40 -6.17 -5.95
C GLY C 84 26.53 -7.22 -4.86
N MET C 85 26.68 -6.79 -3.61
CA MET C 85 26.63 -7.70 -2.47
C MET C 85 26.13 -7.02 -1.16
N ASN C 86 25.89 -7.83 -0.12
CA ASN C 86 25.31 -7.36 1.13
C ASN C 86 25.94 -8.02 2.36
N GLN C 87 26.95 -7.38 2.93
CA GLN C 87 27.38 -7.67 4.30
C GLN C 87 26.93 -6.53 5.22
N LEU C 88 25.81 -5.90 4.88
CA LEU C 88 25.22 -4.78 5.63
C LEU C 88 26.18 -3.57 5.66
N ALA C 89 26.47 -3.01 6.82
CA ALA C 89 27.37 -1.85 6.88
C ALA C 89 28.80 -2.17 6.44
N GLY C 90 29.16 -3.46 6.46
CA GLY C 90 30.48 -3.89 5.99
C GLY C 90 30.63 -3.91 4.47
N SER C 91 29.49 -3.92 3.78
CA SER C 91 29.42 -4.18 2.34
C SER C 91 30.38 -3.37 1.45
N GLY C 92 30.43 -2.04 1.64
CA GLY C 92 31.20 -1.14 0.78
C GLY C 92 32.72 -1.31 0.87
N LEU C 93 33.20 -1.79 2.00
CA LEU C 93 34.62 -2.16 2.12
C LEU C 93 34.84 -3.60 1.68
N ARG C 94 33.87 -4.46 1.89
CA ARG C 94 34.00 -5.87 1.50
C ARG C 94 34.15 -5.98 -0.02
N ALA C 95 33.33 -5.24 -0.77
CA ALA C 95 33.41 -5.27 -2.22
C ALA C 95 34.82 -4.92 -2.72
N VAL C 96 35.48 -3.96 -2.07
CA VAL C 96 36.87 -3.59 -2.45
C VAL C 96 37.75 -4.81 -2.27
N ALA C 97 37.51 -5.57 -1.21
CA ALA C 97 38.33 -6.76 -0.92
C ALA C 97 38.03 -7.90 -1.91
N LEU C 98 36.77 -7.99 -2.31
CA LEU C 98 36.32 -8.93 -3.34
C LEU C 98 36.86 -8.62 -4.74
N GLY C 99 37.07 -7.33 -5.03
CA GLY C 99 37.71 -6.90 -6.27
C GLY C 99 39.21 -7.16 -6.25
N MET C 100 39.79 -7.14 -5.06
CA MET C 100 41.22 -7.39 -4.88
C MET C 100 41.53 -8.84 -5.22
N GLN C 101 40.57 -9.75 -4.94
CA GLN C 101 40.76 -11.19 -5.17
C GLN C 101 40.55 -11.53 -6.64
N GLN C 102 39.62 -10.86 -7.32
CA GLN C 102 39.52 -11.05 -8.77
C GLN C 102 40.95 -10.94 -9.39
N ILE C 103 41.67 -9.84 -9.12
CA ILE C 103 43.03 -9.59 -9.69
C ILE C 103 44.09 -10.55 -9.15
N ALA C 104 44.05 -10.76 -7.83
CA ALA C 104 44.95 -11.68 -7.18
C ALA C 104 44.80 -13.10 -7.76
N THR C 105 43.55 -13.46 -8.14
CA THR C 105 43.28 -14.79 -8.72
C THR C 105 43.46 -14.89 -10.23
N GLY C 106 43.78 -13.74 -10.86
CA GLY C 106 44.12 -13.69 -12.27
C GLY C 106 42.89 -13.69 -13.16
N ASP C 107 41.78 -13.21 -12.61
CA ASP C 107 40.47 -13.17 -13.27
C ASP C 107 39.95 -11.75 -13.61
N ALA C 108 40.67 -10.72 -13.15
CA ALA C 108 40.42 -9.34 -13.57
C ALA C 108 41.70 -8.48 -13.52
N SER C 109 41.92 -7.63 -14.54
CA SER C 109 42.97 -6.59 -14.50
C SER C 109 42.63 -5.38 -13.62
N ILE C 110 41.37 -4.88 -13.81
CA ILE C 110 40.94 -3.56 -13.32
C ILE C 110 39.51 -3.61 -12.80
N ILE C 111 39.31 -3.31 -11.52
CA ILE C 111 37.99 -3.35 -10.89
C ILE C 111 37.60 -1.98 -10.35
N VAL C 112 36.34 -1.59 -10.45
CA VAL C 112 35.83 -0.48 -9.65
C VAL C 112 35.07 -1.16 -8.51
N ALA C 113 35.28 -0.69 -7.28
CA ALA C 113 34.71 -1.30 -6.08
C ALA C 113 34.35 -0.30 -4.96
N GLY C 114 33.14 -0.43 -4.40
CA GLY C 114 32.69 0.46 -3.34
C GLY C 114 31.28 0.09 -2.94
N GLY C 115 30.48 1.09 -2.56
CA GLY C 115 29.10 0.84 -2.22
C GLY C 115 28.18 2.02 -2.46
N MET C 116 26.90 1.75 -2.61
CA MET C 116 25.92 2.83 -2.80
C MET C 116 24.66 2.56 -1.99
N GLU C 117 24.05 3.63 -1.50
CA GLU C 117 22.83 3.47 -0.70
C GLU C 117 21.96 4.70 -0.73
N SER C 118 20.72 4.50 -1.16
CA SER C 118 19.67 5.45 -0.91
C SER C 118 18.63 4.89 0.06
N MET C 119 18.78 5.25 1.33
CA MET C 119 17.83 4.88 2.37
C MET C 119 16.55 5.73 2.24
N SER C 120 16.73 6.94 1.68
CA SER C 120 15.60 7.75 1.27
C SER C 120 14.69 6.96 0.33
N MET C 121 15.29 6.26 -0.63
CA MET C 121 14.50 5.66 -1.72
C MET C 121 13.98 4.27 -1.38
N ALA C 122 14.52 3.62 -0.33
CA ALA C 122 13.97 2.35 0.15
C ALA C 122 12.44 2.41 0.29
N PRO C 123 11.67 1.56 -0.42
CA PRO C 123 10.19 1.55 -0.33
C PRO C 123 9.64 0.85 0.90
N HIS C 124 8.34 0.92 1.07
CA HIS C 124 7.65 -0.04 1.90
C HIS C 124 7.17 -1.20 1.01
N CYS C 125 6.80 -2.31 1.64
CA CYS C 125 6.46 -3.53 0.88
C CYS C 125 5.57 -4.52 1.63
N ALA C 126 4.96 -5.43 0.89
CA ALA C 126 4.06 -6.42 1.49
C ALA C 126 3.90 -7.59 0.55
N HIS C 127 3.89 -8.81 1.08
CA HIS C 127 3.57 -9.99 0.28
C HIS C 127 2.06 -10.11 0.07
N LEU C 128 1.63 -9.92 -1.17
CA LEU C 128 0.23 -9.82 -1.48
C LEU C 128 -0.23 -10.77 -2.58
N ARG C 129 0.42 -11.91 -2.71
CA ARG C 129 0.02 -12.89 -3.72
C ARG C 129 -1.22 -13.70 -3.32
N GLY C 130 -1.22 -14.25 -2.11
CA GLY C 130 -2.37 -15.01 -1.62
C GLY C 130 -3.69 -14.24 -1.62
N GLY C 131 -3.64 -12.92 -1.44
CA GLY C 131 -4.85 -12.11 -1.34
C GLY C 131 -5.18 -12.01 0.13
N VAL C 132 -5.76 -10.90 0.51
CA VAL C 132 -6.05 -10.68 1.90
C VAL C 132 -7.56 -10.68 2.00
N LYS C 133 -8.10 -11.83 2.38
CA LYS C 133 -9.55 -12.04 2.39
C LYS C 133 -10.20 -11.05 3.34
N MET C 134 -9.49 -10.72 4.42
CA MET C 134 -10.04 -9.88 5.46
C MET C 134 -8.93 -9.40 6.40
N GLY C 135 -9.13 -8.20 6.92
CA GLY C 135 -8.26 -7.63 7.95
C GLY C 135 -7.02 -6.91 7.40
N ASP C 136 -6.45 -6.08 8.26
CA ASP C 136 -5.33 -5.22 7.91
C ASP C 136 -4.13 -6.07 7.54
N PHE C 137 -3.25 -5.51 6.75
CA PHE C 137 -1.93 -6.07 6.60
C PHE C 137 -0.93 -4.94 6.64
N LYS C 138 0.31 -5.31 6.91
CA LYS C 138 1.36 -4.34 7.12
C LYS C 138 2.07 -4.03 5.82
N MET C 139 2.27 -2.72 5.63
CA MET C 139 3.28 -2.24 4.70
C MET C 139 4.61 -2.07 5.46
N ILE C 140 5.60 -2.86 5.06
CA ILE C 140 6.88 -2.92 5.78
C ILE C 140 7.97 -2.05 5.15
N ASP C 141 8.41 -1.10 5.96
CA ASP C 141 9.52 -0.21 5.67
C ASP C 141 10.75 -1.04 5.46
N THR C 142 11.21 -1.14 4.23
CA THR C 142 12.34 -2.06 3.95
C THR C 142 13.66 -1.56 4.56
N MET C 143 13.84 -0.24 4.68
CA MET C 143 15.01 0.32 5.38
C MET C 143 15.11 -0.17 6.83
N ILE C 144 13.96 -0.18 7.52
CA ILE C 144 13.88 -0.62 8.91
C ILE C 144 13.98 -2.14 9.03
N LYS C 145 13.21 -2.86 8.20
CA LYS C 145 13.20 -4.33 8.21
C LYS C 145 14.51 -4.96 7.74
N ASP C 146 14.96 -4.62 6.54
CA ASP C 146 16.17 -5.21 5.95
C ASP C 146 17.51 -4.54 6.35
N GLY C 147 17.43 -3.34 6.92
CA GLY C 147 18.61 -2.54 7.16
C GLY C 147 18.99 -2.46 8.62
N LEU C 148 18.00 -2.18 9.45
CA LEU C 148 18.22 -1.78 10.84
C LEU C 148 17.67 -2.76 11.92
N THR C 149 17.03 -3.85 11.51
CA THR C 149 16.38 -4.77 12.44
C THR C 149 17.08 -6.12 12.54
N ASP C 150 17.44 -6.53 13.75
CA ASP C 150 18.12 -7.79 13.90
C ASP C 150 17.13 -8.90 13.59
N ALA C 151 17.54 -9.84 12.75
CA ALA C 151 16.63 -10.88 12.27
C ALA C 151 16.47 -12.04 13.25
N PHE C 152 17.28 -12.08 14.31
CA PHE C 152 17.18 -13.14 15.32
C PHE C 152 16.52 -12.62 16.58
N TYR C 153 16.89 -11.42 17.00
CA TYR C 153 16.44 -10.86 18.27
C TYR C 153 15.28 -9.88 18.09
N GLY C 154 15.04 -9.45 16.84
CA GLY C 154 13.83 -8.72 16.50
C GLY C 154 13.76 -7.23 16.84
N TYR C 155 14.83 -6.71 17.44
CA TYR C 155 14.88 -5.29 17.76
C TYR C 155 15.89 -4.55 16.86
N HIS C 156 15.92 -3.23 16.96
CA HIS C 156 16.76 -2.34 16.16
C HIS C 156 18.26 -2.56 16.45
N MET C 157 19.13 -1.98 15.62
CA MET C 157 20.57 -2.01 15.86
C MET C 157 20.91 -1.18 17.09
N GLY C 158 20.16 -0.10 17.29
CA GLY C 158 20.35 0.79 18.42
C GLY C 158 20.13 0.12 19.76
N THR C 159 19.29 -0.92 19.79
CA THR C 159 19.14 -1.74 21.00
C THR C 159 20.38 -2.63 21.24
N THR C 160 21.02 -3.09 20.17
CA THR C 160 22.33 -3.79 20.31
C THR C 160 23.40 -2.86 20.86
N ALA C 161 23.23 -1.56 20.68
CA ALA C 161 24.15 -0.54 21.20
C ALA C 161 23.89 -0.30 22.69
N GLU C 162 22.65 -0.52 23.11
CA GLU C 162 22.36 -0.56 24.54
C GLU C 162 23.08 -1.75 25.17
N ASN C 163 23.08 -2.90 24.50
CA ASN C 163 23.69 -4.12 25.03
C ASN C 163 25.20 -3.92 25.18
N VAL C 164 25.85 -3.42 24.12
CA VAL C 164 27.28 -3.14 24.15
C VAL C 164 27.61 -2.09 25.21
N ALA C 165 26.78 -1.06 25.34
CA ALA C 165 27.00 -0.02 26.35
C ALA C 165 26.89 -0.58 27.76
N LYS C 166 25.97 -1.51 27.97
CA LYS C 166 25.71 -2.08 29.28
C LYS C 166 26.90 -2.94 29.70
N GLN C 167 27.31 -3.84 28.80
CA GLN C 167 28.53 -4.63 28.94
C GLN C 167 29.75 -3.78 29.29
N TRP C 168 30.04 -2.76 28.48
CA TRP C 168 31.25 -1.95 28.62
C TRP C 168 31.12 -0.78 29.60
N GLN C 169 30.00 -0.72 30.32
CA GLN C 169 29.75 0.30 31.36
C GLN C 169 30.08 1.71 30.86
N LEU C 170 29.57 2.02 29.67
CA LEU C 170 29.77 3.31 29.01
C LEU C 170 28.60 4.27 29.33
N SER C 171 28.86 5.25 30.20
CA SER C 171 27.82 6.16 30.66
C SER C 171 27.30 7.04 29.53
N ARG C 172 26.12 7.63 29.74
CA ARG C 172 25.49 8.55 28.80
C ARG C 172 26.40 9.75 28.53
N ASP C 173 27.00 10.28 29.59
CA ASP C 173 27.89 11.42 29.48
C ASP C 173 29.12 11.12 28.62
N GLU C 174 29.65 9.89 28.70
CA GLU C 174 30.75 9.46 27.85
C GLU C 174 30.35 9.36 26.37
N GLN C 175 29.16 8.81 26.11
CA GLN C 175 28.65 8.63 24.75
C GLN C 175 28.35 9.95 24.06
N ASP C 176 27.86 10.92 24.83
CA ASP C 176 27.57 12.25 24.31
C ASP C 176 28.86 13.03 24.02
N ALA C 177 29.93 12.73 24.75
CA ALA C 177 31.22 13.42 24.59
C ALA C 177 31.99 12.93 23.36
N PHE C 178 31.76 11.67 22.99
CA PHE C 178 32.27 11.12 21.75
C PHE C 178 31.48 11.65 20.55
N ALA C 179 30.18 11.86 20.76
CA ALA C 179 29.30 12.38 19.71
C ALA C 179 29.65 13.83 19.36
N VAL C 180 29.83 14.67 20.38
CA VAL C 180 30.06 16.09 20.18
C VAL C 180 31.44 16.32 19.57
N ALA C 181 32.41 15.49 19.95
CA ALA C 181 33.74 15.54 19.38
C ALA C 181 33.68 15.20 17.89
N SER C 182 32.97 14.13 17.56
CA SER C 182 32.87 13.66 16.18
C SER C 182 32.18 14.69 15.27
N GLN C 183 31.26 15.47 15.83
CA GLN C 183 30.60 16.54 15.10
C GLN C 183 31.57 17.71 14.97
N ASN C 184 32.34 17.97 16.02
CA ASN C 184 33.29 19.07 16.03
C ASN C 184 34.50 18.84 15.12
N LYS C 185 34.91 17.57 15.01
CA LYS C 185 36.00 17.19 14.12
C LYS C 185 35.52 17.34 12.67
N ALA C 186 34.28 16.92 12.41
CA ALA C 186 33.73 16.93 11.06
C ALA C 186 33.41 18.34 10.57
N GLU C 187 32.91 19.17 11.47
CA GLU C 187 32.63 20.55 11.14
C GLU C 187 33.95 21.24 10.80
N ALA C 188 35.00 20.95 11.59
CA ALA C 188 36.35 21.49 11.33
C ALA C 188 36.90 21.02 9.98
N ALA C 189 36.82 19.73 9.70
CA ALA C 189 37.29 19.18 8.43
C ALA C 189 36.49 19.67 7.21
N GLN C 190 35.22 20.03 7.43
CA GLN C 190 34.37 20.56 6.35
C GLN C 190 34.82 21.96 5.90
N LYS C 191 35.01 22.86 6.88
CA LYS C 191 35.42 24.24 6.63
C LYS C 191 36.81 24.35 5.99
N ASP C 192 37.63 23.34 6.26
CA ASP C 192 39.03 23.32 5.86
C ASP C 192 39.31 22.55 4.56
N GLY C 193 38.26 22.05 3.90
CA GLY C 193 38.42 21.39 2.63
C GLY C 193 39.16 20.07 2.69
N ARG C 194 39.14 19.44 3.86
CA ARG C 194 39.73 18.11 4.01
C ARG C 194 38.84 17.05 3.32
N PHE C 195 37.58 17.41 3.05
CA PHE C 195 36.68 16.50 2.34
C PHE C 195 36.59 16.82 0.85
N LYS C 196 37.18 17.94 0.42
CA LYS C 196 37.00 18.38 -0.96
C LYS C 196 37.61 17.38 -1.92
N ASP C 197 38.83 16.93 -1.64
CA ASP C 197 39.56 16.02 -2.51
C ASP C 197 38.74 14.77 -2.86
N GLU C 198 38.21 14.11 -1.83
CA GLU C 198 37.45 12.86 -2.01
C GLU C 198 36.03 13.11 -2.55
N ILE C 199 35.41 14.20 -2.13
CA ILE C 199 34.06 14.51 -2.62
C ILE C 199 34.11 14.89 -4.10
N VAL C 200 33.25 14.22 -4.87
CA VAL C 200 32.99 14.58 -6.25
C VAL C 200 31.54 15.09 -6.24
N PRO C 201 31.28 16.29 -6.78
CA PRO C 201 29.93 16.85 -6.71
C PRO C 201 28.92 16.00 -7.46
N PHE C 202 27.67 15.98 -7.00
CA PHE C 202 26.62 15.27 -7.71
C PHE C 202 25.56 16.27 -8.12
N ILE C 203 25.21 16.30 -9.41
CA ILE C 203 24.20 17.26 -9.88
C ILE C 203 22.81 16.60 -9.86
N VAL C 204 21.98 17.04 -8.95
CA VAL C 204 20.60 16.56 -8.84
C VAL C 204 19.75 17.27 -9.89
N LYS C 205 19.38 16.56 -10.95
CA LYS C 205 18.62 17.12 -12.06
C LYS C 205 17.15 17.31 -11.64
N GLY C 206 16.59 18.45 -12.02
CA GLY C 206 15.23 18.77 -11.63
C GLY C 206 14.48 19.49 -12.72
N ARG C 207 13.15 19.30 -12.71
CA ARG C 207 12.25 20.15 -13.48
C ARG C 207 12.70 21.61 -13.35
N LYS C 208 12.70 22.11 -12.12
CA LYS C 208 12.94 23.54 -11.84
C LYS C 208 14.32 23.79 -11.21
N GLY C 209 15.36 23.54 -12.00
CA GLY C 209 16.72 23.90 -11.63
C GLY C 209 17.61 22.75 -11.17
N ASP C 210 18.77 22.63 -11.82
CA ASP C 210 19.81 21.69 -11.40
C ASP C 210 20.45 22.26 -10.12
N ILE C 211 20.78 21.39 -9.17
CA ILE C 211 21.46 21.79 -7.96
C ILE C 211 22.69 20.91 -7.82
N THR C 212 23.82 21.52 -7.52
CA THR C 212 25.06 20.79 -7.26
C THR C 212 25.27 20.64 -5.75
N VAL C 213 25.33 19.39 -5.29
CA VAL C 213 25.66 19.04 -3.91
C VAL C 213 27.15 18.65 -3.79
N ASP C 214 27.90 19.45 -3.04
CA ASP C 214 29.35 19.25 -2.83
C ASP C 214 29.71 19.24 -1.35
N ALA C 215 28.72 19.07 -0.49
CA ALA C 215 28.94 19.22 0.95
C ALA C 215 28.04 18.32 1.78
N ASP C 216 28.66 17.57 2.69
CA ASP C 216 27.96 16.76 3.66
C ASP C 216 26.97 17.64 4.42
N GLU C 217 25.68 17.38 4.28
CA GLU C 217 24.66 18.21 4.94
C GLU C 217 24.15 17.63 6.27
N TYR C 218 24.65 16.47 6.66
CA TYR C 218 24.18 15.86 7.90
C TYR C 218 24.95 16.39 9.11
N ILE C 219 26.16 16.88 8.89
CA ILE C 219 27.00 17.48 9.95
C ILE C 219 26.29 18.68 10.53
N ARG C 220 25.99 18.66 11.83
CA ARG C 220 25.41 19.81 12.47
C ARG C 220 26.53 20.74 12.93
N HIS C 221 26.42 22.00 12.57
CA HIS C 221 27.44 23.00 12.90
C HIS C 221 27.34 23.36 14.37
N GLY C 222 28.47 23.38 15.05
CA GLY C 222 28.54 23.85 16.42
C GLY C 222 27.74 22.97 17.35
N ALA C 223 27.96 21.66 17.29
CA ALA C 223 27.31 20.74 18.20
C ALA C 223 27.84 20.98 19.61
N THR C 224 26.93 21.19 20.56
CA THR C 224 27.30 21.48 21.94
C THR C 224 26.94 20.28 22.82
N LEU C 225 27.53 20.26 24.00
CA LEU C 225 27.32 19.17 24.95
C LEU C 225 25.88 19.21 25.50
N ASP C 226 25.34 20.42 25.65
CA ASP C 226 23.93 20.61 26.01
C ASP C 226 22.96 20.08 24.93
N SER C 227 23.27 20.31 23.66
CA SER C 227 22.40 19.85 22.56
C SER C 227 22.27 18.33 22.54
N MET C 228 23.38 17.65 22.86
CA MET C 228 23.40 16.18 22.98
C MET C 228 22.72 15.70 24.26
N ALA C 229 22.87 16.46 25.35
CA ALA C 229 22.42 16.06 26.67
C ALA C 229 20.94 16.38 26.97
N LYS C 230 20.26 17.03 26.02
CA LYS C 230 18.87 17.42 26.21
C LYS C 230 17.87 16.39 25.67
N LEU C 231 18.34 15.45 24.84
CA LEU C 231 17.47 14.49 24.14
C LEU C 231 17.02 13.32 25.02
N ARG C 232 16.05 12.55 24.52
CA ARG C 232 15.60 11.31 25.19
C ARG C 232 16.20 10.09 24.48
N PRO C 233 16.31 8.96 25.19
CA PRO C 233 16.77 7.71 24.57
C PRO C 233 15.80 7.22 23.52
N ALA C 234 16.31 6.89 22.33
CA ALA C 234 15.46 6.55 21.19
C ALA C 234 14.96 5.09 21.12
N PHE C 235 15.69 4.16 21.75
CA PHE C 235 15.41 2.70 21.70
C PHE C 235 15.04 2.06 23.04
N ASP C 236 15.52 2.62 24.15
CA ASP C 236 15.35 2.06 25.49
C ASP C 236 14.90 3.17 26.46
N LYS C 237 13.74 3.02 27.10
CA LYS C 237 13.10 4.14 27.80
C LYS C 237 13.77 4.58 29.10
N GLU C 238 14.82 3.85 29.52
CA GLU C 238 15.66 4.25 30.65
C GLU C 238 17.12 4.01 30.28
N GLY C 239 17.44 4.32 29.03
CA GLY C 239 18.71 3.96 28.44
C GLY C 239 19.65 5.15 28.33
N THR C 240 20.42 5.14 27.25
CA THR C 240 21.52 6.08 27.06
C THR C 240 21.67 6.49 25.60
N VAL C 241 21.34 5.58 24.68
CA VAL C 241 21.46 5.82 23.25
C VAL C 241 20.34 6.72 22.75
N THR C 242 20.73 7.83 22.14
CA THR C 242 19.82 8.80 21.54
C THR C 242 20.20 9.06 20.07
N ALA C 243 19.42 9.93 19.41
CA ALA C 243 19.63 10.30 18.01
C ALA C 243 20.89 11.16 17.85
N GLY C 244 21.24 11.87 18.92
CA GLY C 244 22.46 12.67 18.97
C GLY C 244 23.74 11.84 19.02
N ASN C 245 23.72 10.72 19.73
CA ASN C 245 24.92 9.88 19.88
C ASN C 245 24.93 8.56 19.07
N ALA C 246 23.92 8.37 18.22
CA ALA C 246 23.93 7.34 17.18
C ALA C 246 24.07 8.07 15.85
N SER C 247 24.26 7.33 14.78
CA SER C 247 24.40 7.94 13.46
C SER C 247 23.00 8.11 12.92
N GLY C 248 22.88 8.66 11.71
CA GLY C 248 21.59 8.86 11.09
C GLY C 248 21.25 7.88 9.98
N LEU C 249 20.19 8.23 9.24
CA LEU C 249 19.75 7.51 8.07
C LEU C 249 20.18 8.40 6.93
N ASN C 250 20.99 7.91 6.01
CA ASN C 250 21.58 8.79 4.97
C ASN C 250 21.67 8.13 3.58
N ASP C 251 22.01 8.93 2.57
CA ASP C 251 22.22 8.45 1.18
C ASP C 251 23.54 8.91 0.57
N GLY C 252 24.28 7.97 0.01
CA GLY C 252 25.47 8.30 -0.76
C GLY C 252 26.11 7.12 -1.45
N ALA C 253 27.31 7.35 -1.98
CA ALA C 253 28.07 6.29 -2.61
C ALA C 253 29.55 6.63 -2.57
N ALA C 254 30.37 5.63 -2.90
CA ALA C 254 31.84 5.70 -2.78
C ALA C 254 32.57 4.48 -3.36
N ALA C 255 33.76 4.68 -3.94
CA ALA C 255 34.48 3.59 -4.59
C ALA C 255 36.00 3.76 -4.72
N ALA C 256 36.62 2.77 -5.35
CA ALA C 256 38.04 2.75 -5.56
C ALA C 256 38.38 1.88 -6.78
N LEU C 257 39.23 2.38 -7.65
CA LEU C 257 39.68 1.60 -8.79
C LEU C 257 40.93 0.83 -8.36
N LEU C 258 40.85 -0.51 -8.53
CA LEU C 258 41.88 -1.40 -8.09
C LEU C 258 42.53 -1.95 -9.32
N MET C 259 43.84 -2.06 -9.27
CA MET C 259 44.59 -2.76 -10.27
C MET C 259 45.85 -3.27 -9.60
N SER C 260 46.53 -4.24 -10.21
CA SER C 260 47.86 -4.57 -9.71
C SER C 260 48.71 -3.26 -9.68
N GLU C 261 49.70 -3.31 -8.72
CA GLU C 261 50.74 -2.28 -8.54
C GLU C 261 51.50 -2.01 -9.84
N ALA C 262 51.84 -3.11 -10.55
CA ALA C 262 52.60 -3.00 -11.80
C ALA C 262 51.73 -2.30 -12.87
N GLU C 263 50.45 -2.67 -12.93
CA GLU C 263 49.56 -2.04 -13.92
C GLU C 263 49.41 -0.50 -13.73
N ALA C 264 49.38 -0.07 -12.48
CA ALA C 264 49.47 1.35 -12.15
C ALA C 264 50.79 2.03 -12.61
N SER C 265 51.94 1.37 -12.45
CA SER C 265 53.25 1.96 -12.79
C SER C 265 53.38 2.26 -14.31
N ARG C 266 53.01 1.23 -15.10
CA ARG C 266 53.00 1.32 -16.55
C ARG C 266 52.32 2.61 -16.95
N ARG C 267 51.17 2.85 -16.32
CA ARG C 267 50.25 3.93 -16.70
C ARG C 267 50.54 5.28 -16.01
N GLY C 268 51.56 5.31 -15.14
CA GLY C 268 51.95 6.53 -14.44
C GLY C 268 51.02 6.98 -13.32
N ILE C 269 50.17 6.06 -12.83
CA ILE C 269 49.27 6.37 -11.71
C ILE C 269 49.98 6.22 -10.34
N GLN C 270 49.71 7.21 -9.47
CA GLN C 270 50.24 7.25 -8.11
C GLN C 270 49.11 6.77 -7.15
N PRO C 271 49.13 5.48 -6.82
CA PRO C 271 48.01 4.90 -6.04
C PRO C 271 47.80 5.52 -4.63
N LEU C 272 46.53 5.57 -4.21
CA LEU C 272 46.15 5.94 -2.83
C LEU C 272 46.32 4.80 -1.74
N GLY C 273 46.78 3.62 -2.17
CA GLY C 273 47.18 2.58 -1.24
C GLY C 273 47.29 1.17 -1.82
N ARG C 274 48.19 0.32 -1.19
CA ARG C 274 48.30 -1.10 -1.50
C ARG C 274 47.46 -1.76 -0.42
N ILE C 275 46.58 -2.66 -0.83
CA ILE C 275 45.77 -3.37 0.14
C ILE C 275 46.63 -4.52 0.61
N VAL C 276 47.25 -4.34 1.77
CA VAL C 276 48.22 -5.30 2.30
C VAL C 276 47.54 -6.57 2.88
N SER C 277 46.43 -6.37 3.61
CA SER C 277 45.69 -7.46 4.29
C SER C 277 44.20 -7.04 4.52
N TRP C 278 43.32 -8.03 4.77
CA TRP C 278 41.87 -7.81 5.06
C TRP C 278 41.30 -8.99 5.89
N ALA C 279 40.13 -8.81 6.57
CA ALA C 279 39.54 -9.86 7.38
C ALA C 279 38.08 -9.56 7.79
N THR C 280 37.28 -10.61 7.99
CA THR C 280 35.93 -10.41 8.50
C THR C 280 35.65 -11.47 9.52
N VAL C 281 35.22 -11.05 10.70
CA VAL C 281 34.93 -11.97 11.78
C VAL C 281 33.52 -11.79 12.32
N GLY C 282 32.97 -12.89 12.84
CA GLY C 282 31.64 -12.93 13.42
C GLY C 282 31.68 -12.97 14.94
N VAL C 283 30.65 -12.37 15.52
CA VAL C 283 30.44 -12.26 16.95
C VAL C 283 28.94 -12.46 17.18
N ASP C 284 28.51 -12.21 18.40
CA ASP C 284 27.13 -12.38 18.79
C ASP C 284 26.30 -11.21 18.24
N PRO C 285 25.19 -11.50 17.56
CA PRO C 285 24.29 -10.45 17.07
C PRO C 285 23.80 -9.44 18.13
N LYS C 286 23.60 -9.89 19.38
CA LYS C 286 23.20 -9.01 20.48
C LYS C 286 24.16 -7.85 20.72
N VAL C 287 25.45 -8.09 20.49
CA VAL C 287 26.50 -7.06 20.64
C VAL C 287 27.26 -6.90 19.34
N MET C 288 26.54 -6.72 18.24
CA MET C 288 27.15 -6.67 16.92
C MET C 288 28.23 -5.57 16.76
N GLY C 289 28.26 -4.60 17.67
CA GLY C 289 29.15 -3.45 17.58
C GLY C 289 30.59 -3.77 17.91
N THR C 290 30.76 -4.92 18.56
CA THR C 290 32.06 -5.47 18.91
C THR C 290 32.76 -6.12 17.73
N GLY C 291 31.99 -6.38 16.67
CA GLY C 291 32.52 -6.78 15.38
C GLY C 291 33.91 -6.32 14.99
N PRO C 292 34.18 -5.01 14.96
CA PRO C 292 35.49 -4.50 14.56
C PRO C 292 36.67 -5.07 15.36
N ILE C 293 36.45 -5.46 16.60
CA ILE C 293 37.52 -5.92 17.46
C ILE C 293 38.26 -7.18 16.92
N PRO C 294 37.59 -8.33 16.78
CA PRO C 294 38.25 -9.51 16.21
C PRO C 294 38.69 -9.32 14.77
N ALA C 295 37.95 -8.52 14.01
CA ALA C 295 38.34 -8.23 12.63
C ALA C 295 39.68 -7.45 12.55
N SER C 296 39.79 -6.36 13.29
CA SER C 296 40.95 -5.45 13.18
C SER C 296 42.20 -6.16 13.68
N ARG C 297 41.98 -7.09 14.60
CA ARG C 297 43.04 -7.90 15.16
C ARG C 297 43.50 -8.99 14.21
N LYS C 298 42.57 -9.55 13.41
CA LYS C 298 42.93 -10.58 12.42
C LYS C 298 43.59 -9.93 11.21
N ALA C 299 43.04 -8.80 10.76
CA ALA C 299 43.66 -7.95 9.75
C ALA C 299 45.12 -7.69 10.09
N LEU C 300 45.34 -7.18 11.30
CA LEU C 300 46.66 -6.76 11.74
C LEU C 300 47.60 -7.93 11.73
N GLU C 301 47.10 -9.09 12.18
CA GLU C 301 47.85 -10.36 12.19
C GLU C 301 48.25 -10.79 10.76
N ARG C 302 47.35 -10.56 9.80
CA ARG C 302 47.56 -10.90 8.39
C ARG C 302 48.53 -9.96 7.67
N ALA C 303 48.59 -8.70 8.16
CA ALA C 303 49.57 -7.75 7.66
C ALA C 303 50.95 -7.92 8.36
N GLY C 304 50.98 -8.63 9.48
CA GLY C 304 52.19 -8.72 10.28
C GLY C 304 52.49 -7.43 11.04
N TRP C 305 51.48 -6.58 11.20
CA TRP C 305 51.61 -5.32 11.93
C TRP C 305 51.22 -5.53 13.42
N LYS C 306 51.87 -4.75 14.30
CA LYS C 306 51.32 -4.48 15.64
C LYS C 306 50.33 -3.31 15.55
N ILE C 307 49.51 -3.12 16.59
CA ILE C 307 48.51 -2.04 16.63
C ILE C 307 49.21 -0.65 16.71
N GLY C 308 50.41 -0.62 17.32
CA GLY C 308 51.18 0.61 17.49
C GLY C 308 51.99 1.08 16.25
N ASP C 309 51.86 0.24 15.21
CA ASP C 309 52.41 0.56 13.89
C ASP C 309 51.48 1.42 13.04
N LEU C 310 50.19 1.48 13.38
CA LEU C 310 49.23 2.28 12.62
C LEU C 310 49.48 3.78 12.89
N ASP C 311 49.40 4.56 11.76
CA ASP C 311 49.37 6.04 11.81
C ASP C 311 47.94 6.61 11.62
N LEU C 312 47.04 5.81 11.07
CA LEU C 312 45.69 6.30 10.83
C LEU C 312 44.64 5.18 10.90
N VAL C 313 43.49 5.51 11.45
CA VAL C 313 42.37 4.59 11.58
C VAL C 313 41.07 5.33 11.34
N GLU C 314 40.28 4.85 10.39
CA GLU C 314 38.84 5.12 10.36
C GLU C 314 38.08 3.89 10.87
N ALA C 315 37.41 4.04 12.01
CA ALA C 315 36.56 2.99 12.57
C ALA C 315 35.12 3.51 12.63
N ASN C 316 34.23 2.91 11.84
CA ASN C 316 32.89 3.45 11.58
C ASN C 316 32.06 3.66 12.85
N GLU C 317 31.42 4.84 12.95
CA GLU C 317 30.67 5.28 14.13
C GLU C 317 29.16 5.02 13.99
N ALA C 318 28.75 3.76 13.98
CA ALA C 318 27.34 3.44 13.96
C ALA C 318 26.67 4.01 15.22
N PHE C 319 27.27 3.78 16.39
CA PHE C 319 26.77 4.27 17.68
C PHE C 319 27.89 4.68 18.63
N ALA C 320 27.75 5.84 19.27
CA ALA C 320 28.78 6.33 20.20
C ALA C 320 29.06 5.31 21.31
N ALA C 321 28.06 4.47 21.62
CA ALA C 321 28.25 3.34 22.53
C ALA C 321 29.29 2.31 22.02
N GLN C 322 29.09 1.76 20.83
CA GLN C 322 30.01 0.75 20.26
C GLN C 322 31.35 1.35 19.85
N ALA C 323 31.32 2.61 19.41
CA ALA C 323 32.53 3.30 18.99
C ALA C 323 33.50 3.39 20.16
N CYS C 324 33.05 4.01 21.24
CA CYS C 324 33.86 4.12 22.46
C CYS C 324 34.45 2.79 22.89
N ALA C 325 33.68 1.71 22.73
CA ALA C 325 34.08 0.37 23.20
C ALA C 325 35.15 -0.29 22.33
N VAL C 326 34.96 -0.27 21.01
CA VAL C 326 35.98 -0.75 20.06
C VAL C 326 37.31 -0.06 20.34
N ASN C 327 37.28 1.26 20.48
CA ASN C 327 38.48 2.06 20.79
C ASN C 327 39.12 1.61 22.11
N LYS C 328 38.27 1.34 23.10
CA LYS C 328 38.71 0.94 24.43
C LYS C 328 39.52 -0.38 24.41
N ASP C 329 39.08 -1.32 23.58
CA ASP C 329 39.65 -2.65 23.52
C ASP C 329 40.99 -2.68 22.80
N LEU C 330 41.01 -2.08 21.61
CA LEU C 330 42.17 -2.16 20.72
C LEU C 330 43.28 -1.22 21.19
N GLY C 331 42.89 -0.18 21.92
CA GLY C 331 43.83 0.67 22.63
C GLY C 331 44.61 1.66 21.79
N TRP C 332 44.30 1.74 20.50
CA TRP C 332 45.00 2.66 19.61
C TRP C 332 44.76 4.11 20.04
N ASP C 333 45.70 4.99 19.70
CA ASP C 333 45.57 6.40 20.01
C ASP C 333 44.27 6.93 19.38
N PRO C 334 43.34 7.41 20.21
CA PRO C 334 42.06 7.94 19.70
C PRO C 334 42.20 9.26 18.95
N SER C 335 43.38 9.89 18.99
CA SER C 335 43.63 11.10 18.20
C SER C 335 43.80 10.77 16.73
N ILE C 336 44.34 9.58 16.43
CA ILE C 336 44.44 9.11 15.05
C ILE C 336 43.19 8.31 14.60
N VAL C 337 42.11 8.38 15.38
CA VAL C 337 40.85 7.73 15.04
C VAL C 337 39.81 8.76 14.58
N ASN C 338 39.20 8.52 13.42
CA ASN C 338 38.24 9.44 12.81
C ASN C 338 38.71 10.88 12.87
N VAL C 339 39.88 11.10 12.29
CA VAL C 339 40.57 12.39 12.36
C VAL C 339 39.70 13.55 11.86
N ASN C 340 38.82 13.26 10.90
CA ASN C 340 37.92 14.24 10.30
C ASN C 340 36.45 13.97 10.71
N GLY C 341 36.24 13.47 11.92
CA GLY C 341 34.94 13.02 12.35
C GLY C 341 34.51 11.71 11.72
N GLY C 342 33.36 11.21 12.17
CA GLY C 342 32.84 9.93 11.69
C GLY C 342 31.37 9.98 11.35
N ALA C 343 30.73 8.81 11.35
CA ALA C 343 29.38 8.64 10.83
C ALA C 343 28.28 9.34 11.64
N ILE C 344 28.49 9.52 12.95
CA ILE C 344 27.52 10.29 13.77
C ILE C 344 27.22 11.65 13.12
N ALA C 345 28.29 12.28 12.61
CA ALA C 345 28.25 13.62 12.01
C ALA C 345 28.04 13.57 10.50
N ILE C 346 28.81 12.70 9.84
CA ILE C 346 28.87 12.63 8.37
C ILE C 346 27.66 11.90 7.86
N GLY C 347 27.30 10.83 8.54
CA GLY C 347 26.10 10.08 8.22
C GLY C 347 26.46 8.65 7.96
N HIS C 348 25.44 7.83 7.76
CA HIS C 348 25.59 6.39 7.70
C HIS C 348 24.70 5.82 6.61
N PRO C 349 25.09 6.05 5.36
CA PRO C 349 24.48 5.36 4.20
C PRO C 349 25.04 3.94 4.09
N ILE C 350 24.24 2.98 4.52
CA ILE C 350 24.73 1.66 4.99
C ILE C 350 25.70 0.92 4.06
N GLY C 351 25.22 0.58 2.86
CA GLY C 351 25.99 -0.20 1.92
C GLY C 351 27.21 0.58 1.46
N ALA C 352 27.07 1.91 1.44
CA ALA C 352 28.13 2.79 1.01
C ALA C 352 29.14 3.11 2.11
N SER C 353 28.80 2.87 3.36
CA SER C 353 29.62 3.35 4.46
C SER C 353 31.08 2.87 4.38
N GLY C 354 31.27 1.61 3.96
CA GLY C 354 32.57 0.98 4.02
C GLY C 354 33.52 1.51 2.97
N ALA C 355 32.95 1.96 1.85
CA ALA C 355 33.72 2.68 0.84
C ALA C 355 33.80 4.15 1.22
N ARG C 356 32.82 4.60 2.01
CA ARG C 356 32.84 5.98 2.49
C ARG C 356 34.07 6.22 3.35
N ILE C 357 34.20 5.47 4.43
CA ILE C 357 35.31 5.68 5.36
C ILE C 357 36.67 5.33 4.75
N LEU C 358 36.69 4.41 3.78
CA LEU C 358 37.92 4.03 3.11
C LEU C 358 38.45 5.24 2.35
N ASN C 359 37.60 5.83 1.52
CA ASN C 359 37.95 7.09 0.87
C ASN C 359 38.54 8.07 1.87
N THR C 360 37.80 8.37 2.93
CA THR C 360 38.27 9.32 3.96
C THR C 360 39.66 8.95 4.47
N LEU C 361 39.90 7.67 4.73
CA LEU C 361 41.20 7.23 5.23
C LEU C 361 42.27 7.45 4.18
N LEU C 362 41.97 7.10 2.92
CA LEU C 362 42.95 7.20 1.85
C LEU C 362 43.43 8.63 1.63
N PHE C 363 42.50 9.59 1.67
CA PHE C 363 42.82 10.96 1.30
C PHE C 363 43.51 11.72 2.44
N GLU C 364 43.14 11.43 3.68
CA GLU C 364 43.90 11.98 4.81
C GLU C 364 45.27 11.29 4.91
N MET C 365 45.36 10.01 4.52
CA MET C 365 46.64 9.27 4.48
C MET C 365 47.62 9.93 3.49
N LYS C 366 47.07 10.42 2.38
CA LYS C 366 47.85 11.16 1.40
C LYS C 366 48.20 12.55 1.94
N ARG C 367 47.22 13.20 2.57
CA ARG C 367 47.32 14.59 3.00
C ARG C 367 48.33 14.83 4.14
N ARG C 368 48.53 13.83 5.01
CA ARG C 368 49.46 13.96 6.14
C ARG C 368 50.69 13.08 6.01
N GLY C 369 50.75 12.29 4.94
CA GLY C 369 51.88 11.42 4.69
C GLY C 369 51.96 10.23 5.62
N ALA C 370 50.82 9.80 6.15
CA ALA C 370 50.76 8.59 6.94
C ALA C 370 51.04 7.43 6.01
N ARG C 371 51.68 6.39 6.53
CA ARG C 371 52.05 5.22 5.73
C ARG C 371 51.11 4.04 5.99
N LYS C 372 50.72 3.88 7.25
CA LYS C 372 49.90 2.74 7.63
C LYS C 372 48.49 3.22 8.06
N GLY C 373 47.48 2.53 7.51
CA GLY C 373 46.09 2.85 7.75
C GLY C 373 45.16 1.63 7.80
N LEU C 374 44.08 1.77 8.62
CA LEU C 374 43.18 0.62 8.83
C LEU C 374 41.76 1.10 8.80
N ALA C 375 40.91 0.36 8.09
CA ALA C 375 39.49 0.66 7.96
C ALA C 375 38.72 -0.44 8.67
N THR C 376 37.70 -0.07 9.44
CA THR C 376 36.88 -1.09 10.10
C THR C 376 35.46 -0.62 10.36
N LEU C 377 34.54 -1.58 10.34
CA LEU C 377 33.10 -1.35 10.47
C LEU C 377 32.42 -2.47 11.24
N CYS C 378 31.50 -2.11 12.13
CA CYS C 378 30.64 -3.09 12.78
C CYS C 378 29.44 -3.38 11.88
N ILE C 379 28.85 -4.56 12.07
CA ILE C 379 27.89 -5.14 11.11
C ILE C 379 26.70 -5.78 11.83
N GLY C 380 25.52 -5.58 11.29
CA GLY C 380 24.34 -6.13 11.90
C GLY C 380 24.30 -7.65 11.82
N GLY C 381 23.76 -8.26 12.86
CA GLY C 381 23.68 -9.70 12.93
C GLY C 381 25.03 -10.28 13.33
N GLY C 382 25.94 -9.44 13.86
CA GLY C 382 27.11 -9.93 14.54
C GLY C 382 28.33 -10.15 13.68
N MET C 383 28.77 -9.13 12.95
CA MET C 383 30.04 -9.25 12.25
C MET C 383 30.89 -7.98 12.34
N GLY C 384 32.11 -8.10 11.85
CA GLY C 384 32.98 -6.97 11.60
C GLY C 384 33.78 -7.25 10.35
N VAL C 385 34.24 -6.19 9.71
CA VAL C 385 35.16 -6.29 8.57
C VAL C 385 36.34 -5.31 8.74
N ALA C 386 37.51 -5.64 8.19
CA ALA C 386 38.66 -4.74 8.30
C ALA C 386 39.70 -4.92 7.19
N MET C 387 40.35 -3.79 6.83
CA MET C 387 41.35 -3.75 5.76
C MET C 387 42.54 -2.92 6.18
N CYS C 388 43.74 -3.49 6.05
CA CYS C 388 44.90 -2.62 6.07
C CYS C 388 45.08 -2.01 4.58
N ILE C 389 45.42 -0.70 4.61
CA ILE C 389 46.05 0.00 3.48
C ILE C 389 47.44 0.50 3.89
N GLU C 390 48.45 0.34 2.98
CA GLU C 390 49.78 0.96 3.12
C GLU C 390 50.03 1.86 1.89
N SER C 391 50.43 3.11 2.13
CA SER C 391 50.85 4.02 1.06
C SER C 391 52.11 3.52 0.35
N LEU C 392 52.22 3.82 -0.95
CA LEU C 392 53.34 3.37 -1.79
C LEU C 392 54.60 4.18 -1.47
N PRO D 3 46.95 -23.36 -6.43
CA PRO D 3 45.74 -23.54 -5.57
C PRO D 3 44.57 -24.23 -6.29
N SER D 4 44.25 -25.44 -5.78
CA SER D 4 43.22 -26.28 -6.36
C SER D 4 42.11 -26.36 -5.36
N ILE D 5 40.97 -25.77 -5.72
CA ILE D 5 39.82 -25.68 -4.83
C ILE D 5 38.67 -26.60 -5.27
N VAL D 6 38.38 -27.59 -4.41
CA VAL D 6 37.39 -28.63 -4.69
C VAL D 6 36.00 -28.33 -4.10
N ILE D 7 35.00 -29.01 -4.71
CA ILE D 7 33.69 -29.13 -4.09
C ILE D 7 33.60 -30.51 -3.46
N ALA D 8 33.81 -30.54 -2.14
CA ALA D 8 33.70 -31.77 -1.38
C ALA D 8 32.26 -32.33 -1.47
N SER D 9 31.26 -31.49 -1.20
CA SER D 9 29.87 -31.94 -1.33
C SER D 9 28.99 -30.94 -2.04
N ALA D 10 27.78 -31.40 -2.34
CA ALA D 10 26.76 -30.57 -2.97
C ALA D 10 25.37 -31.05 -2.53
N ALA D 11 24.42 -30.13 -2.42
CA ALA D 11 23.04 -30.45 -2.08
C ALA D 11 22.09 -29.32 -2.52
N ARG D 12 20.89 -29.71 -2.97
CA ARG D 12 19.88 -28.76 -3.43
C ARG D 12 18.47 -29.20 -3.02
N THR D 13 17.62 -28.23 -2.69
CA THR D 13 16.23 -28.56 -2.40
C THR D 13 15.59 -28.82 -3.76
N ALA D 14 14.46 -29.50 -3.74
CA ALA D 14 13.62 -29.57 -4.93
C ALA D 14 13.20 -28.15 -5.28
N VAL D 15 12.99 -27.94 -6.57
CA VAL D 15 12.51 -26.70 -7.08
C VAL D 15 11.01 -26.81 -7.00
N GLY D 16 10.41 -25.78 -6.41
CA GLY D 16 8.98 -25.65 -6.29
C GLY D 16 8.39 -24.70 -7.30
N SER D 17 7.08 -24.75 -7.38
CA SER D 17 6.34 -23.95 -8.33
C SER D 17 5.80 -22.69 -7.65
N PHE D 18 5.73 -21.62 -8.42
CA PHE D 18 5.28 -20.32 -7.96
C PHE D 18 3.91 -20.46 -7.25
N ASN D 19 3.84 -20.00 -6.00
CA ASN D 19 2.69 -20.28 -5.12
C ASN D 19 2.38 -21.79 -4.99
N GLY D 20 3.43 -22.58 -4.70
CA GLY D 20 3.39 -24.04 -4.75
C GLY D 20 3.93 -24.61 -3.47
N ALA D 21 4.80 -25.63 -3.54
CA ALA D 21 5.25 -26.29 -2.32
C ALA D 21 5.78 -25.29 -1.29
N PHE D 22 6.60 -24.33 -1.75
CA PHE D 22 7.28 -23.37 -0.87
C PHE D 22 6.66 -21.96 -0.91
N ALA D 23 5.32 -21.90 -1.08
CA ALA D 23 4.61 -20.64 -1.32
C ALA D 23 4.86 -19.68 -0.21
N ASN D 24 4.85 -20.19 1.01
CA ASN D 24 5.05 -19.36 2.20
C ASN D 24 6.35 -19.65 2.98
N THR D 25 7.36 -20.23 2.30
CA THR D 25 8.62 -20.55 2.94
C THR D 25 9.69 -19.50 2.60
N PRO D 26 10.09 -18.70 3.58
CA PRO D 26 11.23 -17.80 3.42
C PRO D 26 12.48 -18.50 2.85
N ALA D 27 13.07 -17.88 1.84
CA ALA D 27 14.25 -18.41 1.16
C ALA D 27 15.35 -18.97 2.07
N HIS D 28 15.63 -18.25 3.16
CA HIS D 28 16.75 -18.57 4.04
C HIS D 28 16.55 -19.86 4.79
N GLU D 29 15.29 -20.27 4.98
CA GLU D 29 14.95 -21.59 5.50
C GLU D 29 15.42 -22.67 4.52
N LEU D 30 15.19 -22.42 3.23
CA LEU D 30 15.63 -23.33 2.18
C LEU D 30 17.15 -23.36 2.13
N GLY D 31 17.76 -22.18 2.33
CA GLY D 31 19.21 -22.07 2.36
C GLY D 31 19.76 -22.77 3.59
N ALA D 32 19.00 -22.78 4.67
CA ALA D 32 19.41 -23.46 5.89
C ALA D 32 19.54 -24.97 5.70
N THR D 33 18.64 -25.55 4.94
CA THR D 33 18.62 -27.00 4.73
C THR D 33 19.73 -27.50 3.79
N VAL D 34 20.05 -26.74 2.75
CA VAL D 34 21.15 -27.13 1.84
C VAL D 34 22.53 -27.02 2.51
N ILE D 35 22.72 -26.00 3.35
CA ILE D 35 23.98 -25.81 4.07
C ILE D 35 24.22 -26.92 5.06
N SER D 36 23.19 -27.26 5.83
CA SER D 36 23.22 -28.42 6.74
C SER D 36 23.47 -29.72 5.97
N ALA D 37 22.98 -29.76 4.73
CA ALA D 37 22.97 -30.97 3.89
C ALA D 37 24.31 -31.19 3.23
N VAL D 38 25.03 -30.11 2.94
CA VAL D 38 26.37 -30.24 2.37
C VAL D 38 27.33 -30.69 3.47
N LEU D 39 27.25 -30.05 4.63
CA LEU D 39 28.01 -30.44 5.81
C LEU D 39 27.77 -31.87 6.23
N GLU D 40 26.50 -32.26 6.36
CA GLU D 40 26.17 -33.64 6.75
C GLU D 40 26.75 -34.64 5.75
N ARG D 41 26.77 -34.27 4.47
CA ARG D 41 27.25 -35.14 3.39
C ARG D 41 28.77 -35.27 3.36
N ALA D 42 29.45 -34.23 3.80
CA ALA D 42 30.90 -34.17 3.82
C ALA D 42 31.46 -34.47 5.22
N GLY D 43 30.57 -34.85 6.15
CA GLY D 43 30.91 -35.03 7.55
C GLY D 43 31.83 -33.97 8.14
N VAL D 44 31.59 -32.71 7.77
CA VAL D 44 32.27 -31.56 8.36
C VAL D 44 31.28 -30.85 9.27
N ALA D 45 31.70 -30.55 10.50
CA ALA D 45 30.86 -29.83 11.45
C ALA D 45 30.68 -28.38 11.03
N ALA D 46 29.49 -27.84 11.26
CA ALA D 46 29.17 -26.44 10.93
C ALA D 46 30.15 -25.43 11.55
N GLY D 47 30.75 -25.79 12.69
CA GLY D 47 31.74 -24.95 13.35
C GLY D 47 33.10 -24.86 12.67
N GLU D 48 33.31 -25.70 11.67
CA GLU D 48 34.50 -25.65 10.82
C GLU D 48 34.30 -24.71 9.61
N VAL D 49 33.08 -24.23 9.43
CA VAL D 49 32.71 -23.35 8.33
C VAL D 49 33.11 -21.88 8.60
N ASN D 50 34.10 -21.40 7.79
CA ASN D 50 34.49 -19.99 7.86
C ASN D 50 33.40 -19.02 7.39
N GLU D 51 32.85 -19.26 6.20
CA GLU D 51 31.89 -18.32 5.61
C GLU D 51 30.80 -18.95 4.74
N VAL D 52 29.64 -18.29 4.67
CA VAL D 52 28.50 -18.70 3.85
C VAL D 52 28.20 -17.62 2.78
N ILE D 53 28.34 -17.94 1.50
CA ILE D 53 28.03 -17.01 0.42
C ILE D 53 26.84 -17.50 -0.37
N LEU D 54 25.73 -16.79 -0.24
CA LEU D 54 24.51 -17.17 -0.94
C LEU D 54 24.12 -16.07 -1.88
N GLY D 55 23.85 -16.43 -3.13
CA GLY D 55 23.31 -15.45 -4.04
C GLY D 55 21.82 -15.33 -3.76
N GLN D 56 21.26 -14.17 -4.04
CA GLN D 56 19.84 -13.95 -3.82
C GLN D 56 19.48 -12.68 -4.54
N VAL D 57 18.47 -12.75 -5.39
CA VAL D 57 18.03 -11.59 -6.13
C VAL D 57 16.86 -10.87 -5.43
N LEU D 58 16.04 -11.60 -4.67
CA LEU D 58 14.77 -11.05 -4.17
C LEU D 58 14.56 -11.09 -2.64
N PRO D 59 15.42 -10.41 -1.89
CA PRO D 59 15.35 -10.39 -0.41
C PRO D 59 14.38 -9.38 0.26
N ALA D 60 13.75 -8.46 -0.46
CA ALA D 60 12.87 -7.48 0.20
C ALA D 60 11.93 -8.11 1.24
N GLY D 61 11.87 -7.47 2.43
CA GLY D 61 11.07 -7.90 3.55
C GLY D 61 11.64 -8.95 4.48
N GLU D 62 12.67 -9.68 4.03
CA GLU D 62 13.14 -10.90 4.71
C GLU D 62 14.10 -10.67 5.87
N GLY D 63 14.44 -9.43 6.17
CA GLY D 63 15.27 -9.11 7.31
C GLY D 63 16.73 -8.93 6.94
N GLN D 64 17.51 -8.42 7.90
CA GLN D 64 18.93 -8.16 7.68
C GLN D 64 19.57 -9.40 7.14
N ASN D 65 20.27 -9.24 6.03
CA ASN D 65 21.24 -10.21 5.52
C ASN D 65 20.75 -11.63 5.68
N PRO D 66 19.74 -11.99 4.89
CA PRO D 66 19.20 -13.36 4.95
C PRO D 66 20.25 -14.48 4.74
N ALA D 67 21.43 -14.19 4.21
CA ALA D 67 22.51 -15.20 4.05
C ALA D 67 23.03 -15.68 5.39
N ARG D 68 23.26 -14.72 6.28
CA ARG D 68 23.47 -14.93 7.72
C ARG D 68 22.29 -15.67 8.36
N GLN D 69 21.05 -15.31 8.02
CA GLN D 69 19.87 -15.95 8.63
C GLN D 69 19.82 -17.45 8.35
N ALA D 70 20.17 -17.84 7.13
CA ALA D 70 20.36 -19.25 6.75
C ALA D 70 21.41 -19.88 7.61
N ALA D 71 22.55 -19.22 7.70
CA ALA D 71 23.72 -19.83 8.30
C ALA D 71 23.46 -20.15 9.76
N MET D 72 22.87 -19.21 10.49
CA MET D 72 22.58 -19.38 11.91
C MET D 72 21.55 -20.48 12.18
N LYS D 73 20.57 -20.61 11.30
CA LYS D 73 19.53 -21.64 11.44
C LYS D 73 20.08 -23.06 11.19
N ALA D 74 21.15 -23.16 10.39
CA ALA D 74 21.85 -24.46 10.19
C ALA D 74 22.93 -24.67 11.24
N GLY D 75 22.97 -23.78 12.23
CA GLY D 75 23.90 -23.90 13.33
C GLY D 75 25.37 -23.66 12.96
N VAL D 76 25.62 -22.96 11.86
CA VAL D 76 26.96 -22.43 11.63
C VAL D 76 27.09 -21.37 12.73
N PRO D 77 28.17 -21.42 13.51
CA PRO D 77 28.26 -20.58 14.71
C PRO D 77 28.33 -19.07 14.42
N GLN D 78 28.17 -18.28 15.48
CA GLN D 78 28.16 -16.81 15.37
C GLN D 78 29.49 -16.24 14.86
N GLU D 79 30.58 -17.00 15.08
CA GLU D 79 31.91 -16.65 14.62
C GLU D 79 32.00 -16.55 13.08
N ALA D 80 31.29 -17.44 12.38
CA ALA D 80 31.39 -17.50 10.93
C ALA D 80 30.80 -16.26 10.33
N THR D 81 30.98 -16.11 9.01
CA THR D 81 30.50 -14.94 8.31
C THR D 81 29.58 -15.36 7.19
N ALA D 82 28.71 -14.44 6.78
CA ALA D 82 27.78 -14.70 5.71
C ALA D 82 27.47 -13.45 4.98
N TRP D 83 27.48 -13.52 3.66
CA TRP D 83 26.96 -12.40 2.87
C TRP D 83 26.26 -12.85 1.61
N GLY D 84 25.32 -12.00 1.18
CA GLY D 84 24.65 -12.19 -0.09
C GLY D 84 25.40 -11.49 -1.21
N MET D 85 24.94 -11.79 -2.42
CA MET D 85 25.31 -11.05 -3.64
C MET D 85 24.26 -11.19 -4.74
N ASN D 86 24.49 -10.53 -5.88
CA ASN D 86 23.52 -10.46 -6.99
C ASN D 86 24.18 -10.26 -8.38
N GLN D 87 24.35 -11.36 -9.12
CA GLN D 87 24.49 -11.28 -10.58
C GLN D 87 23.21 -11.79 -11.29
N LEU D 88 22.04 -11.36 -10.81
CA LEU D 88 20.77 -11.99 -11.20
C LEU D 88 20.94 -13.50 -11.33
N ALA D 89 20.85 -14.06 -12.53
CA ALA D 89 20.65 -15.51 -12.61
C ALA D 89 21.97 -16.28 -12.64
N GLY D 90 23.09 -15.56 -12.77
CA GLY D 90 24.43 -16.07 -12.52
C GLY D 90 24.77 -15.96 -11.04
N SER D 91 23.81 -15.52 -10.24
CA SER D 91 24.03 -15.22 -8.83
C SER D 91 24.50 -16.43 -8.07
N GLY D 92 23.74 -17.52 -8.20
CA GLY D 92 24.03 -18.77 -7.51
C GLY D 92 25.32 -19.51 -7.91
N LEU D 93 25.82 -19.30 -9.14
CA LEU D 93 27.09 -19.98 -9.57
C LEU D 93 28.33 -19.10 -9.37
N ARG D 94 28.17 -17.80 -9.49
CA ARG D 94 29.21 -16.84 -9.17
C ARG D 94 29.59 -16.91 -7.68
N ALA D 95 28.67 -17.33 -6.81
CA ALA D 95 28.97 -17.41 -5.38
C ALA D 95 29.99 -18.51 -5.13
N VAL D 96 29.86 -19.60 -5.87
CA VAL D 96 30.84 -20.71 -5.88
C VAL D 96 32.24 -20.26 -6.34
N ALA D 97 32.29 -19.38 -7.34
CA ALA D 97 33.55 -18.81 -7.76
C ALA D 97 34.16 -17.95 -6.65
N LEU D 98 33.34 -17.07 -6.05
CA LEU D 98 33.78 -16.16 -4.98
C LEU D 98 34.27 -16.93 -3.74
N GLY D 99 33.56 -17.99 -3.34
CA GLY D 99 33.98 -18.87 -2.27
C GLY D 99 35.23 -19.65 -2.61
N MET D 100 35.33 -20.07 -3.88
CA MET D 100 36.55 -20.64 -4.42
C MET D 100 37.71 -19.64 -4.26
N GLN D 101 37.43 -18.36 -4.50
CA GLN D 101 38.46 -17.32 -4.43
C GLN D 101 38.87 -17.01 -2.98
N GLN D 102 37.94 -17.21 -2.03
CA GLN D 102 38.24 -17.02 -0.62
C GLN D 102 39.32 -18.00 -0.20
N ILE D 103 39.31 -19.21 -0.78
CA ILE D 103 40.23 -20.27 -0.40
C ILE D 103 41.57 -20.20 -1.12
N ALA D 104 41.56 -19.76 -2.38
CA ALA D 104 42.81 -19.65 -3.14
C ALA D 104 43.63 -18.47 -2.66
N THR D 105 42.97 -17.46 -2.09
CA THR D 105 43.68 -16.29 -1.57
C THR D 105 44.09 -16.47 -0.10
N GLY D 106 43.66 -17.61 0.49
CA GLY D 106 44.10 -17.97 1.83
C GLY D 106 43.50 -17.09 2.92
N ASP D 107 42.27 -16.62 2.66
CA ASP D 107 41.48 -15.88 3.66
C ASP D 107 40.33 -16.75 4.30
N ALA D 108 39.99 -17.90 3.70
CA ALA D 108 39.15 -18.91 4.36
C ALA D 108 39.57 -20.34 4.03
N SER D 109 39.24 -21.27 4.94
CA SER D 109 39.59 -22.69 4.82
C SER D 109 38.42 -23.47 4.22
N ILE D 110 37.22 -23.20 4.70
CA ILE D 110 36.05 -23.95 4.30
C ILE D 110 34.86 -23.01 4.09
N ILE D 111 34.28 -23.07 2.89
CA ILE D 111 33.19 -22.23 2.46
C ILE D 111 31.96 -23.07 2.09
N VAL D 112 30.78 -22.55 2.34
CA VAL D 112 29.60 -23.11 1.72
C VAL D 112 29.03 -22.01 0.83
N ALA D 113 28.94 -22.29 -0.48
CA ALA D 113 28.50 -21.27 -1.43
C ALA D 113 27.47 -21.81 -2.42
N GLY D 114 26.35 -21.08 -2.57
CA GLY D 114 25.35 -21.41 -3.56
C GLY D 114 24.44 -20.24 -3.84
N GLY D 115 23.15 -20.50 -4.05
CA GLY D 115 22.14 -19.45 -4.08
C GLY D 115 20.80 -19.91 -3.55
N MET D 116 19.98 -18.95 -3.10
CA MET D 116 18.64 -19.22 -2.60
C MET D 116 17.62 -18.26 -3.23
N GLU D 117 16.39 -18.71 -3.37
CA GLU D 117 15.37 -17.93 -4.04
C GLU D 117 13.93 -18.32 -3.68
N SER D 118 13.25 -17.42 -2.99
CA SER D 118 11.81 -17.51 -2.87
C SER D 118 11.24 -16.39 -3.71
N MET D 119 10.85 -16.74 -4.93
CA MET D 119 10.14 -15.82 -5.82
C MET D 119 8.69 -15.70 -5.40
N SER D 120 8.15 -16.74 -4.81
CA SER D 120 6.78 -16.70 -4.30
C SER D 120 6.60 -15.66 -3.21
N MET D 121 7.63 -15.48 -2.39
CA MET D 121 7.56 -14.59 -1.19
C MET D 121 7.97 -13.14 -1.46
N ALA D 122 8.36 -12.84 -2.68
CA ALA D 122 8.70 -11.47 -3.06
C ALA D 122 7.44 -10.59 -2.89
N PRO D 123 7.58 -9.43 -2.25
CA PRO D 123 6.44 -8.53 -2.06
C PRO D 123 6.15 -7.63 -3.25
N HIS D 124 5.04 -6.88 -3.18
CA HIS D 124 4.87 -5.67 -3.97
C HIS D 124 5.36 -4.52 -3.10
N CYS D 125 5.77 -3.41 -3.72
CA CYS D 125 6.40 -2.31 -3.00
C CYS D 125 6.13 -0.99 -3.72
N ALA D 126 6.53 0.10 -3.09
CA ALA D 126 6.40 1.42 -3.66
C ALA D 126 7.11 2.40 -2.75
N HIS D 127 7.76 3.39 -3.34
CA HIS D 127 8.44 4.42 -2.57
C HIS D 127 7.39 5.44 -2.13
N LEU D 128 7.20 5.59 -0.82
CA LEU D 128 6.10 6.39 -0.26
C LEU D 128 6.53 7.36 0.86
N ARG D 129 7.82 7.67 0.91
CA ARG D 129 8.38 8.53 1.96
C ARG D 129 8.03 10.00 1.78
N GLY D 130 8.25 10.53 0.58
CA GLY D 130 7.76 11.85 0.27
C GLY D 130 6.24 11.94 0.26
N GLY D 131 5.60 10.77 0.17
CA GLY D 131 4.16 10.71 0.05
C GLY D 131 3.72 10.85 -1.39
N VAL D 132 2.42 10.75 -1.59
CA VAL D 132 1.83 10.75 -2.89
C VAL D 132 0.74 11.80 -2.80
N LYS D 133 1.06 13.03 -3.16
CA LYS D 133 0.17 14.15 -2.87
C LYS D 133 -1.21 13.95 -3.48
N MET D 134 -1.27 13.52 -4.74
CA MET D 134 -2.54 13.20 -5.39
C MET D 134 -2.36 12.30 -6.62
N GLY D 135 -3.38 11.53 -6.95
CA GLY D 135 -3.36 10.66 -8.12
C GLY D 135 -3.14 9.19 -7.83
N ASP D 136 -3.46 8.37 -8.81
CA ASP D 136 -3.18 6.93 -8.70
C ASP D 136 -1.68 6.65 -8.77
N PHE D 137 -1.25 5.60 -8.10
CA PHE D 137 0.09 5.08 -8.33
C PHE D 137 0.02 3.55 -8.48
N LYS D 138 1.18 2.98 -8.75
CA LYS D 138 1.35 1.53 -8.90
C LYS D 138 2.08 0.95 -7.70
N MET D 139 1.47 -0.02 -7.02
CA MET D 139 2.27 -0.92 -6.19
C MET D 139 3.02 -1.88 -7.14
N ILE D 140 4.34 -1.99 -6.99
CA ILE D 140 5.17 -2.78 -7.92
C ILE D 140 5.53 -4.17 -7.39
N ASP D 141 5.50 -5.17 -8.29
CA ASP D 141 5.95 -6.55 -8.02
C ASP D 141 7.46 -6.58 -8.12
N THR D 142 8.15 -6.71 -6.99
CA THR D 142 9.61 -6.68 -6.98
C THR D 142 10.15 -7.82 -7.76
N MET D 143 9.42 -8.93 -7.77
CA MET D 143 9.88 -10.10 -8.51
C MET D 143 10.04 -9.71 -9.98
N ILE D 144 9.09 -8.97 -10.53
CA ILE D 144 9.16 -8.56 -11.94
C ILE D 144 10.13 -7.39 -12.20
N LYS D 145 10.16 -6.43 -11.27
CA LYS D 145 10.89 -5.17 -11.39
C LYS D 145 12.37 -5.39 -11.19
N ASP D 146 12.70 -6.02 -10.08
CA ASP D 146 14.10 -6.27 -9.70
C ASP D 146 14.65 -7.61 -10.24
N GLY D 147 13.78 -8.51 -10.71
CA GLY D 147 14.19 -9.85 -11.09
C GLY D 147 14.03 -10.27 -12.55
N LEU D 148 13.25 -9.52 -13.32
CA LEU D 148 12.78 -9.93 -14.65
C LEU D 148 12.63 -8.81 -15.68
N THR D 149 12.80 -7.55 -15.28
CA THR D 149 12.69 -6.41 -16.19
C THR D 149 14.07 -5.80 -16.40
N ASP D 150 14.41 -5.53 -17.65
CA ASP D 150 15.66 -4.82 -17.96
C ASP D 150 15.57 -3.39 -17.48
N ALA D 151 16.66 -2.88 -16.89
CA ALA D 151 16.66 -1.51 -16.36
C ALA D 151 16.85 -0.45 -17.45
N PHE D 152 17.30 -0.89 -18.62
CA PHE D 152 17.75 -0.01 -19.69
C PHE D 152 16.71 0.22 -20.81
N TYR D 153 15.83 -0.76 -21.02
CA TYR D 153 14.84 -0.74 -22.10
C TYR D 153 13.41 -0.87 -21.58
N GLY D 154 13.27 -1.52 -20.43
CA GLY D 154 12.03 -1.54 -19.67
C GLY D 154 11.15 -2.75 -19.91
N TYR D 155 11.66 -3.74 -20.66
CA TYR D 155 10.86 -4.89 -21.04
C TYR D 155 11.31 -6.21 -20.40
N HIS D 156 10.42 -7.19 -20.45
CA HIS D 156 10.60 -8.45 -19.75
C HIS D 156 11.73 -9.25 -20.41
N MET D 157 12.34 -10.16 -19.67
CA MET D 157 13.41 -11.01 -20.22
C MET D 157 12.92 -11.92 -21.38
N GLY D 158 11.63 -12.23 -21.41
CA GLY D 158 11.04 -12.93 -22.54
C GLY D 158 11.15 -12.15 -23.85
N THR D 159 11.21 -10.83 -23.75
CA THR D 159 11.46 -9.94 -24.88
C THR D 159 12.92 -9.95 -25.36
N THR D 160 13.87 -10.23 -24.46
CA THR D 160 15.31 -10.40 -24.79
C THR D 160 15.71 -11.77 -25.35
N ALA D 161 14.90 -12.78 -25.08
CA ALA D 161 15.04 -14.12 -25.67
C ALA D 161 14.41 -14.10 -27.07
N GLU D 162 13.36 -13.29 -27.23
CA GLU D 162 12.70 -13.05 -28.53
C GLU D 162 13.59 -12.28 -29.51
N ASN D 163 14.41 -11.35 -29.00
CA ASN D 163 15.44 -10.70 -29.80
C ASN D 163 16.46 -11.71 -30.37
N VAL D 164 16.73 -12.78 -29.62
CA VAL D 164 17.60 -13.87 -30.10
C VAL D 164 16.88 -14.82 -31.10
N ALA D 165 15.55 -14.84 -31.04
CA ALA D 165 14.71 -15.64 -31.96
C ALA D 165 14.55 -15.05 -33.37
N LYS D 166 14.76 -13.74 -33.49
CA LYS D 166 14.70 -13.06 -34.79
C LYS D 166 16.10 -12.91 -35.39
N GLN D 167 17.10 -12.74 -34.51
CA GLN D 167 18.49 -12.58 -34.94
C GLN D 167 19.09 -13.90 -35.42
N TRP D 168 18.81 -14.98 -34.68
CA TRP D 168 19.23 -16.34 -35.05
C TRP D 168 18.14 -17.10 -35.81
N GLN D 169 17.01 -16.43 -36.09
CA GLN D 169 15.94 -16.94 -36.94
C GLN D 169 15.29 -18.25 -36.43
N LEU D 170 15.39 -18.47 -35.12
CA LEU D 170 14.80 -19.66 -34.50
C LEU D 170 13.28 -19.59 -34.57
N SER D 171 12.66 -20.71 -34.93
CA SER D 171 11.22 -20.77 -35.23
C SER D 171 10.34 -21.08 -34.00
N ARG D 172 9.03 -21.06 -34.20
CA ARG D 172 8.05 -21.48 -33.19
C ARG D 172 7.96 -23.01 -33.08
N ASP D 173 8.33 -23.72 -34.14
CA ASP D 173 8.41 -25.20 -34.14
C ASP D 173 9.67 -25.71 -33.42
N GLU D 174 10.81 -25.10 -33.73
CA GLU D 174 12.09 -25.52 -33.17
C GLU D 174 12.19 -25.32 -31.67
N GLN D 175 11.59 -24.23 -31.17
CA GLN D 175 11.54 -23.96 -29.73
C GLN D 175 10.54 -24.83 -28.96
N ASP D 176 9.55 -25.38 -29.66
CA ASP D 176 8.65 -26.37 -29.06
C ASP D 176 9.38 -27.70 -28.94
N ALA D 177 10.32 -27.96 -29.85
CA ALA D 177 11.07 -29.22 -29.90
C ALA D 177 12.21 -29.33 -28.86
N PHE D 178 12.52 -28.20 -28.21
CA PHE D 178 13.50 -28.14 -27.12
C PHE D 178 12.79 -28.10 -25.76
N ALA D 179 11.60 -27.48 -25.71
CA ALA D 179 10.84 -27.34 -24.47
C ALA D 179 10.14 -28.64 -24.09
N VAL D 180 9.69 -29.37 -25.12
CA VAL D 180 9.11 -30.71 -24.94
C VAL D 180 10.22 -31.70 -24.62
N ALA D 181 11.36 -31.56 -25.31
CA ALA D 181 12.52 -32.43 -25.11
C ALA D 181 13.26 -32.19 -23.79
N SER D 182 12.96 -31.08 -23.12
CA SER D 182 13.46 -30.84 -21.78
C SER D 182 12.47 -31.35 -20.72
N GLN D 183 11.18 -31.32 -21.04
CA GLN D 183 10.16 -32.00 -20.22
C GLN D 183 10.39 -33.51 -20.26
N ASN D 184 10.61 -34.04 -21.46
CA ASN D 184 10.73 -35.48 -21.67
C ASN D 184 11.96 -36.00 -20.94
N LYS D 185 13.10 -35.33 -21.14
CA LYS D 185 14.36 -35.68 -20.50
C LYS D 185 14.29 -35.59 -18.98
N ALA D 186 13.52 -34.62 -18.47
CA ALA D 186 13.37 -34.36 -17.03
C ALA D 186 12.40 -35.31 -16.33
N GLU D 187 11.29 -35.63 -16.99
CA GLU D 187 10.35 -36.61 -16.44
C GLU D 187 10.95 -38.02 -16.44
N ALA D 188 11.78 -38.34 -17.44
CA ALA D 188 12.53 -39.59 -17.44
C ALA D 188 13.43 -39.61 -16.22
N ALA D 189 14.16 -38.51 -16.03
CA ALA D 189 15.10 -38.39 -14.91
C ALA D 189 14.42 -38.68 -13.59
N GLN D 190 13.19 -38.17 -13.44
CA GLN D 190 12.50 -38.11 -12.15
C GLN D 190 11.92 -39.46 -11.74
N LYS D 191 11.38 -40.17 -12.74
CA LYS D 191 11.03 -41.57 -12.59
C LYS D 191 12.26 -42.41 -12.27
N ASP D 192 13.37 -42.09 -12.91
CA ASP D 192 14.56 -42.93 -12.82
C ASP D 192 15.33 -42.75 -11.50
N GLY D 193 14.97 -41.72 -10.71
CA GLY D 193 15.58 -41.49 -9.41
C GLY D 193 16.84 -40.63 -9.46
N ARG D 194 17.19 -40.16 -10.67
CA ARG D 194 18.48 -39.51 -10.91
C ARG D 194 18.54 -38.13 -10.26
N PHE D 195 17.36 -37.61 -9.87
CA PHE D 195 17.26 -36.42 -9.02
C PHE D 195 17.36 -36.75 -7.50
N LYS D 196 17.33 -38.03 -7.15
CA LYS D 196 17.40 -38.44 -5.73
C LYS D 196 18.64 -37.90 -5.00
N ASP D 197 19.82 -38.34 -5.45
CA ASP D 197 21.08 -38.05 -4.76
C ASP D 197 21.31 -36.58 -4.45
N GLU D 198 21.04 -35.69 -5.42
CA GLU D 198 21.33 -34.28 -5.28
C GLU D 198 20.35 -33.61 -4.33
N ILE D 199 19.07 -33.93 -4.48
CA ILE D 199 18.00 -33.40 -3.65
C ILE D 199 18.13 -33.73 -2.15
N VAL D 200 18.17 -32.72 -1.28
CA VAL D 200 17.91 -32.91 0.15
C VAL D 200 16.48 -32.46 0.41
N PRO D 201 15.63 -33.34 0.99
CA PRO D 201 14.24 -33.00 1.28
C PRO D 201 14.07 -31.81 2.24
N PHE D 202 12.98 -31.08 2.10
CA PHE D 202 12.72 -29.97 2.99
C PHE D 202 11.35 -30.11 3.67
N ILE D 203 11.32 -29.80 4.97
CA ILE D 203 10.11 -29.93 5.78
C ILE D 203 9.38 -28.58 5.85
N VAL D 204 8.27 -28.49 5.14
CA VAL D 204 7.42 -27.31 5.20
C VAL D 204 6.58 -27.42 6.48
N LYS D 205 6.83 -26.55 7.46
CA LYS D 205 6.18 -26.66 8.76
C LYS D 205 4.79 -26.02 8.72
N GLY D 206 3.75 -26.86 8.79
CA GLY D 206 2.38 -26.40 8.76
C GLY D 206 1.68 -26.48 10.11
N ARG D 207 0.45 -25.93 10.14
CA ARG D 207 -0.37 -25.88 11.35
C ARG D 207 -1.21 -27.13 11.53
N LYS D 208 -1.74 -27.64 10.43
CA LYS D 208 -2.40 -28.95 10.39
C LYS D 208 -1.55 -29.97 9.61
N GLY D 209 -0.32 -30.18 10.07
CA GLY D 209 0.55 -31.21 9.53
C GLY D 209 1.72 -30.74 8.67
N ASP D 210 2.91 -31.28 8.95
CA ASP D 210 4.10 -31.04 8.13
C ASP D 210 3.92 -31.66 6.75
N ILE D 211 4.74 -31.23 5.79
CA ILE D 211 4.78 -31.78 4.43
C ILE D 211 6.22 -31.83 3.92
N THR D 212 6.75 -33.04 3.81
CA THR D 212 8.09 -33.23 3.28
C THR D 212 8.06 -33.19 1.76
N VAL D 213 8.81 -32.24 1.19
CA VAL D 213 8.92 -32.08 -0.25
C VAL D 213 10.25 -32.68 -0.73
N ASP D 214 10.18 -33.73 -1.54
CA ASP D 214 11.38 -34.32 -2.16
C ASP D 214 11.27 -34.44 -3.68
N ALA D 215 10.24 -33.83 -4.26
CA ALA D 215 10.01 -33.87 -5.71
C ALA D 215 9.92 -32.47 -6.34
N ASP D 216 10.69 -32.29 -7.43
CA ASP D 216 10.59 -31.11 -8.29
C ASP D 216 9.22 -31.11 -8.89
N GLU D 217 8.40 -30.16 -8.49
CA GLU D 217 6.99 -30.21 -8.87
C GLU D 217 6.61 -29.46 -10.15
N TYR D 218 7.56 -28.72 -10.74
CA TYR D 218 7.27 -27.94 -11.96
C TYR D 218 7.52 -28.75 -13.24
N ILE D 219 8.02 -29.98 -13.10
CA ILE D 219 8.16 -30.93 -14.22
C ILE D 219 6.79 -31.52 -14.56
N ARG D 220 6.16 -31.02 -15.64
CA ARG D 220 4.88 -31.56 -16.11
C ARG D 220 5.09 -32.93 -16.77
N HIS D 221 4.25 -33.89 -16.38
CA HIS D 221 4.44 -35.31 -16.69
C HIS D 221 3.87 -35.69 -18.07
N GLY D 222 4.71 -36.27 -18.94
CA GLY D 222 4.26 -36.83 -20.21
C GLY D 222 3.89 -35.80 -21.27
N ALA D 223 4.82 -34.89 -21.55
CA ALA D 223 4.56 -33.78 -22.47
C ALA D 223 4.53 -34.21 -23.93
N THR D 224 3.46 -33.81 -24.63
CA THR D 224 3.34 -34.00 -26.08
C THR D 224 3.94 -32.77 -26.79
N LEU D 225 3.64 -32.59 -28.07
CA LEU D 225 4.02 -31.37 -28.79
C LEU D 225 2.83 -30.43 -28.97
N ASP D 226 1.65 -31.02 -29.14
CA ASP D 226 0.44 -30.26 -29.47
C ASP D 226 -0.05 -29.37 -28.31
N SER D 227 0.41 -29.68 -27.09
CA SER D 227 0.14 -28.83 -25.92
C SER D 227 1.01 -27.57 -25.94
N MET D 228 2.30 -27.75 -26.24
CA MET D 228 3.26 -26.65 -26.39
C MET D 228 2.87 -25.74 -27.57
N ALA D 229 2.52 -26.37 -28.69
CA ALA D 229 2.28 -25.66 -29.96
C ALA D 229 0.86 -25.08 -30.09
N LYS D 230 0.03 -25.24 -29.05
CA LYS D 230 -1.27 -24.56 -29.00
C LYS D 230 -1.28 -23.38 -28.01
N LEU D 231 -0.10 -22.99 -27.50
CA LEU D 231 -0.01 -21.88 -26.54
C LEU D 231 -0.04 -20.52 -27.24
N ARG D 232 -0.22 -19.46 -26.46
CA ARG D 232 -0.26 -18.10 -27.00
C ARG D 232 0.89 -17.26 -26.41
N PRO D 233 1.81 -16.78 -27.29
CA PRO D 233 2.96 -15.97 -26.87
C PRO D 233 2.66 -15.01 -25.71
N ALA D 234 3.55 -14.98 -24.74
CA ALA D 234 3.32 -14.23 -23.51
C ALA D 234 3.94 -12.83 -23.57
N PHE D 235 4.75 -12.56 -24.59
CA PHE D 235 5.56 -11.33 -24.63
C PHE D 235 5.24 -10.49 -25.85
N ASP D 236 5.54 -11.02 -27.04
CA ASP D 236 5.10 -10.40 -28.29
C ASP D 236 3.69 -10.92 -28.55
N LYS D 237 2.91 -10.20 -29.37
CA LYS D 237 1.56 -10.64 -29.79
C LYS D 237 1.56 -11.20 -31.23
N GLU D 238 2.73 -11.17 -31.86
CA GLU D 238 3.01 -11.93 -33.09
C GLU D 238 4.30 -12.71 -32.86
N GLY D 239 4.47 -13.21 -31.63
CA GLY D 239 5.74 -13.75 -31.17
C GLY D 239 5.86 -15.24 -31.18
N THR D 240 6.94 -15.73 -30.57
CA THR D 240 7.30 -17.14 -30.58
C THR D 240 7.73 -17.70 -29.21
N VAL D 241 7.93 -16.84 -28.21
CA VAL D 241 8.20 -17.28 -26.83
C VAL D 241 6.87 -17.35 -26.08
N THR D 242 6.69 -18.41 -25.30
CA THR D 242 5.43 -18.74 -24.61
C THR D 242 5.69 -19.32 -23.23
N ALA D 243 4.65 -19.38 -22.41
CA ALA D 243 4.70 -20.07 -21.11
C ALA D 243 5.43 -21.46 -21.14
N GLY D 244 5.39 -22.15 -22.28
CA GLY D 244 5.89 -23.52 -22.37
C GLY D 244 7.32 -23.69 -22.84
N ASN D 245 7.81 -22.77 -23.69
CA ASN D 245 9.21 -22.75 -24.11
C ASN D 245 10.08 -21.74 -23.35
N ALA D 246 9.46 -20.99 -22.44
CA ALA D 246 10.17 -20.18 -21.45
C ALA D 246 10.11 -20.92 -20.10
N SER D 247 11.07 -20.61 -19.22
CA SER D 247 11.15 -21.24 -17.90
C SER D 247 10.13 -20.64 -16.97
N GLY D 248 10.00 -21.24 -15.79
CA GLY D 248 9.03 -20.79 -14.83
C GLY D 248 9.56 -19.78 -13.83
N LEU D 249 8.67 -19.41 -12.93
CA LEU D 249 8.98 -18.67 -11.73
C LEU D 249 8.92 -19.69 -10.61
N ASN D 250 9.94 -19.71 -9.77
CA ASN D 250 10.14 -20.82 -8.85
C ASN D 250 10.76 -20.46 -7.50
N ASP D 251 10.74 -21.44 -6.61
CA ASP D 251 11.43 -21.37 -5.35
C ASP D 251 12.47 -22.51 -5.32
N GLY D 252 13.43 -22.42 -4.41
CA GLY D 252 14.56 -23.34 -4.41
C GLY D 252 15.81 -22.73 -3.80
N ALA D 253 16.61 -23.59 -3.17
CA ALA D 253 17.95 -23.24 -2.69
C ALA D 253 18.93 -24.35 -3.07
N ALA D 254 20.20 -24.01 -3.14
CA ALA D 254 21.19 -24.92 -3.70
C ALA D 254 22.58 -24.47 -3.28
N ALA D 255 23.48 -25.44 -3.06
CA ALA D 255 24.80 -25.15 -2.47
C ALA D 255 25.89 -26.16 -2.83
N ALA D 256 27.13 -25.75 -2.53
CA ALA D 256 28.28 -26.63 -2.57
C ALA D 256 29.24 -26.29 -1.43
N LEU D 257 29.92 -27.33 -0.91
CA LEU D 257 30.87 -27.17 0.19
C LEU D 257 32.27 -27.14 -0.39
N LEU D 258 32.98 -26.05 -0.13
CA LEU D 258 34.36 -25.86 -0.64
C LEU D 258 35.52 -26.05 0.40
N MET D 259 36.60 -26.67 -0.07
CA MET D 259 37.88 -26.68 0.63
C MET D 259 39.04 -26.94 -0.36
N SER D 260 40.27 -26.69 0.06
CA SER D 260 41.40 -26.99 -0.83
C SER D 260 41.48 -28.51 -1.03
N GLU D 261 42.20 -28.95 -2.07
CA GLU D 261 42.14 -30.36 -2.41
C GLU D 261 42.90 -31.15 -1.36
N ALA D 262 43.99 -30.51 -0.86
CA ALA D 262 44.75 -31.09 0.24
C ALA D 262 43.83 -31.32 1.45
N GLU D 263 42.94 -30.35 1.72
CA GLU D 263 42.04 -30.41 2.89
C GLU D 263 40.93 -31.49 2.85
N ALA D 264 40.43 -31.75 1.63
CA ALA D 264 39.47 -32.82 1.44
C ALA D 264 40.12 -34.18 1.73
N SER D 265 41.28 -34.42 1.12
CA SER D 265 41.98 -35.71 1.23
C SER D 265 42.53 -36.03 2.64
N ARG D 266 42.71 -34.99 3.46
CA ARG D 266 43.08 -35.18 4.86
C ARG D 266 41.88 -35.72 5.61
N ARG D 267 40.72 -35.10 5.37
CA ARG D 267 39.46 -35.46 6.00
C ARG D 267 38.80 -36.70 5.41
N GLY D 268 39.46 -37.35 4.46
CA GLY D 268 38.97 -38.59 3.88
C GLY D 268 37.71 -38.37 3.06
N ILE D 269 37.77 -37.41 2.14
CA ILE D 269 36.61 -36.99 1.33
C ILE D 269 36.90 -37.13 -0.17
N GLN D 270 36.13 -37.99 -0.84
CA GLN D 270 36.18 -38.16 -2.30
C GLN D 270 35.31 -37.06 -2.90
N PRO D 271 35.94 -36.05 -3.51
CA PRO D 271 35.22 -34.86 -3.95
C PRO D 271 34.41 -35.09 -5.24
N LEU D 272 33.31 -34.35 -5.39
CA LEU D 272 32.53 -34.41 -6.62
C LEU D 272 33.40 -33.98 -7.82
N GLY D 273 34.08 -32.85 -7.64
CA GLY D 273 34.89 -32.24 -8.68
C GLY D 273 36.01 -31.44 -8.07
N ARG D 274 36.90 -30.96 -9.02
CA ARG D 274 37.76 -29.81 -8.74
C ARG D 274 37.19 -28.65 -9.55
N ILE D 275 37.43 -27.42 -9.09
CA ILE D 275 37.18 -26.26 -9.92
C ILE D 275 38.51 -25.85 -10.58
N VAL D 276 38.48 -25.78 -11.90
CA VAL D 276 39.68 -25.61 -12.72
C VAL D 276 39.68 -24.21 -13.34
N SER D 277 38.49 -23.72 -13.72
CA SER D 277 38.30 -22.33 -14.15
C SER D 277 36.87 -21.81 -14.01
N TRP D 278 36.73 -20.52 -14.23
CA TRP D 278 35.43 -19.91 -14.44
C TRP D 278 35.67 -18.72 -15.37
N ALA D 279 34.64 -17.89 -15.52
CA ALA D 279 34.73 -16.64 -16.24
C ALA D 279 33.39 -15.88 -16.20
N THR D 280 33.44 -14.57 -16.34
CA THR D 280 32.22 -13.78 -16.53
C THR D 280 32.44 -12.63 -17.54
N VAL D 281 31.56 -12.56 -18.54
CA VAL D 281 31.67 -11.60 -19.65
C VAL D 281 30.35 -10.86 -19.79
N GLY D 282 30.37 -9.76 -20.54
CA GLY D 282 29.16 -9.02 -20.83
C GLY D 282 28.79 -9.05 -22.31
N VAL D 283 27.49 -9.12 -22.60
CA VAL D 283 27.00 -8.99 -23.98
C VAL D 283 25.93 -7.91 -24.06
N ASP D 284 25.57 -7.52 -25.28
CA ASP D 284 24.48 -6.56 -25.47
C ASP D 284 23.26 -6.96 -24.59
N PRO D 285 22.78 -6.05 -23.75
CA PRO D 285 21.62 -6.36 -22.89
C PRO D 285 20.43 -6.90 -23.68
N LYS D 286 20.07 -6.22 -24.77
CA LYS D 286 18.99 -6.63 -25.67
C LYS D 286 18.96 -8.12 -25.98
N VAL D 287 20.15 -8.71 -26.10
CA VAL D 287 20.30 -10.15 -26.36
C VAL D 287 21.10 -10.82 -25.24
N MET D 288 20.52 -10.79 -24.05
CA MET D 288 21.21 -11.22 -22.83
C MET D 288 21.42 -12.73 -22.73
N GLY D 289 20.57 -13.50 -23.41
CA GLY D 289 20.69 -14.96 -23.44
C GLY D 289 21.98 -15.52 -24.04
N THR D 290 22.70 -14.69 -24.77
CA THR D 290 23.91 -15.08 -25.46
C THR D 290 25.14 -15.10 -24.55
N GLY D 291 24.99 -14.61 -23.33
CA GLY D 291 26.04 -14.66 -22.32
C GLY D 291 26.78 -15.99 -22.27
N PRO D 292 26.04 -17.09 -22.14
CA PRO D 292 26.68 -18.40 -21.97
C PRO D 292 27.70 -18.73 -23.05
N ILE D 293 27.64 -18.07 -24.20
CA ILE D 293 28.61 -18.27 -25.28
C ILE D 293 30.02 -17.74 -24.96
N PRO D 294 30.21 -16.42 -24.86
CA PRO D 294 31.54 -15.89 -24.56
C PRO D 294 32.03 -16.31 -23.18
N ALA D 295 31.10 -16.54 -22.27
CA ALA D 295 31.42 -16.92 -20.89
C ALA D 295 31.88 -18.36 -20.78
N SER D 296 31.34 -19.24 -21.64
CA SER D 296 31.82 -20.63 -21.70
C SER D 296 33.19 -20.65 -22.37
N ARG D 297 33.34 -19.84 -23.42
CA ARG D 297 34.58 -19.72 -24.17
C ARG D 297 35.79 -19.31 -23.32
N LYS D 298 35.60 -18.32 -22.46
CA LYS D 298 36.68 -17.76 -21.63
C LYS D 298 37.04 -18.68 -20.47
N ALA D 299 36.04 -19.38 -19.93
CA ALA D 299 36.27 -20.40 -18.92
C ALA D 299 37.02 -21.56 -19.59
N LEU D 300 36.58 -21.91 -20.79
CA LEU D 300 37.15 -23.03 -21.53
C LEU D 300 38.56 -22.70 -21.99
N GLU D 301 38.86 -21.41 -22.18
CA GLU D 301 40.22 -20.99 -22.56
C GLU D 301 41.12 -21.01 -21.33
N ARG D 302 40.59 -20.49 -20.21
CA ARG D 302 41.35 -20.38 -18.97
C ARG D 302 41.80 -21.77 -18.50
N ALA D 303 40.82 -22.63 -18.24
CA ALA D 303 41.08 -24.05 -18.00
C ALA D 303 42.16 -24.63 -18.93
N GLY D 304 42.07 -24.30 -20.22
CA GLY D 304 42.96 -24.87 -21.22
C GLY D 304 42.25 -25.92 -22.05
N TRP D 305 40.92 -25.97 -21.95
CA TRP D 305 40.12 -26.97 -22.66
C TRP D 305 39.47 -26.44 -23.94
N LYS D 306 39.33 -27.32 -24.92
CA LYS D 306 38.47 -27.09 -26.07
C LYS D 306 36.97 -27.19 -25.67
N ILE D 307 36.09 -27.22 -26.68
CA ILE D 307 34.66 -27.48 -26.48
C ILE D 307 34.34 -28.97 -26.74
N GLY D 308 35.07 -29.59 -27.68
CA GLY D 308 34.91 -31.00 -27.99
C GLY D 308 35.37 -31.96 -26.87
N ASP D 309 36.34 -31.47 -26.10
CA ASP D 309 36.79 -32.15 -24.88
C ASP D 309 35.65 -32.55 -23.94
N LEU D 310 34.75 -31.60 -23.71
CA LEU D 310 33.66 -31.74 -22.75
C LEU D 310 32.92 -33.07 -22.90
N ASP D 311 32.54 -33.65 -21.75
CA ASP D 311 31.74 -34.89 -21.64
C ASP D 311 30.35 -34.68 -21.04
N LEU D 312 30.13 -33.52 -20.43
CA LEU D 312 28.88 -33.20 -19.77
C LEU D 312 28.69 -31.70 -19.60
N VAL D 313 27.48 -31.21 -19.87
CA VAL D 313 27.18 -29.78 -19.83
C VAL D 313 25.79 -29.46 -19.26
N GLU D 314 25.74 -28.45 -18.40
CA GLU D 314 24.50 -27.79 -18.04
C GLU D 314 24.54 -26.38 -18.63
N ALA D 315 23.53 -26.08 -19.44
CA ALA D 315 23.34 -24.72 -19.93
C ALA D 315 21.92 -24.30 -19.60
N ASN D 316 21.77 -23.56 -18.50
CA ASN D 316 20.47 -23.18 -17.96
C ASN D 316 19.57 -22.72 -19.10
N GLU D 317 18.37 -23.29 -19.14
CA GLU D 317 17.35 -22.89 -20.10
C GLU D 317 16.49 -21.87 -19.40
N ALA D 318 16.94 -20.62 -19.42
CA ALA D 318 16.09 -19.52 -19.04
C ALA D 318 14.96 -19.46 -20.06
N PHE D 319 15.34 -19.55 -21.33
CA PHE D 319 14.38 -19.64 -22.45
C PHE D 319 14.87 -20.67 -23.48
N ALA D 320 14.00 -20.98 -24.44
CA ALA D 320 14.26 -21.98 -25.48
C ALA D 320 14.92 -21.31 -26.66
N ALA D 321 14.61 -20.03 -26.83
CA ALA D 321 15.27 -19.18 -27.82
C ALA D 321 16.76 -19.05 -27.49
N GLN D 322 17.08 -18.67 -26.25
CA GLN D 322 18.48 -18.45 -25.85
C GLN D 322 19.28 -19.73 -25.85
N ALA D 323 18.65 -20.81 -25.40
CA ALA D 323 19.31 -22.08 -25.17
C ALA D 323 19.79 -22.67 -26.48
N CYS D 324 18.90 -22.75 -27.46
CA CYS D 324 19.23 -23.25 -28.80
C CYS D 324 20.35 -22.46 -29.46
N ALA D 325 20.40 -21.15 -29.19
CA ALA D 325 21.39 -20.25 -29.80
C ALA D 325 22.81 -20.49 -29.27
N VAL D 326 22.90 -20.75 -27.97
CA VAL D 326 24.15 -21.09 -27.31
C VAL D 326 24.53 -22.51 -27.70
N ASN D 327 23.53 -23.34 -28.01
CA ASN D 327 23.78 -24.71 -28.43
C ASN D 327 24.34 -24.77 -29.84
N LYS D 328 23.96 -23.79 -30.67
CA LYS D 328 24.31 -23.75 -32.07
C LYS D 328 25.72 -23.20 -32.27
N ASP D 329 25.95 -22.00 -31.74
CA ASP D 329 27.21 -21.25 -31.93
C ASP D 329 28.41 -21.99 -31.35
N LEU D 330 28.24 -22.54 -30.15
CA LEU D 330 29.29 -23.31 -29.50
C LEU D 330 29.48 -24.67 -30.18
N GLY D 331 28.39 -25.22 -30.71
CA GLY D 331 28.46 -26.40 -31.56
C GLY D 331 28.86 -27.70 -30.88
N TRP D 332 28.66 -27.78 -29.58
CA TRP D 332 28.91 -29.02 -28.82
C TRP D 332 27.75 -30.00 -29.00
N ASP D 333 28.05 -31.28 -28.82
CA ASP D 333 27.08 -32.35 -28.97
C ASP D 333 25.90 -32.05 -28.05
N PRO D 334 24.70 -31.81 -28.59
CA PRO D 334 23.52 -31.55 -27.75
C PRO D 334 22.98 -32.77 -27.00
N SER D 335 23.56 -33.95 -27.25
CA SER D 335 23.20 -35.18 -26.54
C SER D 335 23.70 -35.18 -25.09
N ILE D 336 24.78 -34.44 -24.84
CA ILE D 336 25.37 -34.31 -23.50
C ILE D 336 24.93 -33.03 -22.78
N VAL D 337 24.04 -32.26 -23.37
CA VAL D 337 23.58 -30.99 -22.79
C VAL D 337 22.16 -31.07 -22.21
N ASN D 338 22.06 -30.74 -20.92
CA ASN D 338 20.81 -30.84 -20.16
C ASN D 338 20.21 -32.24 -20.22
N VAL D 339 21.06 -33.23 -19.93
CA VAL D 339 20.75 -34.63 -20.12
C VAL D 339 19.58 -35.09 -19.23
N ASN D 340 19.60 -34.67 -17.96
CA ASN D 340 18.44 -34.85 -17.07
C ASN D 340 17.54 -33.60 -17.16
N GLY D 341 17.40 -33.06 -18.37
CA GLY D 341 16.68 -31.82 -18.60
C GLY D 341 17.33 -30.55 -18.06
N GLY D 342 16.64 -29.43 -18.24
CA GLY D 342 17.06 -28.13 -17.71
C GLY D 342 15.89 -27.30 -17.16
N ALA D 343 16.13 -26.00 -17.00
CA ALA D 343 15.23 -25.10 -16.26
C ALA D 343 13.82 -24.89 -16.81
N ILE D 344 13.59 -25.18 -18.09
CA ILE D 344 12.21 -25.10 -18.62
C ILE D 344 11.32 -26.05 -17.78
N ALA D 345 11.74 -27.32 -17.75
CA ALA D 345 11.02 -28.37 -17.04
C ALA D 345 11.21 -28.26 -15.54
N ILE D 346 12.47 -28.34 -15.12
CA ILE D 346 12.84 -28.23 -13.71
C ILE D 346 12.30 -26.92 -13.07
N GLY D 347 12.53 -25.79 -13.71
CA GLY D 347 12.14 -24.49 -13.17
C GLY D 347 13.36 -23.59 -13.10
N HIS D 348 13.15 -22.35 -12.67
CA HIS D 348 14.18 -21.31 -12.71
C HIS D 348 14.11 -20.39 -11.48
N PRO D 349 14.50 -20.91 -10.31
CA PRO D 349 14.66 -20.07 -9.10
C PRO D 349 15.92 -19.17 -9.25
N ILE D 350 15.71 -17.89 -9.60
CA ILE D 350 16.78 -17.03 -10.15
C ILE D 350 18.12 -17.13 -9.40
N GLY D 351 18.13 -16.62 -8.18
CA GLY D 351 19.32 -16.62 -7.36
C GLY D 351 19.93 -17.99 -7.07
N ALA D 352 19.10 -19.04 -6.98
CA ALA D 352 19.63 -20.41 -6.73
C ALA D 352 20.08 -21.17 -7.98
N SER D 353 19.52 -20.77 -9.12
CA SER D 353 19.53 -21.59 -10.33
C SER D 353 20.91 -22.02 -10.84
N GLY D 354 21.93 -21.20 -10.65
CA GLY D 354 23.30 -21.57 -11.00
C GLY D 354 23.93 -22.59 -10.05
N ALA D 355 23.53 -22.52 -8.78
CA ALA D 355 23.86 -23.55 -7.79
C ALA D 355 23.09 -24.87 -8.01
N ARG D 356 21.94 -24.76 -8.67
CA ARG D 356 21.15 -25.91 -9.12
C ARG D 356 21.89 -26.73 -10.19
N ILE D 357 22.24 -26.07 -11.29
CA ILE D 357 22.79 -26.74 -12.46
C ILE D 357 24.21 -27.16 -12.18
N LEU D 358 24.84 -26.53 -11.19
CA LEU D 358 26.13 -27.04 -10.71
C LEU D 358 25.96 -28.40 -10.02
N ASN D 359 24.89 -28.53 -9.20
CA ASN D 359 24.55 -29.79 -8.49
C ASN D 359 24.17 -30.93 -9.42
N THR D 360 23.28 -30.66 -10.37
CA THR D 360 22.85 -31.64 -11.37
C THR D 360 24.05 -32.21 -12.14
N LEU D 361 24.95 -31.33 -12.58
CA LEU D 361 26.16 -31.73 -13.34
C LEU D 361 27.10 -32.57 -12.49
N LEU D 362 27.34 -32.18 -11.24
CA LEU D 362 28.30 -32.89 -10.36
C LEU D 362 27.82 -34.25 -9.89
N PHE D 363 26.51 -34.43 -9.82
CA PHE D 363 25.97 -35.70 -9.34
C PHE D 363 25.76 -36.66 -10.51
N GLU D 364 25.56 -36.10 -11.70
CA GLU D 364 25.36 -36.88 -12.91
C GLU D 364 26.72 -37.23 -13.48
N MET D 365 27.71 -36.38 -13.20
CA MET D 365 29.10 -36.59 -13.59
C MET D 365 29.63 -37.78 -12.82
N LYS D 366 29.32 -37.81 -11.52
CA LYS D 366 29.68 -38.94 -10.66
C LYS D 366 29.09 -40.25 -11.19
N ARG D 367 27.79 -40.21 -11.47
CA ARG D 367 26.99 -41.38 -11.87
C ARG D 367 27.47 -42.03 -13.16
N ARG D 368 27.76 -41.19 -14.16
CA ARG D 368 28.01 -41.66 -15.51
C ARG D 368 29.50 -41.81 -15.85
N GLY D 369 30.36 -41.14 -15.08
CA GLY D 369 31.80 -41.22 -15.26
C GLY D 369 32.39 -40.22 -16.25
N ALA D 370 31.88 -38.98 -16.21
CA ALA D 370 32.38 -37.90 -17.07
C ALA D 370 33.52 -37.15 -16.41
N ARG D 371 34.64 -36.99 -17.13
CA ARG D 371 35.83 -36.34 -16.57
C ARG D 371 35.70 -34.79 -16.52
N LYS D 372 35.00 -34.18 -17.48
CA LYS D 372 35.03 -32.72 -17.63
C LYS D 372 33.64 -32.09 -17.84
N GLY D 373 33.11 -31.39 -16.83
CA GLY D 373 31.79 -30.79 -16.93
C GLY D 373 31.78 -29.29 -17.16
N LEU D 374 30.62 -28.74 -17.51
CA LEU D 374 30.47 -27.29 -17.60
C LEU D 374 29.05 -26.82 -17.25
N ALA D 375 28.99 -25.84 -16.37
CA ALA D 375 27.74 -25.18 -16.03
C ALA D 375 27.79 -23.74 -16.59
N THR D 376 26.65 -23.22 -17.03
CA THR D 376 26.60 -21.86 -17.57
C THR D 376 25.21 -21.22 -17.57
N LEU D 377 25.19 -19.92 -17.37
CA LEU D 377 23.94 -19.18 -17.11
C LEU D 377 23.97 -17.78 -17.73
N CYS D 378 23.02 -17.53 -18.63
CA CYS D 378 22.78 -16.19 -19.14
C CYS D 378 22.21 -15.33 -18.01
N ILE D 379 22.49 -14.04 -18.09
CA ILE D 379 22.15 -13.09 -17.02
C ILE D 379 21.45 -11.86 -17.60
N GLY D 380 20.48 -11.34 -16.87
CA GLY D 380 19.80 -10.11 -17.25
C GLY D 380 20.76 -8.93 -17.16
N GLY D 381 20.62 -7.98 -18.07
CA GLY D 381 21.58 -6.90 -18.24
C GLY D 381 22.61 -7.22 -19.29
N GLY D 382 22.72 -8.50 -19.64
CA GLY D 382 23.61 -8.96 -20.68
C GLY D 382 24.95 -9.39 -20.11
N MET D 383 24.95 -10.49 -19.36
CA MET D 383 26.20 -11.14 -19.02
C MET D 383 26.09 -12.64 -19.18
N GLY D 384 27.25 -13.29 -19.17
CA GLY D 384 27.35 -14.73 -19.18
C GLY D 384 28.26 -15.12 -18.04
N VAL D 385 28.06 -16.30 -17.50
CA VAL D 385 28.93 -16.82 -16.44
C VAL D 385 29.14 -18.32 -16.67
N ALA D 386 30.32 -18.81 -16.36
CA ALA D 386 30.64 -20.23 -16.56
C ALA D 386 31.66 -20.75 -15.56
N MET D 387 31.76 -22.07 -15.46
CA MET D 387 32.65 -22.75 -14.50
C MET D 387 32.95 -24.15 -14.99
N CYS D 388 34.20 -24.37 -15.38
CA CYS D 388 34.65 -25.69 -15.81
C CYS D 388 35.01 -26.54 -14.57
N ILE D 389 34.46 -27.79 -14.58
CA ILE D 389 34.72 -28.76 -13.52
C ILE D 389 35.47 -30.00 -14.04
N GLU D 390 36.22 -30.66 -13.15
CA GLU D 390 36.90 -31.91 -13.47
C GLU D 390 36.82 -32.93 -12.32
N SER D 391 35.95 -33.91 -12.46
CA SER D 391 35.88 -35.05 -11.52
C SER D 391 37.21 -35.74 -11.30
N LEU D 392 37.47 -36.06 -10.04
CA LEU D 392 38.50 -37.00 -9.66
C LEU D 392 37.77 -38.27 -9.19
S SO4 E . -44.00 23.40 17.28
O1 SO4 E . -44.26 23.67 15.88
O2 SO4 E . -42.60 23.58 17.53
O3 SO4 E . -44.34 22.04 17.66
O4 SO4 E . -44.87 24.29 18.04
S SO4 F . -43.12 20.40 -7.68
O1 SO4 F . -43.79 20.15 -6.41
O2 SO4 F . -41.99 19.47 -7.78
O3 SO4 F . -42.73 21.82 -7.77
O4 SO4 F . -43.96 20.13 -8.83
N1A CAA G . -3.61 32.02 -9.57
C2A CAA G . -2.32 31.82 -9.96
N3A CAA G . -1.68 30.66 -9.78
C4A CAA G . -2.30 29.62 -9.21
C5A CAA G . -3.68 29.75 -8.77
C6A CAA G . -4.34 31.05 -8.99
N6A CAA G . -5.61 31.23 -8.60
N7A CAA G . -4.11 28.61 -8.24
C8A CAA G . -3.06 27.76 -8.30
N9A CAA G . -1.99 28.38 -8.88
C1B CAA G . -0.67 27.85 -9.18
C2B CAA G . 0.00 27.11 -8.04
O2B CAA G . 0.84 27.93 -7.22
C3B CAA G . 0.84 26.14 -8.83
O3B CAA G . 2.03 26.84 -9.19
P3B CAA G . 3.45 26.11 -8.99
O7A CAA G . 3.69 26.07 -7.50
O8A CAA G . 3.34 24.53 -9.64
O9A CAA G . 4.71 26.95 -9.76
C4B CAA G . 0.02 25.82 -10.08
O4B CAA G . -0.85 26.93 -10.26
C5B CAA G . -0.81 24.55 -9.97
O5B CAA G . -1.68 24.61 -8.83
P1A CAA G . -1.90 23.31 -7.90
O1A CAA G . -0.74 23.25 -6.93
O2A CAA G . -3.38 23.34 -7.07
O3A CAA G . -1.89 22.07 -8.98
P2A CAA G . -2.57 20.61 -8.71
O4A CAA G . -1.60 19.52 -9.11
O5A CAA G . -3.04 20.51 -7.07
O6A CAA G . -3.87 20.46 -9.69
CBP CAA G . -6.26 20.92 -10.18
CCP CAA G . -4.84 21.48 -9.93
CDP CAA G . -7.02 21.90 -11.08
CEP CAA G . -6.15 19.55 -10.87
CAP CAA G . -7.04 20.77 -8.85
OAP CAA G . -6.89 21.92 -7.98
C9P CAA G . -8.50 20.52 -9.13
O9P CAA G . -8.80 19.44 -9.61
N8P CAA G . -9.41 21.49 -8.86
C7P CAA G . -10.83 21.34 -9.12
C6P CAA G . -11.46 20.56 -7.99
C5P CAA G . -12.85 20.02 -8.31
O5P CAA G . -13.15 19.50 -9.40
N4P CAA G . -13.71 20.15 -7.31
C3P CAA G . -15.08 19.69 -7.41
C2P CAA G . -15.88 20.56 -8.35
S1P CAA G . -17.13 19.57 -9.19
C1 CAA G . -18.40 20.04 -7.99
O1 CAA G . -18.70 21.19 -7.76
C2 CAA G . -19.16 19.13 -7.14
C3 CAA G . -19.20 17.64 -7.01
O3 CAA G . -20.33 17.30 -6.95
C4 CAA G . -18.02 16.73 -6.79
S SO4 H . -42.49 11.81 19.62
O1 SO4 H . -43.14 10.51 19.72
O2 SO4 H . -42.45 12.18 18.22
O3 SO4 H . -41.12 11.78 20.18
O4 SO4 H . -43.25 12.80 20.38
S SO4 I . -51.45 12.92 -4.06
O1 SO4 I . -52.84 13.28 -4.32
O2 SO4 I . -51.32 11.50 -4.28
O3 SO4 I . -51.14 13.24 -2.68
O4 SO4 I . -50.56 13.58 -5.01
N1A CAA J . -22.22 -25.04 11.03
C2A CAA J . -20.93 -25.42 10.92
N3A CAA J . -19.91 -24.54 10.91
C4A CAA J . -20.15 -23.22 10.99
C5A CAA J . -21.52 -22.75 11.10
C6A CAA J . -22.60 -23.75 11.13
N6A CAA J . -23.91 -23.43 11.22
N7A CAA J . -21.50 -21.42 11.17
C8A CAA J . -20.19 -21.04 11.10
N9A CAA J . -19.39 -22.14 10.98
C1B CAA J . -17.92 -22.29 10.90
C2B CAA J . -17.38 -22.56 9.51
O2B CAA J . -17.56 -23.93 9.11
C3B CAA J . -15.91 -22.19 9.66
O3B CAA J . -15.08 -23.37 9.64
P3B CAA J . -13.77 -23.51 8.67
O7A CAA J . -14.06 -22.87 7.32
O8A CAA J . -12.43 -22.74 9.39
O9A CAA J . -13.33 -25.15 8.41
C4B CAA J . -15.86 -21.41 10.98
O4B CAA J . -17.20 -21.18 11.41
C5B CAA J . -15.16 -20.05 10.85
O5B CAA J . -16.03 -19.14 10.18
P1A CAA J . -15.38 -17.99 9.23
O1A CAA J . -14.56 -18.62 8.13
O2A CAA J . -16.58 -16.92 8.65
O3A CAA J . -14.42 -17.16 10.25
P2A CAA J . -13.94 -15.69 9.82
O4A CAA J . -12.67 -15.30 10.56
O5A CAA J . -13.71 -15.64 8.12
O6A CAA J . -15.14 -14.66 10.21
CBP CAA J . -16.48 -13.59 11.89
CCP CAA J . -15.98 -14.91 11.33
CDP CAA J . -17.49 -13.89 13.00
CEP CAA J . -15.30 -12.81 12.48
CAP CAA J . -17.12 -12.77 10.73
OAP CAA J . -17.99 -13.58 9.93
C9P CAA J . -17.84 -11.56 11.26
O9P CAA J . -17.17 -10.54 11.41
N8P CAA J . -19.15 -11.67 11.55
C7P CAA J . -19.95 -10.58 12.08
C6P CAA J . -20.02 -9.44 11.10
C5P CAA J . -20.74 -8.23 11.67
O5P CAA J . -20.45 -7.75 12.77
N4P CAA J . -21.64 -7.72 10.84
C3P CAA J . -22.44 -6.55 11.10
C2P CAA J . -23.23 -6.66 12.39
S1P CAA J . -23.03 -5.04 13.16
C1 CAA J . -24.70 -4.36 12.96
O1 CAA J . -25.69 -4.93 13.22
C2 CAA J . -25.11 -2.99 12.60
C3 CAA J . -24.19 -1.91 12.12
O3 CAA J . -24.64 -0.88 12.28
C4 CAA J . -22.87 -2.05 11.40
#